data_3RAE
#
_entry.id   3RAE
#
_cell.length_a   157.831
_cell.length_b   157.831
_cell.length_c   211.147
_cell.angle_alpha   90.00
_cell.angle_beta   90.00
_cell.angle_gamma   120.00
#
_symmetry.space_group_name_H-M   'P 31 2 1'
#
loop_
_entity.id
_entity.type
_entity.pdbx_description
1 polymer 'DNA topoisomerase 4 subunit A'
2 polymer 'DNA topoisomerase 4 subunit B'
3 polymer "5'-D(*CP*AP*TP*GP*AP*AP*T)-3'"
4 polymer "5'-D(P*AP*GP*TP*CP*AP*TP*TP*CP*AP*TP*G)-3'"
5 polymer "5'-D(*CP*GP*TP*GP*CP*AP*T)-3'"
6 polymer "5'-D(P*GP*AP*CP*TP*AP*TP*GP*CP*AP*CP*G)-3'"
7 non-polymer 'MAGNESIUM ION'
8 non-polymer '(3S)-9-fluoro-3-methyl-10-(4-methylpiperazin-1-yl)-7-oxo-2,3-dihydro-7H-[1,4]oxazino[2,3,4-ij]quinoline-6-carboxylic acid'
9 water water
#
loop_
_entity_poly.entity_id
_entity_poly.type
_entity_poly.pdbx_seq_one_letter_code
_entity_poly.pdbx_strand_id
1 'polypeptide(L)'
;MSNIQNMSLEDIMGERFGRYSKYIIQDRALPDIRDGLKPVQRRILYSMNKDSNTFDKSYRKSAKSVGNIMGNFHPHGDSS
IYDAMVRMSQNWKNREILVEMHGNNGSMDGDPPAAMRYTEARLSEIAGYLLQDIEKKTVPFAWNFDDTEKEPTVLPAAFP
NLLVNGSTGISAGYATDIPPHNLAEVIDAAVYMIDHPTAKIDKLMEFLPGPDFPTGAIIQGRDEIKKAYETGKGRVVVRS
KTEIEKLKGGKEQIVITEIPYEINKANLVKKIDDVRVNNKVAGIAEVRDESDRDGLRIAIELKKDANTELVLNYLFKYTD
LQINYNFNMVAIDNFTPRQVGIVPILSSYIAHRREVILARSRFDKEKAEKRLHIVEGLIRVISILDEVIALIRASENKAD
AKENLKVSYDFTEEQAEAIVTLQLYRLTNTDVVVLQEEEAELREKIAMLAAIIGDERTMYNLMKKELREVKKKFATPRLS
SLEDTAKALEHHHHHH
;
A,B
2 'polypeptide(L)'
;MGHHHHHHHHHHSSGHIDDDDKHMKNKKDKGLLSGKLTPAQSKNPAKNELYLVEGDSAGGSAKQGRDRKFQAILPLRGKV
INTAKAKMADILKNEEINTMIYTIGAGVGADFSIEDANYDKIIIMTDADTDGAHIQTLLLTFFYRYMRPLVEAGHVYIAL
PPLYKMSKGKGKKEEVAYAWTDGELEELRKQFGKGATLQRYKGLGEMNADQLWETTMNPETRTLIRVTIEDLARAERRVN
VLMGDKVEPRRKWIEDNVKFTLEEATVF
;
C,D
3 'polydeoxyribonucleotide' (DC)(DA)(DT)(DG)(DA)(DA)(DT) E
4 'polydeoxyribonucleotide' (DA)(DG)(DT)(DC)(DA)(DT)(DT)(DC)(DA)(DT)(DG) F
5 'polydeoxyribonucleotide' (DC)(DG)(DT)(DG)(DC)(DA)(DT) G
6 'polydeoxyribonucleotide' (DG)(DA)(DC)(DT)(DA)(DT)(DG)(DC)(DA)(DC)(DG) H
#
# COMPACT_ATOMS: atom_id res chain seq x y z
N ASN A 3 -30.36 -20.45 -18.39
CA ASN A 3 -30.18 -20.81 -16.98
C ASN A 3 -28.94 -21.67 -16.78
N ILE A 4 -28.86 -22.80 -17.48
CA ILE A 4 -27.71 -23.70 -17.35
C ILE A 4 -27.23 -24.20 -18.70
N GLN A 5 -25.91 -24.25 -18.87
CA GLN A 5 -25.28 -24.75 -20.10
C GLN A 5 -24.19 -25.78 -19.78
N ASN A 6 -24.22 -26.91 -20.47
CA ASN A 6 -23.30 -28.01 -20.18
C ASN A 6 -21.95 -27.88 -20.89
N MET A 7 -20.92 -28.35 -20.22
CA MET A 7 -19.61 -28.50 -20.84
C MET A 7 -19.02 -29.79 -20.28
N SER A 8 -18.10 -30.39 -21.04
CA SER A 8 -17.53 -31.67 -20.66
C SER A 8 -16.48 -31.50 -19.57
N LEU A 9 -16.28 -32.52 -18.74
CA LEU A 9 -15.17 -32.49 -17.81
C LEU A 9 -13.89 -32.34 -18.63
N GLU A 10 -13.81 -33.06 -19.75
CA GLU A 10 -12.64 -33.02 -20.62
C GLU A 10 -12.40 -31.63 -21.22
N ASP A 11 -13.48 -30.91 -21.49
CA ASP A 11 -13.40 -29.56 -22.05
C ASP A 11 -13.11 -28.50 -20.99
N ILE A 12 -13.79 -28.59 -19.84
CA ILE A 12 -13.58 -27.62 -18.78
C ILE A 12 -12.10 -27.60 -18.40
N MET A 13 -11.55 -28.77 -18.05
CA MET A 13 -10.14 -28.87 -17.64
C MET A 13 -9.16 -28.47 -18.75
N GLY A 14 -9.68 -28.20 -19.94
CA GLY A 14 -8.85 -27.85 -21.07
C GLY A 14 -8.74 -26.36 -21.29
N GLU A 15 -9.87 -25.66 -21.26
CA GLU A 15 -9.88 -24.21 -21.39
C GLU A 15 -9.34 -23.53 -20.14
N ARG A 16 -9.33 -24.27 -19.03
CA ARG A 16 -8.83 -23.71 -17.79
C ARG A 16 -7.32 -23.88 -17.67
N PHE A 17 -6.84 -25.11 -17.79
CA PHE A 17 -5.41 -25.35 -17.58
C PHE A 17 -4.55 -24.74 -18.66
N GLY A 18 -5.13 -24.62 -19.84
CA GLY A 18 -4.45 -23.93 -20.92
C GLY A 18 -4.35 -22.47 -20.57
N ARG A 19 -5.46 -21.89 -20.15
CA ARG A 19 -5.52 -20.48 -19.77
C ARG A 19 -4.46 -20.15 -18.73
N TYR A 20 -4.43 -20.96 -17.67
CA TYR A 20 -3.48 -20.78 -16.57
C TYR A 20 -2.05 -21.04 -17.01
N SER A 21 -1.82 -22.20 -17.61
CA SER A 21 -0.49 -22.59 -18.09
C SER A 21 0.17 -21.46 -18.92
N LYS A 22 -0.49 -21.04 -19.99
CA LYS A 22 0.00 -19.97 -20.85
C LYS A 22 0.45 -18.72 -20.07
N TYR A 23 -0.34 -18.33 -19.07
CA TYR A 23 -0.12 -17.07 -18.35
C TYR A 23 1.06 -17.16 -17.39
N ILE A 24 1.19 -18.31 -16.72
CA ILE A 24 2.24 -18.53 -15.72
C ILE A 24 3.59 -18.64 -16.41
N ILE A 25 3.58 -19.17 -17.63
CA ILE A 25 4.78 -19.27 -18.43
C ILE A 25 5.19 -17.93 -19.04
N GLN A 26 4.23 -17.21 -19.62
CA GLN A 26 4.54 -15.95 -20.30
C GLN A 26 4.70 -14.77 -19.35
N ASP A 27 3.88 -14.74 -18.29
CA ASP A 27 3.60 -13.53 -17.51
C ASP A 27 3.73 -13.70 -16.00
N ARG A 28 4.58 -14.60 -15.53
CA ARG A 28 4.75 -14.76 -14.09
C ARG A 28 6.13 -15.28 -13.76
N ALA A 29 6.31 -16.60 -13.85
CA ALA A 29 7.49 -17.27 -13.29
C ALA A 29 8.79 -17.19 -14.09
N LEU A 30 8.69 -16.87 -15.38
CA LEU A 30 9.86 -16.95 -16.27
C LEU A 30 10.34 -15.62 -16.80
N PRO A 31 11.66 -15.40 -16.73
CA PRO A 31 12.29 -14.15 -17.14
C PRO A 31 12.24 -14.01 -18.64
N ASP A 32 12.11 -12.78 -19.11
CA ASP A 32 12.32 -12.47 -20.52
C ASP A 32 13.81 -12.62 -20.82
N ILE A 33 14.13 -13.30 -21.91
CA ILE A 33 15.53 -13.59 -22.27
C ILE A 33 16.40 -12.33 -22.54
N ARG A 34 15.77 -11.26 -23.00
CA ARG A 34 16.47 -10.01 -23.29
C ARG A 34 16.87 -9.15 -22.08
N ASP A 35 15.90 -8.83 -21.23
CA ASP A 35 16.22 -7.98 -20.08
C ASP A 35 16.37 -8.76 -18.77
N GLY A 36 16.04 -10.04 -18.81
CA GLY A 36 16.18 -10.92 -17.67
C GLY A 36 15.20 -10.73 -16.52
N LEU A 37 14.09 -10.04 -16.76
CA LEU A 37 13.07 -9.75 -15.71
C LEU A 37 11.76 -10.52 -15.87
N LYS A 38 11.23 -11.00 -14.75
CA LYS A 38 9.84 -11.45 -14.71
C LYS A 38 8.94 -10.21 -14.73
N PRO A 39 7.70 -10.35 -15.21
CA PRO A 39 6.79 -9.18 -15.24
C PRO A 39 6.71 -8.36 -13.93
N VAL A 40 6.58 -9.02 -12.77
CA VAL A 40 6.49 -8.28 -11.52
C VAL A 40 7.69 -7.40 -11.26
N GLN A 41 8.89 -7.87 -11.63
CA GLN A 41 10.09 -7.07 -11.40
C GLN A 41 10.17 -5.87 -12.37
N ARG A 42 9.90 -6.11 -13.65
CA ARG A 42 9.84 -5.03 -14.64
C ARG A 42 8.86 -3.93 -14.18
N ARG A 43 7.68 -4.33 -13.72
CA ARG A 43 6.70 -3.34 -13.25
C ARG A 43 7.22 -2.58 -12.04
N ILE A 44 7.75 -3.32 -11.06
CA ILE A 44 8.47 -2.67 -9.96
C ILE A 44 9.44 -1.57 -10.42
N LEU A 45 10.37 -1.94 -11.29
CA LEU A 45 11.37 -0.98 -11.76
C LEU A 45 10.74 0.15 -12.58
N TYR A 46 9.78 -0.20 -13.43
CA TYR A 46 9.18 0.80 -14.29
C TYR A 46 8.43 1.84 -13.47
N SER A 47 7.64 1.35 -12.51
CA SER A 47 6.82 2.21 -11.68
C SER A 47 7.67 3.10 -10.80
N MET A 48 8.73 2.56 -10.19
CA MET A 48 9.52 3.42 -9.32
C MET A 48 10.24 4.47 -10.15
N ASN A 49 10.56 4.14 -11.39
CA ASN A 49 11.31 5.05 -12.24
C ASN A 49 10.36 6.12 -12.76
N LYS A 50 9.15 5.72 -13.12
CA LYS A 50 8.13 6.68 -13.52
C LYS A 50 7.97 7.72 -12.41
N ASP A 51 8.05 7.28 -11.16
CA ASP A 51 7.85 8.16 -10.01
C ASP A 51 9.10 8.92 -9.52
N SER A 52 10.21 8.81 -10.26
CA SER A 52 11.42 9.59 -9.93
C SER A 52 12.07 9.10 -8.66
N ASN A 53 11.71 7.90 -8.26
CA ASN A 53 12.23 7.30 -7.03
C ASN A 53 13.56 6.58 -7.39
N THR A 54 14.53 7.39 -7.80
CA THR A 54 15.82 6.92 -8.29
C THR A 54 16.97 7.05 -7.29
N PHE A 55 18.13 6.53 -7.67
CA PHE A 55 19.26 6.35 -6.76
C PHE A 55 19.75 7.68 -6.21
N ASP A 56 19.53 8.73 -6.98
CA ASP A 56 20.05 10.05 -6.66
C ASP A 56 19.08 10.90 -5.84
N LYS A 57 17.94 10.33 -5.49
CA LYS A 57 16.95 11.07 -4.68
C LYS A 57 16.58 10.33 -3.40
N SER A 58 15.83 10.99 -2.54
CA SER A 58 15.57 10.46 -1.20
C SER A 58 14.83 9.13 -1.26
N TYR A 59 15.10 8.27 -0.28
CA TYR A 59 14.35 7.04 -0.20
C TYR A 59 12.88 7.39 -0.08
N ARG A 60 12.01 6.53 -0.59
CA ARG A 60 10.58 6.76 -0.56
C ARG A 60 9.97 5.56 0.14
N LYS A 61 8.94 5.79 0.93
CA LYS A 61 8.34 4.73 1.73
C LYS A 61 7.97 3.52 0.86
N SER A 62 8.44 2.34 1.26
CA SER A 62 8.06 1.13 0.51
C SER A 62 6.57 1.04 0.16
N ALA A 63 5.70 1.27 1.15
CA ALA A 63 4.27 1.11 0.92
C ALA A 63 3.73 2.06 -0.15
N LYS A 64 4.24 3.28 -0.20
CA LYS A 64 3.83 4.16 -1.29
C LYS A 64 4.19 3.49 -2.63
N SER A 65 5.43 3.01 -2.76
CA SER A 65 5.83 2.43 -4.05
C SER A 65 4.96 1.25 -4.43
N VAL A 66 4.81 0.31 -3.51
CA VAL A 66 4.03 -0.90 -3.73
C VAL A 66 2.61 -0.63 -4.16
N GLY A 67 1.99 0.33 -3.48
CA GLY A 67 0.62 0.69 -3.78
C GLY A 67 0.46 1.21 -5.20
N ASN A 68 1.42 2.03 -5.66
CA ASN A 68 1.36 2.55 -7.01
C ASN A 68 1.54 1.46 -8.06
N ILE A 69 2.41 0.51 -7.77
CA ILE A 69 2.65 -0.63 -8.66
C ILE A 69 1.36 -1.45 -8.82
N MET A 70 0.76 -1.77 -7.68
CA MET A 70 -0.54 -2.44 -7.63
C MET A 70 -1.67 -1.71 -8.38
N GLY A 71 -1.79 -0.39 -8.20
CA GLY A 71 -2.93 0.33 -8.72
C GLY A 71 -2.78 0.66 -10.18
N ASN A 72 -1.54 0.67 -10.65
CA ASN A 72 -1.27 1.08 -12.02
C ASN A 72 -0.89 -0.04 -12.99
N PHE A 73 -0.20 -1.07 -12.48
CA PHE A 73 0.39 -2.09 -13.36
C PHE A 73 0.15 -3.54 -12.99
N HIS A 74 0.19 -3.85 -11.69
CA HIS A 74 0.29 -5.23 -11.25
C HIS A 74 -0.88 -5.62 -10.35
N PRO A 75 -1.91 -6.23 -10.94
CA PRO A 75 -3.16 -6.55 -10.25
C PRO A 75 -3.08 -7.76 -9.32
N HIS A 76 -2.14 -7.74 -8.37
CA HIS A 76 -2.01 -8.84 -7.42
C HIS A 76 -1.72 -8.35 -6.00
N GLY A 77 -1.53 -9.29 -5.09
CA GLY A 77 -1.30 -8.94 -3.71
C GLY A 77 -0.07 -8.08 -3.51
N ASP A 78 -0.08 -7.30 -2.43
CA ASP A 78 1.04 -6.45 -2.09
C ASP A 78 2.18 -7.28 -1.48
N SER A 79 1.84 -8.27 -0.68
CA SER A 79 2.87 -9.19 -0.21
C SER A 79 3.81 -9.60 -1.35
N SER A 80 3.23 -10.11 -2.44
CA SER A 80 4.04 -10.62 -3.55
C SER A 80 4.88 -9.54 -4.19
N ILE A 81 4.28 -8.38 -4.43
CA ILE A 81 5.04 -7.26 -4.97
C ILE A 81 6.16 -6.87 -4.02
N TYR A 82 5.82 -6.70 -2.75
CA TYR A 82 6.81 -6.28 -1.78
C TYR A 82 7.95 -7.30 -1.66
N ASP A 83 7.63 -8.58 -1.48
CA ASP A 83 8.66 -9.62 -1.41
C ASP A 83 9.56 -9.62 -2.64
N ALA A 84 8.96 -9.40 -3.80
CA ALA A 84 9.73 -9.29 -5.02
C ALA A 84 10.67 -8.08 -4.98
N MET A 85 10.17 -6.94 -4.52
CA MET A 85 10.95 -5.71 -4.38
C MET A 85 12.08 -5.88 -3.35
N VAL A 86 11.75 -6.52 -2.24
CA VAL A 86 12.74 -6.80 -1.21
C VAL A 86 13.87 -7.71 -1.77
N ARG A 87 13.48 -8.76 -2.49
CA ARG A 87 14.47 -9.67 -3.01
C ARG A 87 15.47 -8.91 -3.89
N MET A 88 14.95 -8.09 -4.82
CA MET A 88 15.81 -7.29 -5.70
C MET A 88 16.73 -6.34 -4.93
N SER A 89 16.63 -6.31 -3.60
CA SER A 89 17.47 -5.42 -2.81
C SER A 89 18.47 -6.20 -1.94
N GLN A 90 18.26 -7.51 -1.85
CA GLN A 90 19.15 -8.33 -1.04
C GLN A 90 20.40 -8.68 -1.85
N ASN A 91 21.56 -8.30 -1.31
CA ASN A 91 22.80 -8.42 -2.06
C ASN A 91 23.48 -9.79 -1.93
N TRP A 92 22.84 -10.70 -1.21
CA TRP A 92 23.28 -12.09 -1.15
C TRP A 92 22.41 -12.97 -2.04
N LYS A 93 21.40 -12.35 -2.67
CA LYS A 93 20.57 -13.04 -3.65
C LYS A 93 20.84 -12.44 -5.04
N ASN A 94 21.10 -11.13 -5.08
CA ASN A 94 21.44 -10.47 -6.34
C ASN A 94 22.89 -10.04 -6.48
N ARG A 95 23.54 -10.46 -7.58
CA ARG A 95 24.95 -10.17 -7.82
C ARG A 95 25.10 -8.67 -7.99
N GLU A 96 24.10 -8.07 -8.61
CA GLU A 96 24.06 -6.61 -8.82
C GLU A 96 22.67 -6.05 -8.45
N ILE A 97 22.45 -5.69 -7.17
CA ILE A 97 21.10 -5.26 -6.75
C ILE A 97 20.52 -4.07 -7.49
N LEU A 98 19.21 -4.14 -7.74
CA LEU A 98 18.49 -3.12 -8.52
C LEU A 98 17.62 -2.22 -7.64
N VAL A 99 17.48 -2.57 -6.37
CA VAL A 99 16.70 -1.78 -5.45
C VAL A 99 17.53 -1.62 -4.19
N GLU A 100 17.66 -0.38 -3.72
CA GLU A 100 18.25 -0.08 -2.43
C GLU A 100 17.14 0.19 -1.41
N MET A 101 17.23 -0.51 -0.28
CA MET A 101 16.20 -0.48 0.73
C MET A 101 16.84 -0.14 2.06
N HIS A 102 16.24 0.83 2.75
CA HIS A 102 16.66 1.25 4.08
C HIS A 102 15.84 0.52 5.13
N GLY A 103 16.51 -0.21 6.02
CA GLY A 103 15.85 -0.92 7.08
C GLY A 103 16.09 -2.42 7.04
N ASN A 104 15.41 -3.14 7.91
CA ASN A 104 15.48 -4.59 7.90
C ASN A 104 14.88 -5.15 6.61
N ASN A 105 15.75 -5.58 5.70
CA ASN A 105 15.28 -6.25 4.48
C ASN A 105 15.73 -7.68 4.48
N GLY A 106 15.80 -8.28 5.66
CA GLY A 106 16.23 -9.67 5.80
C GLY A 106 17.73 -9.83 6.01
N SER A 107 18.17 -11.09 5.96
CA SER A 107 19.57 -11.43 6.20
C SER A 107 19.88 -12.78 5.59
N MET A 108 21.16 -13.14 5.51
CA MET A 108 21.53 -14.48 5.07
C MET A 108 20.94 -15.55 6.00
N ASP A 109 20.59 -15.16 7.22
CA ASP A 109 19.97 -16.10 8.17
C ASP A 109 18.49 -16.28 7.84
N GLY A 110 18.02 -15.62 6.79
CA GLY A 110 16.62 -15.67 6.44
C GLY A 110 15.62 -15.22 7.50
N ASP A 111 15.92 -14.16 8.26
CA ASP A 111 14.87 -13.59 9.10
C ASP A 111 13.94 -12.62 8.33
N PRO A 112 12.64 -12.71 8.60
CA PRO A 112 11.64 -11.90 7.89
C PRO A 112 12.12 -10.47 7.78
N PRO A 113 12.07 -9.88 6.58
CA PRO A 113 12.21 -8.43 6.37
C PRO A 113 11.12 -7.68 7.15
N ALA A 114 11.37 -6.42 7.49
CA ALA A 114 10.34 -5.60 8.08
C ALA A 114 9.20 -5.49 7.06
N ALA A 115 7.97 -5.36 7.56
CA ALA A 115 6.83 -5.17 6.65
C ALA A 115 6.95 -3.84 5.95
N MET A 116 6.30 -3.72 4.79
CA MET A 116 6.47 -2.55 3.97
C MET A 116 6.03 -1.22 4.61
N ARG A 117 5.54 -1.25 5.84
CA ARG A 117 5.19 -0.01 6.53
CA ARG A 117 5.19 -0.01 6.54
C ARG A 117 6.43 0.63 7.17
N TYR A 118 7.45 -0.20 7.43
CA TYR A 118 8.69 0.28 8.06
C TYR A 118 9.75 0.75 7.07
N THR A 119 9.98 -0.05 6.04
CA THR A 119 11.12 0.13 5.14
C THR A 119 10.90 1.25 4.13
N GLU A 120 11.99 1.71 3.52
CA GLU A 120 11.92 2.64 2.39
C GLU A 120 12.94 2.30 1.28
N ALA A 121 12.66 2.72 0.05
CA ALA A 121 13.38 2.20 -1.08
C ALA A 121 13.54 3.19 -2.23
N ARG A 122 14.43 2.85 -3.15
CA ARG A 122 14.63 3.59 -4.39
C ARG A 122 15.40 2.66 -5.32
N LEU A 123 15.41 2.98 -6.61
CA LEU A 123 16.20 2.22 -7.57
C LEU A 123 17.72 2.41 -7.29
N SER A 124 18.51 1.39 -7.59
CA SER A 124 19.97 1.52 -7.50
C SER A 124 20.43 2.27 -8.72
N GLU A 125 21.67 2.77 -8.70
CA GLU A 125 22.19 3.40 -9.91
C GLU A 125 22.20 2.41 -11.10
N ILE A 126 22.64 1.17 -10.87
CA ILE A 126 22.73 0.26 -12.00
C ILE A 126 21.36 -0.03 -12.62
N ALA A 127 20.33 -0.11 -11.77
CA ALA A 127 18.95 -0.26 -12.23
C ALA A 127 18.54 0.87 -13.18
N GLY A 128 19.13 2.04 -12.98
CA GLY A 128 18.97 3.12 -13.92
C GLY A 128 19.38 2.71 -15.32
N TYR A 129 20.41 1.88 -15.41
CA TYR A 129 20.89 1.45 -16.70
C TYR A 129 19.98 0.43 -17.37
N LEU A 130 19.14 -0.27 -16.59
CA LEU A 130 18.12 -1.12 -17.21
C LEU A 130 17.02 -0.29 -17.86
N LEU A 131 16.86 0.95 -17.41
CA LEU A 131 15.76 1.80 -17.88
C LEU A 131 16.27 2.87 -18.85
N GLN A 132 17.58 2.90 -19.03
CA GLN A 132 18.16 3.93 -19.88
C GLN A 132 17.43 4.05 -21.23
N ASP A 133 17.00 5.27 -21.53
CA ASP A 133 16.39 5.59 -22.80
C ASP A 133 14.96 5.08 -22.97
N ILE A 134 14.33 4.63 -21.87
CA ILE A 134 12.93 4.16 -21.94
C ILE A 134 11.96 5.24 -22.44
N GLU A 135 12.38 6.50 -22.34
CA GLU A 135 11.52 7.61 -22.73
C GLU A 135 11.65 7.92 -24.20
N LYS A 136 12.52 7.18 -24.87
CA LYS A 136 12.87 7.51 -26.25
C LYS A 136 12.22 6.58 -27.26
N LYS A 137 11.13 5.92 -26.85
CA LYS A 137 10.39 5.03 -27.73
C LYS A 137 11.31 3.94 -28.27
N THR A 138 12.05 3.33 -27.34
CA THR A 138 13.07 2.33 -27.65
C THR A 138 12.55 0.91 -27.49
N VAL A 139 11.42 0.76 -26.83
CA VAL A 139 10.90 -0.55 -26.45
C VAL A 139 9.40 -0.53 -26.69
N PRO A 140 8.81 -1.70 -27.00
CA PRO A 140 7.37 -1.87 -27.25
C PRO A 140 6.53 -1.77 -25.98
N PHE A 141 5.47 -0.95 -26.03
CA PHE A 141 4.59 -0.73 -24.90
C PHE A 141 3.20 -1.32 -25.11
N ALA A 142 2.57 -1.80 -24.03
CA ALA A 142 1.20 -2.29 -24.07
C ALA A 142 0.31 -1.58 -23.05
N TRP A 143 -0.99 -1.78 -23.16
CA TRP A 143 -1.92 -1.24 -22.18
C TRP A 143 -1.83 -2.06 -20.91
N ASN A 144 -1.95 -1.39 -19.77
CA ASN A 144 -1.98 -2.09 -18.49
C ASN A 144 -3.28 -2.87 -18.36
N PHE A 145 -3.34 -3.78 -17.40
CA PHE A 145 -4.56 -4.51 -17.06
C PHE A 145 -5.81 -3.62 -17.15
N ASP A 146 -5.60 -2.33 -16.96
CA ASP A 146 -6.67 -1.40 -16.65
C ASP A 146 -7.15 -0.63 -17.89
N ASP A 147 -6.41 -0.77 -18.98
CA ASP A 147 -6.63 0.07 -20.18
C ASP A 147 -6.58 1.57 -19.91
N THR A 148 -5.93 1.94 -18.80
CA THR A 148 -5.73 3.33 -18.42
C THR A 148 -4.35 3.88 -18.79
N GLU A 149 -3.35 3.00 -18.80
CA GLU A 149 -1.95 3.43 -18.96
C GLU A 149 -1.06 2.42 -19.72
N LYS A 150 -0.07 2.95 -20.42
CA LYS A 150 0.88 2.10 -21.13
C LYS A 150 2.03 1.65 -20.20
N GLU A 151 2.47 0.39 -20.34
CA GLU A 151 3.67 -0.13 -19.67
C GLU A 151 4.62 -0.80 -20.67
N PRO A 152 5.92 -0.85 -20.35
CA PRO A 152 6.85 -1.49 -21.28
C PRO A 152 6.75 -3.00 -21.18
N THR A 153 6.84 -3.72 -22.31
CA THR A 153 6.85 -5.18 -22.30
C THR A 153 8.24 -5.78 -22.05
N VAL A 154 9.28 -4.97 -22.28
CA VAL A 154 10.66 -5.30 -21.96
C VAL A 154 11.45 -4.01 -21.73
N LEU A 155 12.45 -4.03 -20.87
CA LEU A 155 13.28 -2.83 -20.68
C LEU A 155 14.46 -2.72 -21.66
N PRO A 156 14.96 -1.50 -21.87
CA PRO A 156 16.13 -1.26 -22.76
C PRO A 156 17.38 -2.05 -22.40
N ALA A 157 17.54 -2.42 -21.13
CA ALA A 157 18.67 -3.25 -20.68
C ALA A 157 20.05 -2.88 -21.25
N ALA A 158 20.61 -1.77 -20.78
CA ALA A 158 21.96 -1.38 -21.15
C ALA A 158 23.05 -2.24 -20.50
N PHE A 159 22.66 -3.21 -19.68
CA PHE A 159 23.58 -4.31 -19.36
C PHE A 159 22.77 -5.60 -19.38
N PRO A 160 23.44 -6.75 -19.67
CA PRO A 160 22.86 -8.10 -19.85
C PRO A 160 22.43 -8.77 -18.53
N ASN A 161 21.34 -8.25 -17.98
CA ASN A 161 20.85 -8.63 -16.66
C ASN A 161 20.48 -10.12 -16.48
N LEU A 162 20.11 -10.81 -17.56
CA LEU A 162 19.70 -12.22 -17.47
C LEU A 162 20.79 -13.08 -16.87
N LEU A 163 22.01 -12.87 -17.34
CA LEU A 163 23.15 -13.65 -16.88
C LEU A 163 23.77 -13.00 -15.66
N VAL A 164 23.76 -11.66 -15.62
CA VAL A 164 24.38 -10.94 -14.51
C VAL A 164 23.69 -11.27 -13.17
N ASN A 165 22.37 -11.08 -13.11
CA ASN A 165 21.60 -11.36 -11.86
C ASN A 165 20.96 -12.73 -11.71
N GLY A 166 20.63 -13.36 -12.83
CA GLY A 166 20.06 -14.68 -12.79
C GLY A 166 18.56 -14.66 -12.69
N SER A 167 17.98 -15.80 -12.33
CA SER A 167 16.54 -15.95 -12.30
C SER A 167 16.20 -17.38 -11.88
N THR A 168 15.08 -17.52 -11.17
CA THR A 168 14.53 -18.80 -10.72
C THR A 168 13.12 -18.45 -10.26
N GLY A 169 12.07 -19.14 -10.69
CA GLY A 169 12.04 -20.08 -11.77
C GLY A 169 11.17 -21.32 -11.58
N ILE A 170 9.87 -21.17 -11.28
CA ILE A 170 8.96 -22.36 -11.39
C ILE A 170 7.58 -22.11 -12.00
N SER A 171 7.30 -22.60 -13.20
CA SER A 171 5.94 -22.42 -13.75
C SER A 171 5.13 -23.69 -13.92
N ALA A 172 4.49 -23.83 -15.07
CA ALA A 172 3.76 -25.06 -15.43
C ALA A 172 4.47 -25.70 -16.63
N GLY A 173 4.82 -26.99 -16.53
CA GLY A 173 5.54 -27.64 -17.61
C GLY A 173 6.97 -27.15 -17.76
N TYR A 174 7.35 -26.09 -17.04
CA TYR A 174 8.71 -25.57 -17.11
C TYR A 174 9.14 -24.90 -15.80
N ALA A 175 10.42 -25.03 -15.47
CA ALA A 175 11.07 -24.31 -14.38
C ALA A 175 12.29 -23.60 -14.95
N THR A 176 12.92 -22.71 -14.17
CA THR A 176 14.16 -22.10 -14.64
C THR A 176 15.14 -21.87 -13.51
N ASP A 177 16.41 -22.15 -13.77
CA ASP A 177 17.48 -21.80 -12.86
C ASP A 177 18.67 -21.35 -13.64
N ILE A 178 18.95 -20.05 -13.54
CA ILE A 178 20.08 -19.43 -14.24
C ILE A 178 20.87 -18.70 -13.18
N PRO A 179 22.14 -19.05 -12.99
CA PRO A 179 22.83 -18.38 -11.89
C PRO A 179 23.40 -17.04 -12.35
N PRO A 180 23.89 -16.23 -11.41
CA PRO A 180 24.45 -14.91 -11.64
C PRO A 180 25.88 -15.01 -12.15
N HIS A 181 26.30 -13.99 -12.87
CA HIS A 181 27.65 -13.93 -13.39
C HIS A 181 28.21 -12.54 -13.16
N ASN A 182 29.52 -12.43 -13.25
CA ASN A 182 30.25 -11.19 -13.16
C ASN A 182 29.99 -10.28 -14.37
N LEU A 183 29.67 -9.02 -14.09
CA LEU A 183 29.27 -8.04 -15.09
C LEU A 183 30.36 -7.83 -16.16
N ALA A 184 31.59 -7.58 -15.72
CA ALA A 184 32.68 -7.37 -16.65
C ALA A 184 32.86 -8.60 -17.56
N GLU A 185 32.81 -9.79 -16.96
CA GLU A 185 32.94 -11.02 -17.72
C GLU A 185 31.84 -11.19 -18.78
N VAL A 186 30.58 -11.05 -18.38
CA VAL A 186 29.49 -11.20 -19.33
C VAL A 186 29.59 -10.19 -20.46
N ILE A 187 30.06 -8.99 -20.16
CA ILE A 187 30.19 -7.93 -21.15
C ILE A 187 31.36 -8.19 -22.11
N ASP A 188 32.45 -8.74 -21.58
CA ASP A 188 33.56 -9.16 -22.42
C ASP A 188 33.08 -10.18 -23.47
N ALA A 189 32.29 -11.16 -23.03
CA ALA A 189 31.72 -12.14 -23.93
C ALA A 189 30.81 -11.49 -24.98
N ALA A 190 29.95 -10.58 -24.56
CA ALA A 190 29.02 -9.95 -25.49
C ALA A 190 29.80 -9.17 -26.52
N VAL A 191 30.82 -8.47 -26.07
CA VAL A 191 31.61 -7.68 -26.98
C VAL A 191 32.34 -8.56 -27.99
N TYR A 192 32.84 -9.71 -27.55
CA TYR A 192 33.53 -10.58 -28.49
C TYR A 192 32.54 -11.07 -29.53
N MET A 193 31.37 -11.51 -29.06
CA MET A 193 30.35 -12.01 -29.96
C MET A 193 29.81 -10.95 -30.93
N ILE A 194 29.82 -9.69 -30.54
CA ILE A 194 29.39 -8.66 -31.45
C ILE A 194 30.34 -8.63 -32.64
N ASP A 195 31.63 -8.86 -32.39
CA ASP A 195 32.67 -8.81 -33.42
C ASP A 195 32.75 -10.13 -34.18
N HIS A 196 32.53 -11.21 -33.43
CA HIS A 196 32.61 -12.55 -33.94
C HIS A 196 31.31 -13.33 -33.65
N PRO A 197 30.25 -13.08 -34.45
CA PRO A 197 28.87 -13.59 -34.23
C PRO A 197 28.79 -15.11 -34.16
N THR A 198 29.62 -15.77 -34.95
CA THR A 198 29.62 -17.24 -35.00
C THR A 198 30.51 -17.88 -33.94
N ALA A 199 30.81 -17.15 -32.86
CA ALA A 199 31.75 -17.64 -31.85
C ALA A 199 31.30 -18.94 -31.16
N LYS A 200 32.27 -19.79 -30.86
CA LYS A 200 31.99 -21.07 -30.23
C LYS A 200 32.13 -20.94 -28.71
N ILE A 201 31.43 -21.79 -27.96
CA ILE A 201 31.51 -21.76 -26.49
C ILE A 201 32.93 -21.76 -25.94
N ASP A 202 33.76 -22.69 -26.39
CA ASP A 202 35.15 -22.78 -25.90
C ASP A 202 35.82 -21.42 -25.87
N LYS A 203 35.59 -20.64 -26.91
CA LYS A 203 36.19 -19.33 -27.05
C LYS A 203 35.48 -18.31 -26.14
N LEU A 204 34.15 -18.36 -26.09
CA LEU A 204 33.38 -17.51 -25.18
C LEU A 204 33.84 -17.72 -23.73
N MET A 205 34.19 -18.95 -23.37
CA MET A 205 34.58 -19.23 -21.99
C MET A 205 35.95 -18.68 -21.61
N GLU A 206 36.66 -18.10 -22.57
CA GLU A 206 37.92 -17.44 -22.24
C GLU A 206 37.58 -16.10 -21.61
N PHE A 207 36.34 -15.67 -21.81
CA PHE A 207 35.88 -14.38 -21.33
C PHE A 207 34.90 -14.53 -20.16
N LEU A 208 34.10 -15.59 -20.22
CA LEU A 208 33.03 -15.90 -19.29
C LEU A 208 33.26 -17.33 -18.78
N PRO A 209 34.16 -17.51 -17.80
CA PRO A 209 34.54 -18.85 -17.37
C PRO A 209 33.45 -19.58 -16.58
N GLY A 210 32.47 -18.85 -16.06
CA GLY A 210 31.42 -19.49 -15.29
C GLY A 210 30.75 -18.50 -14.36
N PRO A 211 29.74 -18.98 -13.63
CA PRO A 211 28.90 -18.16 -12.75
C PRO A 211 29.78 -17.42 -11.75
N ASP A 212 29.24 -16.36 -11.16
CA ASP A 212 29.93 -15.61 -10.12
C ASP A 212 28.91 -15.27 -9.03
N PHE A 213 28.81 -16.12 -8.04
CA PHE A 213 27.84 -15.91 -6.97
C PHE A 213 28.25 -14.74 -6.10
N PRO A 214 27.25 -13.92 -5.69
CA PRO A 214 27.40 -12.83 -4.72
C PRO A 214 27.93 -13.35 -3.41
N THR A 215 27.47 -14.55 -3.04
CA THR A 215 27.95 -15.28 -1.86
C THR A 215 29.32 -15.96 -2.03
N GLY A 216 29.91 -15.86 -3.22
CA GLY A 216 31.25 -16.36 -3.49
C GLY A 216 31.37 -17.88 -3.51
N ALA A 217 32.29 -18.39 -2.71
CA ALA A 217 32.54 -19.83 -2.61
C ALA A 217 33.36 -20.37 -3.77
N ILE A 218 33.36 -21.70 -3.88
CA ILE A 218 34.14 -22.43 -4.86
C ILE A 218 33.22 -23.21 -5.80
N ILE A 219 33.35 -22.97 -7.09
CA ILE A 219 32.60 -23.71 -8.08
C ILE A 219 33.51 -24.73 -8.78
N GLN A 220 33.12 -26.01 -8.69
CA GLN A 220 33.91 -27.09 -9.27
C GLN A 220 33.12 -27.75 -10.40
N GLY A 221 33.71 -27.81 -11.59
CA GLY A 221 33.11 -28.57 -12.67
C GLY A 221 33.18 -27.91 -14.03
N ARG A 222 34.39 -27.69 -14.51
CA ARG A 222 34.62 -27.05 -15.81
C ARG A 222 33.75 -27.62 -16.93
N ASP A 223 33.62 -28.94 -16.99
CA ASP A 223 32.93 -29.58 -18.11
C ASP A 223 31.41 -29.48 -18.06
N GLU A 224 30.87 -29.56 -16.86
CA GLU A 224 29.45 -29.31 -16.64
C GLU A 224 29.11 -27.82 -16.86
N ILE A 225 30.00 -26.92 -16.46
CA ILE A 225 29.83 -25.54 -16.83
C ILE A 225 29.70 -25.42 -18.36
N LYS A 226 30.65 -26.02 -19.09
CA LYS A 226 30.63 -26.04 -20.55
C LYS A 226 29.33 -26.67 -21.05
N LYS A 227 28.91 -27.76 -20.42
CA LYS A 227 27.73 -28.51 -20.87
C LYS A 227 26.55 -27.57 -20.75
N ALA A 228 26.49 -26.86 -19.62
CA ALA A 228 25.38 -25.94 -19.36
C ALA A 228 25.41 -24.75 -20.33
N TYR A 229 26.60 -24.23 -20.62
CA TYR A 229 26.65 -23.14 -21.58
C TYR A 229 26.22 -23.55 -23.00
N GLU A 230 26.26 -24.85 -23.29
CA GLU A 230 25.88 -25.34 -24.60
C GLU A 230 24.41 -25.68 -24.68
N THR A 231 23.87 -26.25 -23.61
CA THR A 231 22.56 -26.87 -23.64
C THR A 231 21.58 -26.23 -22.69
N GLY A 232 22.10 -25.46 -21.73
CA GLY A 232 21.29 -24.85 -20.71
C GLY A 232 21.05 -25.74 -19.50
N LYS A 233 21.52 -26.98 -19.55
CA LYS A 233 21.42 -27.85 -18.38
C LYS A 233 22.81 -28.30 -17.95
N GLY A 234 22.98 -28.49 -16.64
CA GLY A 234 24.26 -28.91 -16.08
C GLY A 234 24.31 -28.89 -14.57
N ARG A 235 25.01 -29.84 -13.97
CA ARG A 235 25.13 -29.95 -12.52
C ARG A 235 26.57 -29.60 -12.16
N VAL A 236 26.75 -28.60 -11.31
CA VAL A 236 28.07 -28.15 -10.91
C VAL A 236 28.15 -28.29 -9.38
N VAL A 237 29.34 -28.36 -8.79
CA VAL A 237 29.41 -28.36 -7.31
C VAL A 237 29.77 -27.00 -6.75
N VAL A 238 29.10 -26.61 -5.67
CA VAL A 238 29.41 -25.34 -5.03
C VAL A 238 29.82 -25.57 -3.58
N ARG A 239 31.00 -25.10 -3.22
CA ARG A 239 31.59 -25.49 -1.93
C ARG A 239 32.13 -24.32 -1.12
N SER A 240 31.91 -24.38 0.19
CA SER A 240 32.28 -23.30 1.07
C SER A 240 33.79 -23.06 1.05
N LYS A 241 34.20 -21.78 1.11
CA LYS A 241 35.59 -21.43 1.36
C LYS A 241 35.91 -21.73 2.83
N THR A 242 36.97 -22.51 3.04
CA THR A 242 37.33 -22.99 4.37
C THR A 242 38.83 -22.84 4.67
N GLU A 243 39.13 -22.41 5.88
CA GLU A 243 40.50 -22.36 6.36
C GLU A 243 40.52 -23.22 7.60
N ILE A 244 41.71 -23.62 8.05
CA ILE A 244 41.84 -24.31 9.33
C ILE A 244 42.69 -23.46 10.26
N GLU A 245 42.37 -23.46 11.54
CA GLU A 245 43.12 -22.67 12.51
C GLU A 245 43.57 -23.53 13.69
N LYS A 246 44.88 -23.53 13.96
CA LYS A 246 45.43 -24.39 15.01
C LYS A 246 45.28 -23.76 16.38
N LEU A 247 44.17 -24.05 17.06
CA LEU A 247 43.95 -23.59 18.42
C LEU A 247 45.02 -24.15 19.37
N LYS A 248 45.16 -23.55 20.55
CA LYS A 248 46.12 -24.02 21.54
C LYS A 248 45.76 -25.42 22.05
N GLY A 249 46.73 -26.11 22.64
CA GLY A 249 46.49 -27.41 23.22
C GLY A 249 46.19 -28.55 22.26
N GLY A 250 46.70 -28.44 21.04
CA GLY A 250 46.62 -29.53 20.07
C GLY A 250 45.30 -29.72 19.33
N LYS A 251 44.37 -28.80 19.55
CA LYS A 251 43.06 -28.84 18.90
C LYS A 251 43.10 -28.01 17.61
N GLU A 252 42.28 -28.40 16.64
CA GLU A 252 42.13 -27.59 15.43
C GLU A 252 40.72 -26.99 15.33
N GLN A 253 40.52 -26.14 14.33
CA GLN A 253 39.25 -25.45 14.16
C GLN A 253 39.03 -25.11 12.69
N ILE A 254 37.92 -25.56 12.13
CA ILE A 254 37.57 -25.28 10.73
C ILE A 254 36.79 -23.97 10.65
N VAL A 255 37.29 -23.02 9.86
CA VAL A 255 36.60 -21.75 9.73
C VAL A 255 36.04 -21.51 8.35
N ILE A 256 34.72 -21.49 8.25
CA ILE A 256 34.01 -21.22 7.01
C ILE A 256 33.82 -19.71 6.83
N THR A 257 33.98 -19.20 5.61
CA THR A 257 33.87 -17.76 5.38
C THR A 257 33.05 -17.38 4.14
N GLU A 258 32.73 -18.36 3.31
CA GLU A 258 31.81 -18.14 2.20
C GLU A 258 31.03 -19.41 2.05
N ILE A 259 29.71 -19.29 1.92
CA ILE A 259 28.89 -20.46 1.75
C ILE A 259 28.24 -20.47 0.38
N PRO A 260 27.56 -21.57 0.06
CA PRO A 260 26.94 -21.76 -1.25
C PRO A 260 25.73 -20.88 -1.44
N TYR A 261 25.59 -20.40 -2.67
CA TYR A 261 24.44 -19.59 -3.08
C TYR A 261 23.12 -20.23 -2.72
N GLU A 262 22.19 -19.38 -2.25
CA GLU A 262 20.83 -19.75 -1.86
C GLU A 262 20.73 -20.57 -0.56
N ILE A 263 21.80 -20.58 0.22
CA ILE A 263 21.80 -21.35 1.46
C ILE A 263 21.61 -20.46 2.67
N ASN A 264 20.63 -20.80 3.49
CA ASN A 264 20.32 -20.09 4.72
C ASN A 264 21.42 -20.33 5.76
N LYS A 265 22.23 -19.31 6.07
CA LYS A 265 23.37 -19.47 6.98
C LYS A 265 22.95 -20.16 8.27
N ALA A 266 21.91 -19.63 8.89
CA ALA A 266 21.44 -20.10 10.19
C ALA A 266 20.97 -21.55 10.22
N ASN A 267 20.30 -22.00 9.16
CA ASN A 267 19.85 -23.39 9.06
C ASN A 267 21.06 -24.29 8.90
N LEU A 268 22.05 -23.78 8.19
CA LEU A 268 23.25 -24.54 7.91
C LEU A 268 24.00 -24.70 9.23
N VAL A 269 24.05 -23.64 10.01
CA VAL A 269 24.79 -23.69 11.25
C VAL A 269 24.14 -24.68 12.18
N LYS A 270 22.80 -24.73 12.14
CA LYS A 270 22.03 -25.61 13.03
C LYS A 270 22.19 -27.06 12.61
N LYS A 271 22.15 -27.33 11.30
CA LYS A 271 22.32 -28.68 10.83
C LYS A 271 23.73 -29.24 11.12
N ILE A 272 24.73 -28.35 11.10
CA ILE A 272 26.11 -28.76 11.40
C ILE A 272 26.24 -29.07 12.87
N ASP A 273 25.54 -28.30 13.69
CA ASP A 273 25.50 -28.57 15.13
C ASP A 273 24.69 -29.84 15.42
N ASP A 274 23.73 -30.15 14.55
CA ASP A 274 22.92 -31.37 14.70
C ASP A 274 23.84 -32.57 14.53
N VAL A 275 24.76 -32.45 13.59
CA VAL A 275 25.78 -33.46 13.39
C VAL A 275 26.60 -33.64 14.67
N ARG A 276 26.90 -32.56 15.37
CA ARG A 276 27.69 -32.68 16.58
C ARG A 276 26.88 -33.26 17.75
N VAL A 277 25.66 -32.77 17.95
CA VAL A 277 24.79 -33.26 19.00
C VAL A 277 24.44 -34.74 18.80
N ASN A 278 24.32 -35.18 17.55
CA ASN A 278 23.97 -36.57 17.29
C ASN A 278 25.19 -37.49 17.16
N ASN A 279 26.38 -36.91 17.17
CA ASN A 279 27.61 -37.66 16.96
C ASN A 279 27.55 -38.64 15.77
N LYS A 280 27.05 -38.16 14.64
CA LYS A 280 26.98 -38.95 13.41
C LYS A 280 28.39 -39.26 12.95
N VAL A 281 29.28 -38.30 13.17
CA VAL A 281 30.71 -38.49 13.01
C VAL A 281 31.37 -37.90 14.26
N ALA A 282 32.50 -38.45 14.66
CA ALA A 282 33.17 -38.04 15.89
C ALA A 282 34.14 -36.89 15.64
N GLY A 283 34.30 -36.01 16.62
CA GLY A 283 35.25 -34.93 16.49
C GLY A 283 34.82 -33.52 16.85
N ILE A 284 33.57 -33.14 16.58
CA ILE A 284 33.17 -31.73 16.72
C ILE A 284 32.97 -31.30 18.19
N ALA A 285 33.75 -30.30 18.59
CA ALA A 285 33.75 -29.82 19.97
C ALA A 285 32.62 -28.83 20.18
N GLU A 286 32.54 -27.84 19.32
CA GLU A 286 31.49 -26.86 19.41
C GLU A 286 31.25 -26.18 18.04
N VAL A 287 30.00 -25.84 17.75
CA VAL A 287 29.69 -25.01 16.60
C VAL A 287 29.34 -23.58 17.07
N ARG A 288 29.90 -22.58 16.39
CA ARG A 288 29.83 -21.20 16.83
C ARG A 288 29.67 -20.31 15.61
N ASP A 289 28.51 -19.68 15.46
CA ASP A 289 28.35 -18.70 14.38
C ASP A 289 28.95 -17.41 14.89
N GLU A 290 29.98 -16.92 14.22
CA GLU A 290 30.68 -15.72 14.67
C GLU A 290 30.56 -14.56 13.69
N SER A 291 29.58 -14.66 12.78
CA SER A 291 29.38 -13.62 11.80
C SER A 291 28.85 -12.35 12.48
N ASP A 292 29.51 -11.23 12.23
CA ASP A 292 28.97 -9.95 12.66
C ASP A 292 28.49 -9.15 11.44
N ARG A 293 28.16 -7.89 11.65
CA ARG A 293 27.62 -7.04 10.60
C ARG A 293 28.57 -6.87 9.42
N ASP A 294 29.86 -7.17 9.63
CA ASP A 294 30.86 -7.01 8.58
C ASP A 294 31.80 -8.21 8.47
N GLY A 295 31.24 -9.35 8.11
CA GLY A 295 32.02 -10.56 7.96
C GLY A 295 31.23 -11.81 8.28
N LEU A 296 31.37 -12.80 7.41
CA LEU A 296 30.78 -14.12 7.64
C LEU A 296 31.85 -15.06 8.21
N ARG A 297 31.58 -15.64 9.38
CA ARG A 297 32.54 -16.54 10.01
C ARG A 297 31.88 -17.59 10.89
N ILE A 298 32.02 -18.85 10.48
CA ILE A 298 31.55 -19.97 11.28
C ILE A 298 32.74 -20.76 11.81
N ALA A 299 32.77 -21.00 13.11
CA ALA A 299 33.82 -21.78 13.73
C ALA A 299 33.29 -23.16 14.08
N ILE A 300 33.91 -24.19 13.51
CA ILE A 300 33.65 -25.57 13.86
C ILE A 300 34.87 -26.08 14.62
N GLU A 301 34.86 -25.88 15.93
CA GLU A 301 35.97 -26.30 16.79
C GLU A 301 36.02 -27.83 16.92
N LEU A 302 37.22 -28.40 16.75
CA LEU A 302 37.36 -29.84 16.84
C LEU A 302 37.98 -30.28 18.16
N LYS A 303 37.70 -31.53 18.55
CA LYS A 303 38.29 -32.12 19.74
C LYS A 303 39.78 -32.43 19.51
N LYS A 304 40.53 -32.56 20.61
CA LYS A 304 41.92 -32.98 20.52
C LYS A 304 42.02 -34.38 19.88
N ASP A 305 42.90 -34.51 18.90
CA ASP A 305 43.06 -35.81 18.25
C ASP A 305 41.80 -36.16 17.45
N ALA A 306 41.28 -35.15 16.77
CA ALA A 306 40.13 -35.33 15.90
C ALA A 306 40.59 -35.29 14.45
N ASN A 307 40.13 -36.26 13.66
CA ASN A 307 40.53 -36.33 12.26
C ASN A 307 39.84 -35.28 11.38
N THR A 308 40.46 -34.11 11.24
CA THR A 308 39.78 -32.98 10.64
C THR A 308 39.36 -33.20 9.18
N GLU A 309 40.10 -34.01 8.45
CA GLU A 309 39.71 -34.28 7.07
C GLU A 309 38.43 -35.09 7.03
N LEU A 310 38.29 -36.05 7.94
CA LEU A 310 37.10 -36.90 7.96
C LEU A 310 35.87 -36.04 8.26
N VAL A 311 35.96 -35.20 9.29
CA VAL A 311 34.86 -34.33 9.68
C VAL A 311 34.45 -33.41 8.52
N LEU A 312 35.44 -32.76 7.91
CA LEU A 312 35.18 -31.83 6.83
C LEU A 312 34.44 -32.50 5.68
N ASN A 313 35.02 -33.59 5.20
CA ASN A 313 34.41 -34.36 4.13
C ASN A 313 32.97 -34.79 4.46
N TYR A 314 32.74 -35.23 5.69
CA TYR A 314 31.40 -35.65 6.08
C TYR A 314 30.41 -34.49 6.03
N LEU A 315 30.83 -33.33 6.55
CA LEU A 315 29.99 -32.15 6.50
C LEU A 315 29.75 -31.74 5.04
N PHE A 316 30.76 -31.90 4.18
CA PHE A 316 30.57 -31.54 2.78
C PHE A 316 29.46 -32.36 2.13
N LYS A 317 29.35 -33.63 2.54
CA LYS A 317 28.43 -34.58 1.90
C LYS A 317 27.05 -34.56 2.56
N TYR A 318 27.02 -34.45 3.88
CA TYR A 318 25.78 -34.58 4.62
C TYR A 318 25.14 -33.25 5.09
N THR A 319 25.77 -32.13 4.73
CA THR A 319 25.11 -30.85 4.90
C THR A 319 25.20 -30.05 3.61
N ASP A 320 24.78 -28.79 3.72
CA ASP A 320 24.80 -27.86 2.61
C ASP A 320 26.08 -27.03 2.69
N LEU A 321 27.00 -27.44 3.56
CA LEU A 321 28.35 -26.89 3.54
C LEU A 321 28.87 -27.00 2.10
N GLN A 322 28.31 -27.97 1.38
CA GLN A 322 28.54 -28.18 -0.03
C GLN A 322 27.28 -28.76 -0.64
N ILE A 323 26.89 -28.17 -1.79
CA ILE A 323 25.71 -28.54 -2.55
C ILE A 323 26.02 -28.72 -4.04
N ASN A 324 25.09 -29.33 -4.74
CA ASN A 324 25.09 -29.35 -6.19
C ASN A 324 24.24 -28.19 -6.70
N TYR A 325 24.71 -27.46 -7.70
CA TYR A 325 23.89 -26.43 -8.32
C TYR A 325 23.53 -26.83 -9.74
N ASN A 326 22.24 -26.86 -10.03
CA ASN A 326 21.74 -27.26 -11.36
C ASN A 326 21.30 -26.11 -12.26
N PHE A 327 22.01 -25.91 -13.36
CA PHE A 327 21.56 -25.04 -14.43
C PHE A 327 20.29 -25.61 -15.03
N ASN A 328 19.35 -24.74 -15.36
CA ASN A 328 18.18 -25.12 -16.13
C ASN A 328 17.71 -23.84 -16.82
N MET A 329 18.63 -23.26 -17.58
CA MET A 329 18.41 -21.98 -18.23
C MET A 329 17.24 -21.99 -19.21
N VAL A 330 16.07 -21.67 -18.69
CA VAL A 330 14.89 -21.37 -19.50
C VAL A 330 14.51 -19.88 -19.45
N ALA A 331 14.24 -19.29 -20.60
CA ALA A 331 13.82 -17.90 -20.66
C ALA A 331 12.72 -17.77 -21.70
N ILE A 332 12.14 -16.58 -21.80
CA ILE A 332 11.07 -16.36 -22.76
C ILE A 332 11.63 -15.62 -23.95
N ASP A 333 11.55 -16.28 -25.09
CA ASP A 333 12.08 -15.78 -26.36
C ASP A 333 10.91 -15.77 -27.33
N ASN A 334 10.66 -14.63 -27.96
CA ASN A 334 9.53 -14.51 -28.88
C ASN A 334 8.30 -15.23 -28.31
N PHE A 335 7.89 -14.77 -27.12
CA PHE A 335 6.63 -15.15 -26.49
C PHE A 335 6.53 -16.58 -25.98
N THR A 336 7.57 -17.37 -26.20
CA THR A 336 7.50 -18.77 -25.84
C THR A 336 8.73 -19.20 -25.02
N PRO A 337 8.58 -20.23 -24.16
CA PRO A 337 9.70 -20.71 -23.34
C PRO A 337 10.76 -21.46 -24.15
N ARG A 338 12.03 -21.15 -23.90
CA ARG A 338 13.15 -21.78 -24.60
C ARG A 338 14.19 -22.25 -23.60
N GLN A 339 14.71 -23.44 -23.79
CA GLN A 339 15.88 -23.82 -23.05
C GLN A 339 17.02 -23.29 -23.88
N VAL A 340 17.93 -22.56 -23.25
CA VAL A 340 18.97 -21.89 -24.01
C VAL A 340 20.32 -21.93 -23.30
N GLY A 341 21.38 -22.07 -24.10
CA GLY A 341 22.74 -21.97 -23.61
C GLY A 341 23.23 -20.53 -23.75
N ILE A 342 24.49 -20.33 -23.40
CA ILE A 342 25.11 -19.02 -23.46
C ILE A 342 24.96 -18.34 -24.82
N VAL A 343 24.92 -19.12 -25.90
CA VAL A 343 24.94 -18.52 -27.25
C VAL A 343 23.64 -17.81 -27.67
N PRO A 344 22.49 -18.50 -27.58
CA PRO A 344 21.20 -17.81 -27.80
C PRO A 344 20.93 -16.65 -26.81
N ILE A 345 21.37 -16.78 -25.56
CA ILE A 345 21.24 -15.70 -24.58
C ILE A 345 21.94 -14.41 -25.04
N LEU A 346 23.25 -14.50 -25.26
CA LEU A 346 24.04 -13.35 -25.71
C LEU A 346 23.56 -12.82 -27.05
N SER A 347 23.03 -13.71 -27.87
CA SER A 347 22.73 -13.25 -29.22
C SER A 347 21.40 -12.50 -29.20
N SER A 348 20.45 -13.01 -28.41
CA SER A 348 19.16 -12.32 -28.19
C SER A 348 19.42 -10.95 -27.59
N TYR A 349 20.32 -10.91 -26.63
CA TYR A 349 20.65 -9.64 -25.99
C TYR A 349 21.19 -8.66 -27.04
N ILE A 350 22.10 -9.15 -27.88
CA ILE A 350 22.74 -8.32 -28.90
C ILE A 350 21.71 -7.80 -29.92
N ALA A 351 20.75 -8.64 -30.28
CA ALA A 351 19.72 -8.25 -31.24
C ALA A 351 18.79 -7.25 -30.58
N HIS A 352 18.53 -7.46 -29.29
CA HIS A 352 17.74 -6.52 -28.51
C HIS A 352 18.38 -5.13 -28.46
N ARG A 353 19.65 -5.07 -28.07
CA ARG A 353 20.35 -3.78 -28.04
C ARG A 353 20.34 -3.11 -29.40
N ARG A 354 20.32 -3.92 -30.44
CA ARG A 354 20.32 -3.39 -31.79
C ARG A 354 19.01 -2.65 -32.02
N GLU A 355 17.88 -3.34 -31.79
CA GLU A 355 16.56 -2.72 -31.89
C GLU A 355 16.53 -1.45 -31.05
N VAL A 356 16.96 -1.56 -29.80
CA VAL A 356 16.98 -0.43 -28.91
C VAL A 356 17.77 0.75 -29.47
N ILE A 357 19.03 0.54 -29.79
CA ILE A 357 19.83 1.62 -30.31
C ILE A 357 19.26 2.18 -31.62
N LEU A 358 18.79 1.31 -32.51
CA LEU A 358 18.19 1.80 -33.73
C LEU A 358 17.01 2.71 -33.40
N ALA A 359 16.11 2.22 -32.55
CA ALA A 359 14.93 2.98 -32.14
C ALA A 359 15.27 4.31 -31.43
N ARG A 360 16.20 4.24 -30.48
CA ARG A 360 16.64 5.46 -29.81
C ARG A 360 17.05 6.49 -30.84
N SER A 361 17.81 6.05 -31.85
CA SER A 361 18.40 6.96 -32.82
C SER A 361 17.36 7.55 -33.78
N ARG A 362 16.36 6.76 -34.15
CA ARG A 362 15.26 7.28 -34.94
C ARG A 362 14.57 8.37 -34.15
N PHE A 363 14.34 8.11 -32.86
CA PHE A 363 13.66 9.04 -31.99
C PHE A 363 14.41 10.38 -31.88
N ASP A 364 15.70 10.35 -31.55
CA ASP A 364 16.45 11.60 -31.47
C ASP A 364 16.53 12.33 -32.79
N LYS A 365 16.56 11.57 -33.88
CA LYS A 365 16.75 12.17 -35.21
C LYS A 365 15.45 12.88 -35.59
N GLU A 366 14.34 12.21 -35.33
CA GLU A 366 13.02 12.80 -35.46
C GLU A 366 12.95 14.16 -34.73
N LYS A 367 13.31 14.18 -33.44
CA LYS A 367 13.37 15.41 -32.67
C LYS A 367 14.23 16.46 -33.34
N ALA A 368 15.43 16.07 -33.73
CA ALA A 368 16.38 16.99 -34.34
C ALA A 368 15.86 17.57 -35.66
N GLU A 369 15.15 16.75 -36.44
CA GLU A 369 14.60 17.24 -37.69
C GLU A 369 13.47 18.26 -37.48
N LYS A 370 12.52 17.91 -36.60
CA LYS A 370 11.37 18.79 -36.31
C LYS A 370 11.88 20.17 -35.95
N ARG A 371 12.93 20.17 -35.14
CA ARG A 371 13.60 21.40 -34.72
C ARG A 371 14.31 22.13 -35.86
N LEU A 372 15.05 21.37 -36.67
CA LEU A 372 15.81 21.93 -37.77
C LEU A 372 14.83 22.60 -38.73
N HIS A 373 13.74 21.90 -39.00
CA HIS A 373 12.65 22.41 -39.82
C HIS A 373 12.10 23.78 -39.34
N ILE A 374 11.95 23.94 -38.01
CA ILE A 374 11.46 25.18 -37.44
C ILE A 374 12.50 26.29 -37.53
N VAL A 375 13.69 26.02 -37.01
CA VAL A 375 14.82 26.92 -37.18
C VAL A 375 15.02 27.40 -38.62
N GLU A 376 14.73 26.55 -39.60
CA GLU A 376 14.79 26.99 -41.01
C GLU A 376 13.74 28.03 -41.33
N GLY A 377 12.51 27.79 -40.89
CA GLY A 377 11.45 28.77 -41.02
C GLY A 377 11.75 30.12 -40.36
N LEU A 378 12.30 30.09 -39.14
CA LEU A 378 12.61 31.31 -38.42
C LEU A 378 13.68 32.14 -39.10
N ILE A 379 14.72 31.47 -39.60
CA ILE A 379 15.78 32.15 -40.34
C ILE A 379 15.15 32.90 -41.50
N ARG A 380 14.18 32.27 -42.15
CA ARG A 380 13.44 32.89 -43.25
C ARG A 380 12.58 34.06 -42.80
N VAL A 381 11.76 33.81 -41.78
CA VAL A 381 10.90 34.84 -41.24
C VAL A 381 11.64 36.17 -41.02
N ILE A 382 12.89 36.10 -40.56
CA ILE A 382 13.60 37.32 -40.19
C ILE A 382 13.90 38.18 -41.41
N SER A 383 13.98 37.53 -42.56
CA SER A 383 14.26 38.18 -43.82
C SER A 383 13.01 38.90 -44.31
N ILE A 384 11.87 38.56 -43.71
CA ILE A 384 10.57 39.07 -44.13
C ILE A 384 9.65 39.42 -42.96
N LEU A 385 10.25 39.74 -41.81
CA LEU A 385 9.53 40.09 -40.59
C LEU A 385 8.38 41.03 -40.83
N ASP A 386 8.71 42.19 -41.42
CA ASP A 386 7.75 43.26 -41.59
C ASP A 386 6.48 42.83 -42.30
N GLU A 387 6.64 42.04 -43.36
CA GLU A 387 5.49 41.55 -44.11
C GLU A 387 4.83 40.34 -43.48
N VAL A 388 5.56 39.59 -42.65
CA VAL A 388 4.96 38.51 -41.87
C VAL A 388 4.09 39.06 -40.72
N ILE A 389 4.53 40.12 -40.06
CA ILE A 389 3.71 40.74 -39.03
C ILE A 389 2.47 41.38 -39.67
N ALA A 390 2.68 42.02 -40.82
CA ALA A 390 1.58 42.58 -41.59
C ALA A 390 0.54 41.52 -41.92
N LEU A 391 1.02 40.34 -42.33
CA LEU A 391 0.14 39.25 -42.72
C LEU A 391 -0.67 38.75 -41.53
N ILE A 392 -0.01 38.60 -40.39
CA ILE A 392 -0.73 38.17 -39.20
C ILE A 392 -1.67 39.26 -38.72
N ARG A 393 -1.24 40.52 -38.85
CA ARG A 393 -2.11 41.66 -38.61
C ARG A 393 -3.39 41.59 -39.47
N ALA A 394 -3.27 41.07 -40.69
CA ALA A 394 -4.38 40.99 -41.63
C ALA A 394 -5.17 39.70 -41.53
N SER A 395 -4.64 38.73 -40.79
CA SER A 395 -5.34 37.46 -40.66
C SER A 395 -6.53 37.63 -39.71
N GLU A 396 -7.51 36.74 -39.84
CA GLU A 396 -8.77 36.85 -39.11
C GLU A 396 -8.66 36.20 -37.73
N ASN A 397 -7.77 35.24 -37.60
CA ASN A 397 -7.53 34.51 -36.35
C ASN A 397 -6.35 33.56 -36.52
N LYS A 398 -6.06 32.76 -35.50
CA LYS A 398 -4.90 31.88 -35.56
C LYS A 398 -4.91 31.03 -36.83
N ALA A 399 -5.96 30.22 -37.00
CA ALA A 399 -6.04 29.32 -38.15
C ALA A 399 -5.91 30.05 -39.49
N ASP A 400 -6.54 31.22 -39.62
CA ASP A 400 -6.40 31.99 -40.87
C ASP A 400 -4.96 32.51 -41.09
N ALA A 401 -4.29 32.86 -39.99
CA ALA A 401 -2.92 33.36 -40.04
C ALA A 401 -1.95 32.29 -40.59
N LYS A 402 -2.06 31.08 -40.06
CA LYS A 402 -1.27 29.97 -40.52
C LYS A 402 -1.52 29.73 -42.01
N GLU A 403 -2.79 29.58 -42.38
CA GLU A 403 -3.15 29.43 -43.78
C GLU A 403 -2.47 30.48 -44.64
N ASN A 404 -2.58 31.74 -44.25
CA ASN A 404 -1.98 32.82 -45.03
C ASN A 404 -0.46 32.73 -45.14
N LEU A 405 0.18 32.16 -44.12
CA LEU A 405 1.64 32.02 -44.12
C LEU A 405 2.05 30.91 -45.08
N LYS A 406 1.26 29.84 -45.11
CA LYS A 406 1.51 28.77 -46.07
C LYS A 406 1.33 29.32 -47.49
N VAL A 407 0.13 29.79 -47.77
CA VAL A 407 -0.20 30.25 -49.12
C VAL A 407 0.71 31.36 -49.64
N SER A 408 1.00 32.37 -48.82
CA SER A 408 1.75 33.52 -49.33
C SER A 408 3.27 33.30 -49.34
N TYR A 409 3.79 32.46 -48.44
CA TYR A 409 5.24 32.34 -48.30
C TYR A 409 5.76 30.91 -48.20
N ASP A 410 4.89 29.93 -48.38
CA ASP A 410 5.29 28.52 -48.48
C ASP A 410 5.74 27.84 -47.20
N PHE A 411 5.61 28.49 -46.06
CA PHE A 411 5.89 27.80 -44.82
C PHE A 411 4.98 26.59 -44.71
N THR A 412 5.48 25.51 -44.12
CA THR A 412 4.61 24.39 -43.77
C THR A 412 3.80 24.66 -42.50
N GLU A 413 2.78 23.83 -42.30
CA GLU A 413 2.02 23.82 -41.05
C GLU A 413 2.92 23.95 -39.82
N GLU A 414 3.80 22.99 -39.62
CA GLU A 414 4.65 22.98 -38.43
C GLU A 414 5.43 24.29 -38.22
N GLN A 415 5.86 24.91 -39.31
CA GLN A 415 6.59 26.16 -39.23
C GLN A 415 5.64 27.32 -38.93
N ALA A 416 4.48 27.26 -39.58
CA ALA A 416 3.42 28.25 -39.38
C ALA A 416 3.01 28.28 -37.91
N GLU A 417 2.78 27.10 -37.34
CA GLU A 417 2.44 26.96 -35.94
C GLU A 417 3.52 27.60 -35.07
N ALA A 418 4.77 27.29 -35.34
CA ALA A 418 5.84 27.87 -34.56
C ALA A 418 5.88 29.39 -34.66
N ILE A 419 5.70 29.91 -35.87
CA ILE A 419 5.89 31.33 -36.14
C ILE A 419 4.82 32.13 -35.42
N VAL A 420 3.62 31.57 -35.46
CA VAL A 420 2.42 32.24 -35.03
C VAL A 420 2.25 32.15 -33.51
N THR A 421 2.92 31.19 -32.89
CA THR A 421 2.88 31.06 -31.43
C THR A 421 4.11 31.68 -30.76
N LEU A 422 4.89 32.45 -31.51
CA LEU A 422 5.99 33.21 -30.93
C LEU A 422 5.44 34.34 -30.04
N GLN A 423 6.15 34.63 -28.96
CA GLN A 423 5.78 35.76 -28.13
C GLN A 423 6.26 37.06 -28.78
N LEU A 424 5.50 38.14 -28.57
CA LEU A 424 5.79 39.43 -29.18
C LEU A 424 7.24 39.85 -28.98
N TYR A 425 7.87 39.44 -27.88
CA TYR A 425 9.16 40.03 -27.58
C TYR A 425 10.24 39.48 -28.53
N ARG A 426 9.97 38.33 -29.11
CA ARG A 426 10.86 37.74 -30.08
C ARG A 426 11.12 38.69 -31.23
N LEU A 427 10.17 39.55 -31.56
CA LEU A 427 10.36 40.46 -32.68
C LEU A 427 11.53 41.45 -32.49
N THR A 428 12.14 41.44 -31.31
CA THR A 428 13.25 42.34 -31.01
C THR A 428 14.54 41.78 -31.58
N ASN A 429 14.54 40.47 -31.81
CA ASN A 429 15.70 39.78 -32.36
C ASN A 429 15.83 39.80 -33.88
N THR A 430 17.06 39.91 -34.34
CA THR A 430 17.31 39.86 -35.78
C THR A 430 18.66 39.19 -36.05
N ASP A 431 19.18 38.50 -35.05
CA ASP A 431 20.42 37.78 -35.17
C ASP A 431 20.18 36.42 -35.82
N VAL A 432 20.51 36.34 -37.09
CA VAL A 432 20.37 35.10 -37.82
C VAL A 432 21.52 34.13 -37.48
N VAL A 433 22.66 34.68 -37.07
CA VAL A 433 23.85 33.91 -36.77
C VAL A 433 23.67 32.84 -35.68
N VAL A 434 23.07 33.22 -34.55
CA VAL A 434 22.84 32.28 -33.48
C VAL A 434 22.02 31.08 -34.00
N LEU A 435 20.97 31.39 -34.76
CA LEU A 435 20.13 30.38 -35.39
C LEU A 435 20.93 29.49 -36.35
N GLN A 436 21.77 30.09 -37.18
CA GLN A 436 22.60 29.32 -38.12
C GLN A 436 23.58 28.38 -37.40
N GLU A 437 24.16 28.82 -36.30
CA GLU A 437 24.95 27.91 -35.48
C GLU A 437 24.09 26.70 -35.08
N GLU A 438 22.86 26.94 -34.66
CA GLU A 438 21.99 25.83 -34.27
C GLU A 438 21.65 24.88 -35.44
N GLU A 439 21.36 25.47 -36.59
CA GLU A 439 21.06 24.76 -37.83
C GLU A 439 22.22 23.83 -38.17
N ALA A 440 23.44 24.31 -37.97
CA ALA A 440 24.62 23.52 -38.29
C ALA A 440 24.82 22.38 -37.30
N GLU A 441 24.65 22.68 -36.02
CA GLU A 441 24.80 21.64 -34.99
C GLU A 441 23.75 20.54 -35.19
N LEU A 442 22.54 20.92 -35.59
CA LEU A 442 21.48 19.93 -35.86
C LEU A 442 21.79 19.06 -37.07
N ARG A 443 22.34 19.66 -38.11
CA ARG A 443 22.71 18.90 -39.29
C ARG A 443 23.78 17.86 -38.97
N GLU A 444 24.79 18.25 -38.21
CA GLU A 444 25.78 17.29 -37.78
C GLU A 444 25.14 16.17 -36.96
N LYS A 445 24.27 16.56 -36.05
CA LYS A 445 23.65 15.60 -35.13
C LYS A 445 22.85 14.58 -35.94
N ILE A 446 22.09 15.07 -36.91
CA ILE A 446 21.31 14.20 -37.79
C ILE A 446 22.18 13.26 -38.65
N ALA A 447 23.34 13.74 -39.09
CA ALA A 447 24.23 12.89 -39.86
C ALA A 447 24.72 11.73 -39.02
N MET A 448 25.23 12.01 -37.81
CA MET A 448 25.68 10.94 -36.94
C MET A 448 24.58 9.89 -36.77
N LEU A 449 23.39 10.34 -36.43
CA LEU A 449 22.32 9.40 -36.16
C LEU A 449 21.93 8.61 -37.41
N ALA A 450 21.86 9.29 -38.55
CA ALA A 450 21.39 8.64 -39.76
C ALA A 450 22.36 7.53 -40.18
N ALA A 451 23.65 7.78 -40.01
CA ALA A 451 24.67 6.76 -40.25
C ALA A 451 24.42 5.52 -39.40
N ILE A 452 24.43 5.69 -38.09
CA ILE A 452 24.07 4.62 -37.18
C ILE A 452 22.93 3.78 -37.71
N ILE A 453 21.92 4.44 -38.24
CA ILE A 453 20.74 3.73 -38.71
C ILE A 453 21.03 2.95 -40.01
N GLY A 454 21.82 3.54 -40.90
CA GLY A 454 22.01 2.99 -42.22
C GLY A 454 23.19 2.03 -42.36
N ASP A 455 24.06 2.01 -41.36
CA ASP A 455 25.25 1.20 -41.39
C ASP A 455 25.44 0.33 -40.16
N GLU A 456 25.19 -0.96 -40.36
CA GLU A 456 25.32 -1.97 -39.33
C GLU A 456 26.61 -1.89 -38.49
N ARG A 457 27.74 -1.59 -39.12
CA ARG A 457 29.00 -1.58 -38.38
C ARG A 457 29.10 -0.39 -37.45
N THR A 458 28.62 0.76 -37.92
CA THR A 458 28.68 1.96 -37.13
C THR A 458 27.86 1.74 -35.86
N MET A 459 26.71 1.10 -36.05
CA MET A 459 25.80 0.78 -34.95
C MET A 459 26.41 -0.18 -33.93
N TYR A 460 26.97 -1.30 -34.38
CA TYR A 460 27.65 -2.24 -33.50
C TYR A 460 28.83 -1.61 -32.74
N ASN A 461 29.55 -0.69 -33.37
CA ASN A 461 30.58 0.02 -32.63
C ASN A 461 30.01 0.81 -31.47
N LEU A 462 28.85 1.44 -31.68
CA LEU A 462 28.23 2.26 -30.66
C LEU A 462 27.90 1.34 -29.49
N MET A 463 27.32 0.20 -29.83
CA MET A 463 26.88 -0.78 -28.85
C MET A 463 28.05 -1.33 -28.04
N LYS A 464 29.20 -1.48 -28.67
CA LYS A 464 30.38 -1.94 -27.95
C LYS A 464 30.89 -0.78 -27.09
N LYS A 465 30.94 0.41 -27.70
CA LYS A 465 31.43 1.58 -27.00
C LYS A 465 30.61 1.79 -25.72
N GLU A 466 29.33 1.46 -25.78
CA GLU A 466 28.43 1.71 -24.64
C GLU A 466 28.53 0.60 -23.60
N LEU A 467 28.78 -0.62 -24.07
CA LEU A 467 28.92 -1.75 -23.17
C LEU A 467 30.22 -1.63 -22.38
N ARG A 468 31.26 -1.10 -23.01
CA ARG A 468 32.52 -0.90 -22.33
C ARG A 468 32.39 0.18 -21.26
N GLU A 469 31.63 1.23 -21.56
CA GLU A 469 31.39 2.27 -20.55
C GLU A 469 30.72 1.65 -19.33
N VAL A 470 29.69 0.85 -19.55
CA VAL A 470 28.95 0.22 -18.47
C VAL A 470 29.86 -0.66 -17.62
N LYS A 471 30.81 -1.29 -18.28
CA LYS A 471 31.72 -2.19 -17.59
C LYS A 471 32.68 -1.36 -16.75
N LYS A 472 33.22 -0.31 -17.35
CA LYS A 472 34.21 0.51 -16.67
C LYS A 472 33.59 1.08 -15.41
N LYS A 473 32.29 1.33 -15.49
CA LYS A 473 31.59 1.96 -14.39
C LYS A 473 31.21 0.98 -13.29
N PHE A 474 30.66 -0.19 -13.66
CA PHE A 474 30.06 -1.10 -12.67
C PHE A 474 30.82 -2.38 -12.41
N ALA A 475 31.97 -2.55 -13.07
CA ALA A 475 32.77 -3.74 -12.91
C ALA A 475 33.28 -3.88 -11.48
N THR A 476 33.19 -5.09 -10.97
CA THR A 476 33.79 -5.47 -9.69
C THR A 476 34.45 -6.83 -9.87
N PRO A 477 35.32 -7.22 -8.94
CA PRO A 477 36.07 -8.47 -9.03
C PRO A 477 35.23 -9.73 -8.77
N ARG A 478 35.68 -10.88 -9.32
CA ARG A 478 35.08 -12.19 -9.04
C ARG A 478 35.02 -12.44 -7.55
N LEU A 479 33.95 -13.12 -7.11
CA LEU A 479 33.84 -13.53 -5.73
C LEU A 479 34.09 -15.03 -5.62
N SER A 480 33.50 -15.78 -6.55
CA SER A 480 33.58 -17.23 -6.56
C SER A 480 34.76 -17.77 -7.39
N SER A 481 35.64 -18.54 -6.74
CA SER A 481 36.74 -19.18 -7.44
C SER A 481 36.24 -20.31 -8.33
N LEU A 482 36.97 -20.55 -9.42
CA LEU A 482 36.67 -21.65 -10.33
C LEU A 482 37.69 -22.78 -10.20
N GLU A 483 37.20 -24.01 -10.29
CA GLU A 483 38.04 -25.20 -10.17
C GLU A 483 37.61 -26.30 -11.14
N ASP A 484 38.59 -26.96 -11.75
CA ASP A 484 38.33 -28.00 -12.74
C ASP A 484 37.58 -29.19 -12.15
N ASN B 3 29.54 7.08 26.93
CA ASN B 3 29.14 7.07 28.33
C ASN B 3 27.68 7.48 28.55
N ILE B 4 27.22 7.38 29.80
CA ILE B 4 25.81 7.52 30.12
C ILE B 4 25.46 8.81 30.86
N GLN B 5 24.16 9.04 31.05
CA GLN B 5 23.62 10.19 31.75
C GLN B 5 22.42 9.76 32.59
N ASN B 6 22.42 10.11 33.88
CA ASN B 6 21.36 9.68 34.78
C ASN B 6 20.10 10.55 34.70
N MET B 7 18.94 9.92 34.91
CA MET B 7 17.66 10.62 34.88
C MET B 7 16.84 10.00 36.00
N SER B 8 15.95 10.79 36.59
CA SER B 8 15.06 10.31 37.66
C SER B 8 13.91 9.49 37.09
N LEU B 9 13.48 8.45 37.80
CA LEU B 9 12.28 7.74 37.39
C LEU B 9 11.09 8.72 37.28
N GLU B 10 10.87 9.51 38.34
CA GLU B 10 9.80 10.51 38.34
C GLU B 10 9.96 11.51 37.20
N ASP B 11 11.18 11.91 36.92
CA ASP B 11 11.44 12.80 35.78
C ASP B 11 11.21 12.08 34.43
N ILE B 12 11.92 10.97 34.16
CA ILE B 12 11.76 10.26 32.90
C ILE B 12 10.27 9.98 32.63
N MET B 13 9.56 9.44 33.62
CA MET B 13 8.16 9.05 33.43
C MET B 13 7.23 10.22 33.09
N GLY B 14 7.34 11.30 33.86
CA GLY B 14 6.56 12.48 33.58
C GLY B 14 6.83 13.01 32.19
N GLU B 15 8.10 13.03 31.80
CA GLU B 15 8.50 13.55 30.49
C GLU B 15 7.86 12.71 29.39
N ARG B 16 8.02 11.40 29.51
CA ARG B 16 7.52 10.50 28.48
C ARG B 16 6.02 10.55 28.42
N PHE B 17 5.34 10.31 29.53
CA PHE B 17 3.87 10.33 29.49
C PHE B 17 3.30 11.70 29.07
N GLY B 18 4.03 12.77 29.37
CA GLY B 18 3.68 14.08 28.87
C GLY B 18 3.53 14.06 27.35
N ARG B 19 4.60 13.64 26.67
CA ARG B 19 4.64 13.51 25.21
C ARG B 19 3.49 12.67 24.64
N TYR B 20 3.31 11.48 25.19
CA TYR B 20 2.24 10.58 24.73
C TYR B 20 0.85 11.19 24.93
N SER B 21 0.61 11.75 26.12
CA SER B 21 -0.68 12.38 26.42
C SER B 21 -1.02 13.50 25.41
N LYS B 22 -0.25 14.57 25.45
CA LYS B 22 -0.43 15.67 24.50
C LYS B 22 -0.70 15.19 23.06
N TYR B 23 0.16 14.32 22.54
CA TYR B 23 0.04 13.82 21.17
C TYR B 23 -1.26 13.08 20.91
N ILE B 24 -1.59 12.14 21.78
CA ILE B 24 -2.75 11.28 21.56
C ILE B 24 -4.04 12.04 21.79
N ILE B 25 -3.92 13.23 22.37
CA ILE B 25 -5.06 14.11 22.59
C ILE B 25 -5.26 15.10 21.44
N GLN B 26 -4.19 15.75 21.01
CA GLN B 26 -4.29 16.75 19.96
C GLN B 26 -4.30 16.13 18.57
N ASP B 27 -3.59 15.00 18.40
CA ASP B 27 -3.34 14.42 17.09
C ASP B 27 -3.62 12.92 16.91
N ARG B 28 -4.59 12.38 17.63
CA ARG B 28 -5.00 11.00 17.40
C ARG B 28 -6.49 10.76 17.62
N ALA B 29 -6.88 10.72 18.90
CA ALA B 29 -8.17 10.20 19.31
C ALA B 29 -9.37 11.17 19.29
N LEU B 30 -9.11 12.46 19.21
CA LEU B 30 -10.19 13.44 19.35
C LEU B 30 -10.31 14.34 18.13
N PRO B 31 -11.56 14.60 17.71
CA PRO B 31 -11.84 15.38 16.51
C PRO B 31 -11.64 16.86 16.76
N ASP B 32 -11.21 17.59 15.74
CA ASP B 32 -11.19 19.04 15.78
C ASP B 32 -12.65 19.51 15.77
N ILE B 33 -12.97 20.49 16.62
CA ILE B 33 -14.35 20.90 16.88
C ILE B 33 -15.02 21.52 15.66
N ARG B 34 -14.20 22.01 14.74
CA ARG B 34 -14.67 22.69 13.53
C ARG B 34 -15.08 21.78 12.37
N ASP B 35 -14.20 20.84 11.98
CA ASP B 35 -14.51 19.98 10.85
C ASP B 35 -14.90 18.56 11.25
N GLY B 36 -14.74 18.27 12.55
CA GLY B 36 -15.17 17.00 13.10
C GLY B 36 -14.27 15.81 12.78
N LEU B 37 -13.09 16.07 12.22
CA LEU B 37 -12.18 15.00 11.82
C LEU B 37 -11.03 14.75 12.81
N LYS B 38 -10.75 13.49 13.07
CA LYS B 38 -9.46 13.08 13.63
C LYS B 38 -8.39 13.28 12.55
N PRO B 39 -7.13 13.51 12.95
CA PRO B 39 -6.10 13.78 11.93
C PRO B 39 -6.02 12.71 10.83
N VAL B 40 -6.13 11.44 11.18
CA VAL B 40 -6.02 10.42 10.17
C VAL B 40 -7.16 10.51 9.17
N GLN B 41 -8.33 10.92 9.63
CA GLN B 41 -9.45 11.14 8.70
C GLN B 41 -9.24 12.33 7.76
N ARG B 42 -8.70 13.43 8.29
CA ARG B 42 -8.40 14.61 7.46
C ARG B 42 -7.41 14.21 6.37
N ARG B 43 -6.38 13.46 6.76
CA ARG B 43 -5.35 13.07 5.81
C ARG B 43 -5.88 12.19 4.69
N ILE B 44 -6.61 11.15 5.07
CA ILE B 44 -7.34 10.37 4.07
C ILE B 44 -8.05 11.26 3.05
N LEU B 45 -8.90 12.18 3.53
CA LEU B 45 -9.64 13.03 2.58
C LEU B 45 -8.72 13.92 1.77
N TYR B 46 -7.81 14.61 2.47
CA TYR B 46 -6.95 15.55 1.79
C TYR B 46 -6.16 14.81 0.68
N SER B 47 -5.52 13.71 1.07
CA SER B 47 -4.70 12.94 0.16
C SER B 47 -5.49 12.46 -1.05
N MET B 48 -6.66 11.87 -0.79
CA MET B 48 -7.42 11.33 -1.92
C MET B 48 -7.80 12.48 -2.82
N ASN B 49 -8.03 13.62 -2.22
CA ASN B 49 -8.57 14.73 -2.98
C ASN B 49 -7.49 15.35 -3.83
N LYS B 50 -6.25 15.29 -3.34
CA LYS B 50 -5.11 15.87 -4.04
C LYS B 50 -4.85 14.99 -5.28
N ASP B 51 -5.02 13.68 -5.10
CA ASP B 51 -4.88 12.73 -6.19
C ASP B 51 -6.10 12.68 -7.11
N SER B 52 -7.05 13.60 -6.94
CA SER B 52 -8.19 13.63 -7.87
C SER B 52 -9.02 12.35 -7.80
N ASN B 53 -8.99 11.69 -6.66
CA ASN B 53 -9.78 10.49 -6.46
C ASN B 53 -11.16 10.88 -5.88
N THR B 54 -11.92 11.65 -6.65
CA THR B 54 -13.20 12.18 -6.23
C THR B 54 -14.39 11.36 -6.70
N PHE B 55 -15.60 11.85 -6.49
CA PHE B 55 -16.81 11.05 -6.69
C PHE B 55 -17.19 10.92 -8.16
N ASP B 56 -16.67 11.87 -8.93
CA ASP B 56 -17.04 12.04 -10.31
C ASP B 56 -16.08 11.26 -11.21
N LYS B 57 -15.11 10.58 -10.59
CA LYS B 57 -14.12 9.81 -11.35
C LYS B 57 -14.05 8.34 -10.96
N SER B 58 -13.23 7.58 -11.68
CA SER B 58 -13.22 6.14 -11.49
C SER B 58 -12.81 5.78 -10.07
N TYR B 59 -13.31 4.67 -9.56
CA TYR B 59 -12.77 4.13 -8.34
C TYR B 59 -11.28 3.99 -8.53
N ARG B 60 -10.56 3.73 -7.45
CA ARG B 60 -9.12 3.60 -7.51
C ARG B 60 -8.73 2.65 -6.39
N LYS B 61 -7.82 1.74 -6.71
CA LYS B 61 -7.46 0.66 -5.81
C LYS B 61 -7.07 1.23 -4.45
N SER B 62 -7.70 0.72 -3.40
CA SER B 62 -7.51 1.24 -2.04
C SER B 62 -6.03 1.29 -1.62
N ALA B 63 -5.32 0.19 -1.87
CA ALA B 63 -3.91 0.10 -1.53
C ALA B 63 -3.04 1.28 -2.00
N LYS B 64 -3.27 1.70 -3.24
CA LYS B 64 -2.69 2.93 -3.78
C LYS B 64 -3.02 4.16 -2.92
N SER B 65 -4.28 4.33 -2.55
CA SER B 65 -4.65 5.46 -1.72
C SER B 65 -3.94 5.41 -0.36
N VAL B 66 -4.03 4.27 0.30
CA VAL B 66 -3.40 4.07 1.61
C VAL B 66 -1.89 4.30 1.56
N GLY B 67 -1.28 3.89 0.45
CA GLY B 67 0.14 4.08 0.28
C GLY B 67 0.55 5.53 0.16
N ASN B 68 -0.21 6.31 -0.61
CA ASN B 68 0.10 7.71 -0.75
C ASN B 68 -0.12 8.45 0.55
N ILE B 69 -1.15 8.04 1.27
CA ILE B 69 -1.48 8.65 2.54
C ILE B 69 -0.33 8.40 3.51
N MET B 70 0.22 7.20 3.44
CA MET B 70 1.23 6.75 4.39
C MET B 70 2.62 7.35 4.09
N GLY B 71 2.86 7.71 2.83
CA GLY B 71 4.17 8.22 2.45
C GLY B 71 4.24 9.74 2.35
N ASN B 72 3.08 10.37 2.27
CA ASN B 72 3.07 11.83 2.24
C ASN B 72 2.60 12.50 3.54
N PHE B 73 1.75 11.83 4.33
CA PHE B 73 1.10 12.51 5.44
C PHE B 73 1.05 11.77 6.79
N HIS B 74 0.74 10.49 6.78
CA HIS B 74 0.43 9.79 8.00
C HIS B 74 1.40 8.66 8.23
N PRO B 75 2.40 8.90 9.07
CA PRO B 75 3.50 7.95 9.31
C PRO B 75 3.08 6.87 10.29
N HIS B 76 2.03 6.14 9.99
CA HIS B 76 1.62 5.05 10.86
C HIS B 76 1.24 3.84 10.03
N GLY B 77 0.75 2.77 10.67
CA GLY B 77 0.51 1.54 9.95
C GLY B 77 -0.55 1.68 8.88
N ASP B 78 -0.41 0.88 7.83
CA ASP B 78 -1.41 0.84 6.77
C ASP B 78 -2.75 0.28 7.29
N SER B 79 -2.71 -0.61 8.26
CA SER B 79 -3.96 -1.17 8.77
C SER B 79 -4.80 -0.09 9.47
N SER B 80 -4.16 0.79 10.25
CA SER B 80 -4.90 1.88 10.88
C SER B 80 -5.51 2.79 9.82
N ILE B 81 -4.71 3.14 8.81
CA ILE B 81 -5.21 3.98 7.74
C ILE B 81 -6.33 3.28 6.95
N TYR B 82 -6.10 2.06 6.52
CA TYR B 82 -7.16 1.39 5.79
C TYR B 82 -8.43 1.24 6.63
N ASP B 83 -8.31 0.80 7.87
CA ASP B 83 -9.51 0.64 8.72
C ASP B 83 -10.32 1.94 8.87
N ALA B 84 -9.64 3.05 9.10
CA ALA B 84 -10.30 4.33 9.20
C ALA B 84 -11.01 4.71 7.90
N MET B 85 -10.29 4.52 6.78
CA MET B 85 -10.82 4.72 5.43
C MET B 85 -12.07 3.86 5.22
N VAL B 86 -11.96 2.59 5.57
CA VAL B 86 -13.09 1.68 5.54
C VAL B 86 -14.29 2.20 6.36
N ARG B 87 -14.06 2.56 7.61
CA ARG B 87 -15.15 3.03 8.47
C ARG B 87 -15.90 4.18 7.82
N MET B 88 -15.17 5.17 7.30
CA MET B 88 -15.83 6.32 6.67
C MET B 88 -16.69 5.92 5.45
N SER B 89 -16.65 4.66 5.05
CA SER B 89 -17.43 4.24 3.91
C SER B 89 -18.65 3.44 4.31
N GLN B 90 -18.77 3.19 5.61
CA GLN B 90 -19.82 2.30 6.10
C GLN B 90 -21.02 3.12 6.49
N ASN B 91 -22.13 2.85 5.82
CA ASN B 91 -23.29 3.70 5.99
C ASN B 91 -24.15 3.33 7.21
N TRP B 92 -23.71 2.33 7.97
CA TRP B 92 -24.27 2.03 9.28
C TRP B 92 -23.41 2.59 10.40
N LYS B 93 -22.36 3.32 10.04
CA LYS B 93 -21.56 3.99 11.07
C LYS B 93 -21.57 5.49 10.75
N ASN B 94 -21.68 5.83 9.49
CA ASN B 94 -21.72 7.24 9.15
C ASN B 94 -23.06 7.62 8.58
N ARG B 95 -23.59 8.73 9.08
CA ARG B 95 -24.89 9.21 8.65
C ARG B 95 -24.71 9.79 7.26
N GLU B 96 -23.54 10.39 7.04
CA GLU B 96 -23.20 10.85 5.71
C GLU B 96 -21.83 10.32 5.28
N ILE B 97 -21.77 9.12 4.69
CA ILE B 97 -20.47 8.50 4.34
C ILE B 97 -19.58 9.40 3.46
N LEU B 98 -18.30 9.46 3.82
CA LEU B 98 -17.35 10.38 3.20
C LEU B 98 -16.45 9.62 2.21
N VAL B 99 -16.55 8.30 2.21
CA VAL B 99 -15.82 7.50 1.25
C VAL B 99 -16.69 6.42 0.62
N GLU B 100 -16.60 6.29 -0.70
CA GLU B 100 -17.31 5.24 -1.40
C GLU B 100 -16.35 4.10 -1.74
N MET B 101 -16.71 2.91 -1.32
CA MET B 101 -15.85 1.77 -1.53
C MET B 101 -16.59 0.69 -2.31
N HIS B 102 -15.94 0.16 -3.35
CA HIS B 102 -16.45 -1.01 -4.04
C HIS B 102 -15.88 -2.26 -3.39
N GLY B 103 -16.75 -3.25 -3.17
CA GLY B 103 -16.34 -4.52 -2.62
C GLY B 103 -16.73 -4.76 -1.18
N ASN B 104 -16.28 -5.90 -0.64
CA ASN B 104 -16.58 -6.23 0.73
C ASN B 104 -16.02 -5.17 1.68
N ASN B 105 -16.88 -4.26 2.11
CA ASN B 105 -16.45 -3.23 3.04
C ASN B 105 -17.02 -3.49 4.45
N GLY B 106 -17.37 -4.74 4.72
CA GLY B 106 -17.90 -5.12 6.01
C GLY B 106 -19.42 -5.14 6.03
N SER B 107 -20.00 -5.34 7.21
CA SER B 107 -21.45 -5.43 7.32
C SER B 107 -21.92 -5.09 8.74
N MET B 108 -23.24 -4.99 8.91
CA MET B 108 -23.72 -4.79 10.26
C MET B 108 -23.42 -6.01 11.14
N ASP B 109 -22.99 -7.10 10.53
CA ASP B 109 -22.61 -8.30 11.30
C ASP B 109 -21.16 -8.25 11.81
N GLY B 110 -20.48 -7.14 11.58
CA GLY B 110 -19.08 -7.02 11.96
C GLY B 110 -18.11 -8.04 11.34
N ASP B 111 -18.46 -8.66 10.22
CA ASP B 111 -17.46 -9.47 9.53
C ASP B 111 -16.38 -8.61 8.84
N PRO B 112 -15.18 -9.18 8.65
CA PRO B 112 -14.04 -8.39 8.18
C PRO B 112 -14.28 -7.82 6.80
N PRO B 113 -13.88 -6.56 6.59
CA PRO B 113 -13.77 -6.03 5.22
C PRO B 113 -12.69 -6.77 4.46
N ALA B 114 -12.82 -6.88 3.14
CA ALA B 114 -11.74 -7.32 2.31
C ALA B 114 -10.47 -6.51 2.59
N ALA B 115 -9.31 -7.15 2.50
CA ALA B 115 -8.04 -6.43 2.60
C ALA B 115 -7.89 -5.34 1.54
N MET B 116 -7.08 -4.33 1.83
CA MET B 116 -6.92 -3.24 0.87
C MET B 116 -6.44 -3.62 -0.56
N ARG B 117 -6.01 -4.87 -0.80
CA ARG B 117 -5.64 -5.24 -2.16
CA ARG B 117 -5.64 -5.29 -2.14
C ARG B 117 -6.86 -5.59 -3.00
N TYR B 118 -7.98 -5.90 -2.35
CA TYR B 118 -9.23 -6.25 -3.02
C TYR B 118 -10.16 -5.06 -3.40
N THR B 119 -10.21 -4.04 -2.54
CA THR B 119 -11.25 -3.01 -2.66
C THR B 119 -10.78 -1.81 -3.47
N GLU B 120 -11.73 -1.01 -3.98
CA GLU B 120 -11.44 0.26 -4.64
C GLU B 120 -12.22 1.36 -3.96
N ALA B 121 -11.74 2.61 -4.05
CA ALA B 121 -12.42 3.71 -3.35
C ALA B 121 -12.31 5.03 -4.06
N ARG B 122 -13.16 5.96 -3.62
CA ARG B 122 -13.12 7.37 -4.00
C ARG B 122 -13.89 8.22 -2.97
N LEU B 123 -13.58 9.51 -2.91
CA LEU B 123 -14.35 10.40 -2.04
C LEU B 123 -15.80 10.43 -2.50
N SER B 124 -16.71 10.47 -1.54
CA SER B 124 -18.13 10.66 -1.86
C SER B 124 -18.36 12.09 -2.33
N GLU B 125 -19.50 12.32 -2.97
CA GLU B 125 -19.78 13.69 -3.38
C GLU B 125 -19.84 14.69 -2.20
N ILE B 126 -20.41 14.29 -1.06
CA ILE B 126 -20.50 15.23 0.06
C ILE B 126 -19.15 15.54 0.71
N ALA B 127 -18.24 14.57 0.68
CA ALA B 127 -16.85 14.75 1.12
C ALA B 127 -16.20 15.89 0.36
N GLY B 128 -16.56 16.00 -0.91
CA GLY B 128 -16.17 17.13 -1.73
C GLY B 128 -16.44 18.46 -1.05
N TYR B 129 -17.56 18.57 -0.32
CA TYR B 129 -17.97 19.83 0.32
C TYR B 129 -17.18 20.14 1.58
N LEU B 130 -16.54 19.13 2.17
CA LEU B 130 -15.65 19.38 3.29
C LEU B 130 -14.35 20.02 2.82
N LEU B 131 -14.03 19.82 1.54
CA LEU B 131 -12.75 20.24 0.98
C LEU B 131 -12.86 21.49 0.10
N GLN B 132 -14.09 21.88 -0.16
CA GLN B 132 -14.39 22.98 -1.06
C GLN B 132 -13.60 24.24 -0.72
N ASP B 133 -12.95 24.79 -1.74
CA ASP B 133 -12.21 26.06 -1.61
C ASP B 133 -10.88 25.88 -0.88
N ILE B 134 -10.46 24.62 -0.70
CA ILE B 134 -9.17 24.35 -0.07
C ILE B 134 -7.96 24.85 -0.88
N GLU B 135 -8.14 24.94 -2.20
CA GLU B 135 -7.08 25.48 -3.06
C GLU B 135 -6.95 27.01 -2.94
N LYS B 136 -7.93 27.64 -2.29
CA LYS B 136 -8.00 29.11 -2.18
C LYS B 136 -7.48 29.71 -0.86
N LYS B 137 -6.52 29.06 -0.21
CA LYS B 137 -5.83 29.64 0.95
C LYS B 137 -6.80 30.04 2.07
N THR B 138 -7.74 29.15 2.37
CA THR B 138 -8.85 29.43 3.25
C THR B 138 -8.69 28.81 4.64
N VAL B 139 -7.53 28.27 4.91
CA VAL B 139 -7.37 27.32 5.99
C VAL B 139 -5.87 27.14 6.20
N PRO B 140 -5.44 27.08 7.46
CA PRO B 140 -4.00 27.08 7.80
C PRO B 140 -3.28 25.74 7.53
N PHE B 141 -2.16 25.81 6.82
CA PHE B 141 -1.39 24.61 6.46
C PHE B 141 -0.13 24.48 7.32
N ALA B 142 0.36 23.26 7.41
CA ALA B 142 1.59 22.97 8.14
C ALA B 142 2.43 21.99 7.33
N TRP B 143 3.73 21.95 7.61
CA TRP B 143 4.62 20.97 6.98
C TRP B 143 4.33 19.56 7.49
N ASN B 144 4.47 18.57 6.62
CA ASN B 144 4.32 17.16 7.01
C ASN B 144 5.60 16.65 7.62
N PHE B 145 5.57 15.44 8.19
CA PHE B 145 6.75 14.86 8.84
C PHE B 145 8.02 14.90 7.96
N ASP B 146 7.84 14.81 6.64
CA ASP B 146 8.94 14.88 5.68
C ASP B 146 9.59 16.24 5.74
N ASP B 147 8.75 17.26 5.87
CA ASP B 147 9.09 18.62 5.46
C ASP B 147 9.18 18.66 3.95
N THR B 148 8.49 17.73 3.29
CA THR B 148 8.46 17.70 1.84
C THR B 148 7.20 18.31 1.28
N GLU B 149 6.19 18.45 2.14
CA GLU B 149 4.86 18.79 1.65
C GLU B 149 4.02 19.45 2.75
N LYS B 150 3.16 20.37 2.35
CA LYS B 150 2.24 21.03 3.28
C LYS B 150 0.92 20.25 3.36
N GLU B 151 0.36 20.15 4.57
CA GLU B 151 -0.94 19.50 4.79
C GLU B 151 -1.89 20.43 5.57
N PRO B 152 -3.20 20.26 5.39
CA PRO B 152 -4.10 21.18 6.06
C PRO B 152 -4.27 20.81 7.54
N THR B 153 -4.41 21.78 8.43
CA THR B 153 -4.61 21.48 9.85
C THR B 153 -6.07 21.40 10.18
N VAL B 154 -6.90 21.86 9.24
CA VAL B 154 -8.33 21.70 9.38
C VAL B 154 -8.91 21.88 7.99
N LEU B 155 -10.06 21.26 7.71
CA LEU B 155 -10.68 21.46 6.40
C LEU B 155 -11.69 22.59 6.38
N PRO B 156 -11.91 23.20 5.21
CA PRO B 156 -12.91 24.25 5.04
C PRO B 156 -14.32 23.94 5.60
N ALA B 157 -14.73 22.68 5.54
CA ALA B 157 -16.01 22.20 6.10
C ALA B 157 -17.22 23.03 5.70
N ALA B 158 -17.78 22.78 4.52
CA ALA B 158 -18.97 23.50 4.08
C ALA B 158 -20.28 22.91 4.62
N PHE B 159 -20.17 21.84 5.40
CA PHE B 159 -21.23 21.43 6.33
C PHE B 159 -20.61 21.04 7.67
N PRO B 160 -21.41 21.09 8.75
CA PRO B 160 -20.93 20.87 10.13
C PRO B 160 -20.73 19.39 10.42
N ASN B 161 -19.58 18.87 10.01
CA ASN B 161 -19.35 17.45 10.02
C ASN B 161 -19.34 16.88 11.42
N LEU B 162 -18.94 17.68 12.39
CA LEU B 162 -18.83 17.24 13.79
C LEU B 162 -20.14 16.63 14.29
N LEU B 163 -21.22 17.38 14.16
CA LEU B 163 -22.50 16.89 14.66
C LEU B 163 -23.09 15.85 13.71
N VAL B 164 -22.91 16.08 12.42
CA VAL B 164 -23.59 15.29 11.39
C VAL B 164 -23.16 13.83 11.37
N ASN B 165 -21.86 13.57 11.46
CA ASN B 165 -21.36 12.22 11.42
C ASN B 165 -20.88 11.69 12.77
N GLY B 166 -20.69 12.59 13.73
CA GLY B 166 -20.30 12.18 15.07
C GLY B 166 -18.83 11.82 15.16
N SER B 167 -18.47 11.12 16.23
CA SER B 167 -17.07 10.81 16.51
C SER B 167 -16.99 10.04 17.81
N THR B 168 -15.86 9.40 18.06
CA THR B 168 -15.70 8.44 19.14
C THR B 168 -14.42 7.71 18.82
N GLY B 169 -13.38 7.77 19.65
CA GLY B 169 -13.26 8.61 20.81
C GLY B 169 -12.70 7.96 22.08
N ILE B 170 -11.39 7.71 22.11
CA ILE B 170 -10.68 7.31 23.36
C ILE B 170 -9.20 7.73 23.42
N SER B 171 -8.84 8.74 24.22
CA SER B 171 -7.43 9.15 24.32
C SER B 171 -6.82 8.91 25.70
N ALA B 172 -6.06 9.89 26.20
CA ALA B 172 -5.59 9.85 27.60
C ALA B 172 -6.23 10.96 28.45
N GLY B 173 -6.88 10.58 29.55
CA GLY B 173 -7.52 11.54 30.43
C GLY B 173 -8.84 12.10 29.90
N TYR B 174 -9.13 11.81 28.64
CA TYR B 174 -10.38 12.18 27.98
C TYR B 174 -10.75 11.11 26.95
N ALA B 175 -12.05 11.01 26.70
CA ALA B 175 -12.61 10.14 25.69
C ALA B 175 -13.67 10.98 25.01
N THR B 176 -14.27 10.48 23.92
CA THR B 176 -15.35 11.23 23.30
C THR B 176 -16.38 10.35 22.59
N ASP B 177 -17.64 10.70 22.76
CA ASP B 177 -18.76 10.11 22.02
C ASP B 177 -19.76 11.21 21.67
N ILE B 178 -19.92 11.43 20.38
CA ILE B 178 -20.86 12.41 19.86
C ILE B 178 -21.64 11.61 18.82
N PRO B 179 -22.97 11.56 18.98
CA PRO B 179 -23.78 10.78 18.04
C PRO B 179 -23.96 11.55 16.74
N PRO B 180 -24.39 10.86 15.67
CA PRO B 180 -24.65 11.44 14.34
C PRO B 180 -25.94 12.21 14.35
N HIS B 181 -26.10 13.15 13.43
CA HIS B 181 -27.30 13.98 13.37
C HIS B 181 -27.81 14.16 11.94
N ASN B 182 -29.07 14.53 11.79
CA ASN B 182 -29.64 14.82 10.50
C ASN B 182 -29.00 16.08 9.92
N LEU B 183 -28.48 15.99 8.70
CA LEU B 183 -27.76 17.10 8.09
C LEU B 183 -28.60 18.39 8.02
N ALA B 184 -29.84 18.27 7.55
CA ALA B 184 -30.73 19.44 7.44
C ALA B 184 -31.06 20.09 8.79
N GLU B 185 -31.28 19.26 9.80
CA GLU B 185 -31.58 19.80 11.12
C GLU B 185 -30.39 20.56 11.67
N VAL B 186 -29.19 19.98 11.64
CA VAL B 186 -28.00 20.71 12.09
C VAL B 186 -27.90 22.06 11.38
N ILE B 187 -28.11 22.06 10.07
CA ILE B 187 -27.96 23.29 9.30
C ILE B 187 -29.02 24.32 9.68
N ASP B 188 -30.22 23.85 9.98
CA ASP B 188 -31.27 24.74 10.45
C ASP B 188 -30.83 25.45 11.74
N ALA B 189 -30.33 24.67 12.69
CA ALA B 189 -29.82 25.23 13.93
C ALA B 189 -28.77 26.28 13.68
N ALA B 190 -27.78 25.94 12.87
CA ALA B 190 -26.67 26.84 12.57
C ALA B 190 -27.18 28.13 11.96
N VAL B 191 -28.13 28.02 11.04
CA VAL B 191 -28.66 29.18 10.37
C VAL B 191 -29.36 30.11 11.37
N TYR B 192 -30.13 29.51 12.28
CA TYR B 192 -30.77 30.28 13.33
C TYR B 192 -29.73 31.01 14.18
N MET B 193 -28.72 30.27 14.62
CA MET B 193 -27.71 30.83 15.52
C MET B 193 -26.88 31.93 14.86
N ILE B 194 -26.94 31.98 13.53
CA ILE B 194 -26.17 32.94 12.77
C ILE B 194 -26.88 34.28 12.87
N ASP B 195 -28.22 34.20 12.88
CA ASP B 195 -29.12 35.35 13.02
C ASP B 195 -29.34 35.74 14.49
N HIS B 196 -29.18 34.77 15.38
CA HIS B 196 -29.48 34.93 16.78
C HIS B 196 -28.35 34.35 17.62
N PRO B 197 -27.20 35.02 17.62
CA PRO B 197 -25.97 34.45 18.19
C PRO B 197 -26.06 34.08 19.66
N THR B 198 -27.09 34.55 20.35
CA THR B 198 -27.25 34.23 21.77
C THR B 198 -28.31 33.17 22.04
N ALA B 199 -28.73 32.46 21.00
CA ALA B 199 -29.83 31.50 21.12
C ALA B 199 -29.57 30.43 22.19
N LYS B 200 -30.63 30.01 22.85
CA LYS B 200 -30.49 29.07 23.95
C LYS B 200 -30.99 27.68 23.54
N ILE B 201 -30.52 26.66 24.24
CA ILE B 201 -30.84 25.29 23.90
C ILE B 201 -32.30 25.05 23.52
N ASP B 202 -33.21 25.36 24.42
CA ASP B 202 -34.62 25.10 24.16
C ASP B 202 -35.05 25.57 22.78
N LYS B 203 -34.53 26.71 22.33
CA LYS B 203 -34.89 27.24 21.02
C LYS B 203 -34.19 26.44 19.92
N LEU B 204 -32.89 26.23 20.06
CA LEU B 204 -32.15 25.44 19.06
C LEU B 204 -32.81 24.09 18.89
N MET B 205 -33.36 23.55 19.97
CA MET B 205 -33.95 22.23 19.91
C MET B 205 -35.25 22.19 19.13
N GLU B 206 -35.77 23.35 18.76
CA GLU B 206 -36.87 23.39 17.82
C GLU B 206 -36.37 23.03 16.39
N PHE B 207 -35.08 23.26 16.13
CA PHE B 207 -34.50 22.90 14.84
C PHE B 207 -33.74 21.59 14.91
N LEU B 208 -33.09 21.36 16.05
CA LEU B 208 -32.25 20.20 16.27
C LEU B 208 -32.75 19.38 17.46
N PRO B 209 -33.79 18.55 17.25
CA PRO B 209 -34.48 17.84 18.32
C PRO B 209 -33.69 16.71 18.98
N GLY B 210 -32.67 16.21 18.30
CA GLY B 210 -31.92 15.09 18.82
C GLY B 210 -31.10 14.38 17.76
N PRO B 211 -30.32 13.39 18.19
CA PRO B 211 -29.45 12.66 17.26
C PRO B 211 -30.29 11.96 16.20
N ASP B 212 -29.68 11.57 15.09
CA ASP B 212 -30.36 10.84 14.02
C ASP B 212 -29.40 9.76 13.54
N PHE B 213 -29.59 8.53 14.01
CA PHE B 213 -28.67 7.44 13.68
C PHE B 213 -28.88 6.89 12.28
N PRO B 214 -27.80 6.46 11.62
CA PRO B 214 -27.89 5.80 10.32
C PRO B 214 -28.73 4.54 10.46
N THR B 215 -28.65 3.95 11.64
CA THR B 215 -29.24 2.66 11.91
C THR B 215 -30.69 2.80 12.37
N GLY B 216 -31.15 4.04 12.50
CA GLY B 216 -32.56 4.30 12.75
C GLY B 216 -33.04 4.14 14.19
N ALA B 217 -34.03 3.28 14.39
CA ALA B 217 -34.60 2.96 15.72
C ALA B 217 -35.30 4.13 16.42
N ILE B 218 -35.58 3.93 17.71
CA ILE B 218 -36.32 4.91 18.54
C ILE B 218 -35.43 5.51 19.63
N ILE B 219 -35.35 6.83 19.66
CA ILE B 219 -34.60 7.50 20.73
C ILE B 219 -35.55 8.10 21.78
N GLN B 220 -35.45 7.59 23.01
CA GLN B 220 -36.30 7.99 24.13
C GLN B 220 -35.48 8.85 25.11
N GLY B 221 -35.96 10.04 25.44
CA GLY B 221 -35.33 10.83 26.50
C GLY B 221 -35.07 12.30 26.23
N ARG B 222 -36.13 13.04 25.88
CA ARG B 222 -36.05 14.48 25.62
C ARG B 222 -35.29 15.22 26.74
N ASP B 223 -35.52 14.83 27.99
CA ASP B 223 -34.83 15.44 29.13
C ASP B 223 -33.31 15.33 29.03
N GLU B 224 -32.79 14.10 28.88
CA GLU B 224 -31.34 13.87 28.82
C GLU B 224 -30.69 14.43 27.55
N ILE B 225 -31.44 14.47 26.45
CA ILE B 225 -30.90 15.11 25.27
C ILE B 225 -30.54 16.58 25.62
N LYS B 226 -31.44 17.27 26.33
CA LYS B 226 -31.17 18.66 26.69
C LYS B 226 -29.95 18.77 27.61
N LYS B 227 -29.90 17.96 28.65
CA LYS B 227 -28.71 17.94 29.51
C LYS B 227 -27.47 17.78 28.60
N ALA B 228 -27.51 16.84 27.66
CA ALA B 228 -26.36 16.59 26.77
C ALA B 228 -26.05 17.81 25.90
N TYR B 229 -27.06 18.32 25.22
CA TYR B 229 -26.87 19.46 24.34
C TYR B 229 -26.39 20.67 25.13
N GLU B 230 -26.51 20.58 26.45
CA GLU B 230 -26.20 21.70 27.33
C GLU B 230 -24.83 21.55 27.98
N THR B 231 -24.51 20.33 28.42
CA THR B 231 -23.28 20.10 29.18
C THR B 231 -22.24 19.27 28.45
N GLY B 232 -22.66 18.53 27.43
CA GLY B 232 -21.78 17.60 26.76
C GLY B 232 -21.99 16.16 27.19
N LYS B 233 -22.60 15.94 28.36
CA LYS B 233 -22.93 14.60 28.81
C LYS B 233 -24.44 14.40 28.98
N GLY B 234 -24.86 13.13 28.88
CA GLY B 234 -26.26 12.75 28.91
C GLY B 234 -26.41 11.26 28.63
N ARG B 235 -27.52 10.69 29.07
CA ARG B 235 -27.78 9.24 28.94
C ARG B 235 -29.19 9.11 28.39
N VAL B 236 -29.27 8.83 27.10
CA VAL B 236 -30.54 8.69 26.42
C VAL B 236 -30.79 7.20 26.12
N VAL B 237 -32.03 6.84 25.78
CA VAL B 237 -32.32 5.44 25.48
C VAL B 237 -32.49 5.24 23.99
N VAL B 238 -32.19 4.04 23.53
CA VAL B 238 -32.28 3.68 22.12
C VAL B 238 -32.89 2.29 21.98
N ARG B 239 -34.07 2.24 21.38
CA ARG B 239 -34.87 1.03 21.36
C ARG B 239 -35.17 0.62 19.93
N SER B 240 -35.07 -0.69 19.68
CA SER B 240 -35.28 -1.23 18.35
C SER B 240 -36.71 -0.99 17.85
N LYS B 241 -36.85 -0.49 16.62
CA LYS B 241 -38.15 -0.52 15.96
C LYS B 241 -38.60 -1.96 15.71
N THR B 242 -39.85 -2.26 16.02
CA THR B 242 -40.39 -3.63 16.00
C THR B 242 -41.86 -3.66 15.54
N GLU B 243 -42.33 -4.84 15.15
CA GLU B 243 -43.69 -5.01 14.67
C GLU B 243 -44.10 -6.43 15.00
N ILE B 244 -45.39 -6.72 14.96
CA ILE B 244 -45.84 -8.07 15.20
C ILE B 244 -46.54 -8.61 13.98
N GLU B 245 -46.23 -9.84 13.61
CA GLU B 245 -46.90 -10.47 12.48
C GLU B 245 -47.71 -11.66 12.98
N LYS B 246 -48.88 -11.84 12.39
CA LYS B 246 -49.71 -12.99 12.73
C LYS B 246 -49.26 -14.17 11.88
N LEU B 247 -49.30 -15.36 12.48
CA LEU B 247 -49.00 -16.59 11.75
C LEU B 247 -50.15 -17.59 11.90
N LYS B 248 -50.19 -18.56 10.99
CA LYS B 248 -51.18 -19.63 11.05
C LYS B 248 -50.99 -20.41 12.35
N GLY B 249 -52.03 -21.09 12.79
CA GLY B 249 -51.97 -21.80 14.05
C GLY B 249 -51.89 -20.86 15.24
N GLY B 250 -52.52 -19.69 15.11
CA GLY B 250 -52.64 -18.74 16.20
C GLY B 250 -51.36 -18.40 16.92
N LYS B 251 -50.25 -18.38 16.17
CA LYS B 251 -48.94 -18.05 16.71
C LYS B 251 -48.49 -16.69 16.18
N GLU B 252 -48.14 -15.79 17.09
CA GLU B 252 -47.67 -14.45 16.73
C GLU B 252 -46.14 -14.45 16.47
N GLN B 253 -45.62 -13.42 15.81
CA GLN B 253 -44.19 -13.35 15.50
C GLN B 253 -43.64 -11.94 15.66
N ILE B 254 -42.56 -11.81 16.44
CA ILE B 254 -41.91 -10.50 16.62
C ILE B 254 -40.85 -10.22 15.55
N VAL B 255 -40.96 -9.09 14.87
CA VAL B 255 -40.07 -8.77 13.77
C VAL B 255 -39.36 -7.45 14.01
N ILE B 256 -38.03 -7.50 13.97
CA ILE B 256 -37.22 -6.31 14.20
C ILE B 256 -36.68 -5.78 12.90
N THR B 257 -36.89 -4.50 12.61
CA THR B 257 -36.46 -3.95 11.33
C THR B 257 -35.40 -2.87 11.41
N GLU B 258 -35.10 -2.44 12.63
CA GLU B 258 -34.06 -1.45 12.87
C GLU B 258 -33.48 -1.72 14.25
N ILE B 259 -32.18 -1.56 14.39
CA ILE B 259 -31.55 -1.83 15.67
C ILE B 259 -30.66 -0.65 16.11
N PRO B 260 -30.27 -0.66 17.38
CA PRO B 260 -29.57 0.47 18.02
C PRO B 260 -28.18 0.69 17.47
N TYR B 261 -27.81 1.95 17.27
CA TYR B 261 -26.49 2.35 16.81
C TYR B 261 -25.35 1.61 17.50
N GLU B 262 -24.34 1.23 16.71
CA GLU B 262 -23.11 0.62 17.20
C GLU B 262 -23.30 -0.83 17.65
N ILE B 263 -24.48 -1.39 17.40
CA ILE B 263 -24.73 -2.76 17.83
C ILE B 263 -24.55 -3.73 16.68
N ASN B 264 -23.78 -4.78 16.94
CA ASN B 264 -23.47 -5.82 15.95
C ASN B 264 -24.65 -6.79 15.76
N LYS B 265 -25.27 -6.78 14.58
CA LYS B 265 -26.51 -7.55 14.36
C LYS B 265 -26.35 -9.03 14.71
N ALA B 266 -25.20 -9.59 14.42
CA ALA B 266 -24.98 -11.02 14.58
C ALA B 266 -24.93 -11.41 16.04
N ASN B 267 -24.24 -10.61 16.85
CA ASN B 267 -24.18 -10.89 18.28
C ASN B 267 -25.57 -10.79 18.88
N LEU B 268 -26.27 -9.72 18.52
CA LEU B 268 -27.62 -9.49 19.05
C LEU B 268 -28.51 -10.68 18.75
N VAL B 269 -28.44 -11.18 17.52
CA VAL B 269 -29.23 -12.35 17.17
C VAL B 269 -28.83 -13.60 17.97
N LYS B 270 -27.55 -13.74 18.34
CA LYS B 270 -27.13 -14.88 19.16
C LYS B 270 -27.62 -14.73 20.60
N LYS B 271 -27.33 -13.59 21.20
CA LYS B 271 -27.75 -13.29 22.56
C LYS B 271 -29.27 -13.48 22.77
N ILE B 272 -30.07 -13.06 21.80
CA ILE B 272 -31.52 -13.30 21.85
C ILE B 272 -31.78 -14.79 21.79
N ASP B 273 -31.12 -15.48 20.86
CA ASP B 273 -31.28 -16.92 20.80
C ASP B 273 -30.77 -17.63 22.05
N ASP B 274 -29.80 -17.04 22.73
CA ASP B 274 -29.35 -17.54 24.03
C ASP B 274 -30.48 -17.45 25.05
N VAL B 275 -31.28 -16.40 24.96
CA VAL B 275 -32.44 -16.25 25.82
C VAL B 275 -33.39 -17.43 25.61
N ARG B 276 -33.64 -17.80 24.36
CA ARG B 276 -34.49 -18.96 24.10
C ARG B 276 -33.88 -20.24 24.65
N VAL B 277 -32.62 -20.50 24.29
CA VAL B 277 -31.92 -21.71 24.72
C VAL B 277 -31.87 -21.85 26.23
N ASN B 278 -31.71 -20.72 26.91
CA ASN B 278 -31.63 -20.76 28.35
C ASN B 278 -33.01 -20.63 28.95
N ASN B 279 -34.02 -20.59 28.09
CA ASN B 279 -35.39 -20.41 28.52
C ASN B 279 -35.50 -19.31 29.56
N LYS B 280 -34.82 -18.20 29.34
CA LYS B 280 -34.80 -17.11 30.32
C LYS B 280 -36.16 -16.42 30.47
N VAL B 281 -36.95 -16.43 29.40
CA VAL B 281 -38.35 -16.00 29.45
C VAL B 281 -39.10 -17.02 28.60
N ALA B 282 -40.35 -17.34 28.95
CA ALA B 282 -41.04 -18.42 28.25
C ALA B 282 -41.61 -17.98 26.91
N GLY B 283 -41.63 -18.89 25.93
CA GLY B 283 -42.40 -18.66 24.72
C GLY B 283 -41.67 -18.54 23.38
N ILE B 284 -40.34 -18.65 23.38
CA ILE B 284 -39.61 -18.43 22.14
C ILE B 284 -39.39 -19.70 21.32
N ALA B 285 -40.09 -19.77 20.19
CA ALA B 285 -40.04 -20.93 19.31
C ALA B 285 -38.71 -21.03 18.57
N GLU B 286 -38.29 -19.91 17.96
CA GLU B 286 -37.11 -19.90 17.13
C GLU B 286 -36.68 -18.47 16.80
N VAL B 287 -35.39 -18.26 16.64
CA VAL B 287 -34.89 -16.95 16.22
C VAL B 287 -34.26 -17.05 14.84
N ARG B 288 -34.34 -16.00 14.04
CA ARG B 288 -33.95 -16.09 12.65
C ARG B 288 -33.51 -14.75 12.08
N ASP B 289 -32.29 -14.68 11.56
CA ASP B 289 -31.90 -13.50 10.79
C ASP B 289 -32.40 -13.73 9.37
N GLU B 290 -33.24 -12.83 8.90
CA GLU B 290 -33.79 -12.93 7.56
C GLU B 290 -33.32 -11.75 6.71
N SER B 291 -32.50 -10.90 7.32
CA SER B 291 -31.85 -9.79 6.62
C SER B 291 -31.21 -10.28 5.32
N ASP B 292 -31.37 -9.49 4.27
CA ASP B 292 -30.73 -9.74 3.00
C ASP B 292 -30.36 -8.40 2.37
N ARG B 293 -29.57 -8.45 1.30
CA ARG B 293 -28.99 -7.25 0.67
C ARG B 293 -29.91 -6.00 0.67
N ASP B 294 -31.21 -6.18 0.63
CA ASP B 294 -32.09 -5.01 0.67
C ASP B 294 -33.11 -5.00 1.81
N GLY B 295 -32.60 -5.05 3.04
CA GLY B 295 -33.46 -4.89 4.21
C GLY B 295 -33.09 -5.71 5.43
N LEU B 296 -32.99 -5.06 6.59
CA LEU B 296 -32.78 -5.76 7.86
C LEU B 296 -34.09 -6.44 8.33
N ARG B 297 -33.97 -7.63 8.91
CA ARG B 297 -35.15 -8.34 9.37
C ARG B 297 -34.83 -9.52 10.26
N ILE B 298 -35.02 -9.33 11.55
CA ILE B 298 -34.89 -10.41 12.52
C ILE B 298 -36.30 -10.83 12.97
N ALA B 299 -36.64 -12.11 12.78
CA ALA B 299 -37.95 -12.61 13.15
C ALA B 299 -37.81 -13.45 14.42
N ILE B 300 -38.60 -13.14 15.43
CA ILE B 300 -38.65 -13.94 16.65
C ILE B 300 -40.00 -14.65 16.78
N GLU B 301 -40.05 -15.85 16.22
CA GLU B 301 -41.28 -16.65 16.24
C GLU B 301 -41.61 -17.13 17.65
N LEU B 302 -42.84 -16.92 18.07
CA LEU B 302 -43.24 -17.30 19.43
C LEU B 302 -44.07 -18.57 19.41
N LYS B 303 -44.21 -19.20 20.58
CA LYS B 303 -45.00 -20.43 20.68
C LYS B 303 -46.50 -20.08 20.73
N LYS B 304 -47.35 -21.12 20.73
CA LYS B 304 -48.81 -20.96 20.62
C LYS B 304 -49.44 -20.01 21.65
N ASP B 305 -49.53 -20.47 22.88
CA ASP B 305 -50.14 -19.66 23.92
C ASP B 305 -49.05 -18.87 24.64
N ALA B 306 -48.31 -18.07 23.87
CA ALA B 306 -47.17 -17.32 24.40
C ALA B 306 -47.45 -15.82 24.54
N ASN B 307 -47.10 -15.27 25.70
CA ASN B 307 -47.35 -13.87 26.00
C ASN B 307 -46.38 -12.95 25.23
N THR B 308 -46.80 -12.47 24.07
CA THR B 308 -45.87 -11.70 23.26
C THR B 308 -45.39 -10.40 23.96
N GLU B 309 -46.20 -9.87 24.85
CA GLU B 309 -45.77 -8.69 25.61
C GLU B 309 -44.65 -9.00 26.61
N LEU B 310 -44.66 -10.20 27.17
CA LEU B 310 -43.65 -10.58 28.15
C LEU B 310 -42.29 -10.74 27.47
N VAL B 311 -42.27 -11.46 26.35
CA VAL B 311 -41.06 -11.72 25.57
C VAL B 311 -40.43 -10.41 25.09
N LEU B 312 -41.24 -9.56 24.47
CA LEU B 312 -40.72 -8.32 23.92
C LEU B 312 -40.02 -7.52 25.00
N ASN B 313 -40.69 -7.37 26.13
CA ASN B 313 -40.17 -6.57 27.24
C ASN B 313 -38.90 -7.15 27.81
N TYR B 314 -38.84 -8.46 27.92
CA TYR B 314 -37.68 -9.09 28.51
C TYR B 314 -36.46 -8.89 27.61
N LEU B 315 -36.67 -8.99 26.29
CA LEU B 315 -35.58 -8.79 25.35
C LEU B 315 -35.07 -7.36 25.42
N PHE B 316 -35.97 -6.42 25.65
CA PHE B 316 -35.57 -5.03 25.78
C PHE B 316 -34.70 -4.79 27.01
N LYS B 317 -35.05 -5.41 28.13
CA LYS B 317 -34.32 -5.15 29.36
C LYS B 317 -33.00 -5.89 29.33
N TYR B 318 -33.06 -7.19 29.00
CA TYR B 318 -31.93 -8.10 29.18
C TYR B 318 -31.09 -8.41 27.92
N THR B 319 -31.47 -7.85 26.78
CA THR B 319 -30.53 -7.82 25.69
C THR B 319 -30.29 -6.39 25.19
N ASP B 320 -29.70 -6.33 24.01
CA ASP B 320 -29.29 -5.07 23.43
C ASP B 320 -30.30 -4.62 22.39
N LEU B 321 -31.40 -5.36 22.26
CA LEU B 321 -32.56 -4.87 21.51
C LEU B 321 -32.86 -3.43 21.98
N GLN B 322 -32.43 -3.13 23.19
CA GLN B 322 -32.45 -1.78 23.70
C GLN B 322 -31.26 -1.57 24.64
N ILE B 323 -30.57 -0.45 24.40
CA ILE B 323 -29.35 -0.08 25.09
C ILE B 323 -29.48 1.36 25.57
N ASN B 324 -28.56 1.78 26.43
CA ASN B 324 -28.37 3.21 26.70
C ASN B 324 -27.22 3.81 25.85
N TYR B 325 -27.45 4.99 25.29
CA TYR B 325 -26.41 5.75 24.61
C TYR B 325 -25.98 6.95 25.45
N ASN B 326 -24.67 7.12 25.63
CA ASN B 326 -24.13 8.17 26.48
C ASN B 326 -23.37 9.28 25.74
N PHE B 327 -23.98 10.45 25.56
CA PHE B 327 -23.20 11.54 25.01
C PHE B 327 -22.03 11.77 25.95
N ASN B 328 -20.86 11.99 25.37
CA ASN B 328 -19.73 12.55 26.08
C ASN B 328 -18.94 13.41 25.08
N MET B 329 -19.57 14.49 24.64
CA MET B 329 -19.06 15.31 23.58
C MET B 329 -17.82 16.12 23.96
N VAL B 330 -16.67 15.59 23.53
CA VAL B 330 -15.38 16.23 23.72
C VAL B 330 -14.67 16.42 22.38
N ALA B 331 -14.16 17.63 22.16
CA ALA B 331 -13.50 17.95 20.91
C ALA B 331 -12.32 18.89 21.17
N ILE B 332 -11.42 18.99 20.20
CA ILE B 332 -10.27 19.85 20.33
C ILE B 332 -10.63 21.26 19.88
N ASP B 333 -10.54 22.20 20.80
CA ASP B 333 -10.79 23.60 20.51
C ASP B 333 -9.59 24.40 20.94
N ASN B 334 -9.10 25.27 20.06
CA ASN B 334 -7.88 26.01 20.36
C ASN B 334 -6.83 25.10 21.00
N PHE B 335 -6.62 23.95 20.37
CA PHE B 335 -5.51 23.06 20.68
C PHE B 335 -5.63 22.26 21.96
N THR B 336 -6.74 22.39 22.67
CA THR B 336 -6.90 21.65 23.90
C THR B 336 -8.27 20.98 23.96
N PRO B 337 -8.38 19.89 24.71
CA PRO B 337 -9.67 19.19 24.75
C PRO B 337 -10.70 19.99 25.50
N ARG B 338 -11.98 19.85 25.14
CA ARG B 338 -13.04 20.65 25.75
C ARG B 338 -14.36 19.89 25.72
N GLN B 339 -14.93 19.63 26.89
CA GLN B 339 -16.27 19.07 26.92
C GLN B 339 -17.24 20.14 26.41
N VAL B 340 -18.03 19.82 25.40
CA VAL B 340 -18.85 20.85 24.80
C VAL B 340 -20.28 20.46 24.52
N GLY B 341 -21.16 21.43 24.69
CA GLY B 341 -22.55 21.29 24.32
C GLY B 341 -22.75 21.90 22.95
N ILE B 342 -23.99 21.90 22.51
CA ILE B 342 -24.37 22.28 21.17
C ILE B 342 -23.90 23.69 20.81
N VAL B 343 -23.87 24.59 21.80
CA VAL B 343 -23.59 26.00 21.54
C VAL B 343 -22.13 26.28 21.24
N PRO B 344 -21.22 25.71 22.03
CA PRO B 344 -19.80 25.84 21.70
C PRO B 344 -19.52 25.24 20.34
N ILE B 345 -20.14 24.11 20.05
CA ILE B 345 -20.00 23.45 18.76
C ILE B 345 -20.47 24.34 17.60
N LEU B 346 -21.76 24.66 17.56
CA LEU B 346 -22.29 25.46 16.46
C LEU B 346 -21.62 26.81 16.25
N SER B 347 -21.06 27.38 17.31
CA SER B 347 -20.52 28.74 17.17
C SER B 347 -19.09 28.63 16.74
N SER B 348 -18.41 27.60 17.24
CA SER B 348 -17.09 27.27 16.74
C SER B 348 -17.13 27.02 15.23
N TYR B 349 -18.19 26.35 14.80
CA TYR B 349 -18.38 26.07 13.39
C TYR B 349 -18.61 27.35 12.60
N ILE B 350 -19.51 28.20 13.13
CA ILE B 350 -19.84 29.48 12.54
C ILE B 350 -18.62 30.40 12.43
N ALA B 351 -17.78 30.37 13.45
CA ALA B 351 -16.60 31.23 13.49
C ALA B 351 -15.59 30.76 12.48
N HIS B 352 -15.45 29.44 12.39
CA HIS B 352 -14.60 28.81 11.38
C HIS B 352 -15.08 29.08 9.94
N ARG B 353 -16.37 28.87 9.66
CA ARG B 353 -16.91 29.23 8.35
C ARG B 353 -16.69 30.69 8.02
N ARG B 354 -16.38 31.49 9.03
CA ARG B 354 -16.21 32.92 8.82
C ARG B 354 -14.82 33.20 8.28
N GLU B 355 -13.83 32.70 9.00
CA GLU B 355 -12.44 32.78 8.56
C GLU B 355 -12.31 32.26 7.13
N VAL B 356 -13.02 31.18 6.83
CA VAL B 356 -12.94 30.52 5.53
C VAL B 356 -13.49 31.38 4.39
N ILE B 357 -14.65 32.00 4.61
CA ILE B 357 -15.26 32.84 3.59
C ILE B 357 -14.51 34.18 3.42
N LEU B 358 -13.94 34.67 4.51
CA LEU B 358 -13.12 35.86 4.45
C LEU B 358 -11.82 35.60 3.66
N ALA B 359 -11.10 34.55 4.03
CA ALA B 359 -9.93 34.11 3.27
C ALA B 359 -10.32 33.79 1.83
N ARG B 360 -11.35 32.98 1.65
CA ARG B 360 -11.76 32.68 0.29
C ARG B 360 -11.96 33.97 -0.50
N SER B 361 -12.56 34.98 0.12
CA SER B 361 -12.90 36.20 -0.60
C SER B 361 -11.69 37.08 -0.91
N ARG B 362 -10.75 37.17 0.03
CA ARG B 362 -9.54 37.93 -0.24
C ARG B 362 -8.81 37.30 -1.42
N PHE B 363 -8.70 35.97 -1.40
CA PHE B 363 -7.98 35.27 -2.44
C PHE B 363 -8.60 35.57 -3.80
N ASP B 364 -9.90 35.38 -3.92
CA ASP B 364 -10.56 35.68 -5.19
C ASP B 364 -10.49 37.16 -5.59
N LYS B 365 -10.56 38.07 -4.62
CA LYS B 365 -10.46 39.49 -4.94
C LYS B 365 -9.09 39.78 -5.56
N GLU B 366 -8.03 39.31 -4.90
CA GLU B 366 -6.68 39.50 -5.39
C GLU B 366 -6.50 38.98 -6.84
N LYS B 367 -7.04 37.81 -7.12
CA LYS B 367 -7.00 37.21 -8.46
C LYS B 367 -7.68 38.10 -9.48
N ALA B 368 -8.84 38.61 -9.11
CA ALA B 368 -9.61 39.48 -9.99
C ALA B 368 -8.95 40.83 -10.25
N GLU B 369 -8.24 41.35 -9.24
CA GLU B 369 -7.62 42.67 -9.37
C GLU B 369 -6.48 42.56 -10.34
N LYS B 370 -5.69 41.51 -10.17
CA LYS B 370 -4.52 41.27 -10.99
C LYS B 370 -4.94 41.14 -12.46
N ARG B 371 -6.00 40.39 -12.68
CA ARG B 371 -6.55 40.19 -14.00
C ARG B 371 -7.12 41.48 -14.59
N LEU B 372 -7.89 42.21 -13.77
CA LEU B 372 -8.45 43.50 -14.16
C LEU B 372 -7.35 44.42 -14.63
N HIS B 373 -6.23 44.40 -13.92
CA HIS B 373 -5.11 45.26 -14.22
C HIS B 373 -4.57 44.94 -15.62
N ILE B 374 -4.43 43.65 -15.93
CA ILE B 374 -4.02 43.20 -17.27
C ILE B 374 -5.03 43.66 -18.33
N VAL B 375 -6.31 43.42 -18.04
CA VAL B 375 -7.37 43.75 -18.98
C VAL B 375 -7.42 45.25 -19.32
N GLU B 376 -7.21 46.11 -18.32
CA GLU B 376 -7.13 47.55 -18.57
C GLU B 376 -5.97 47.88 -19.50
N GLY B 377 -4.84 47.19 -19.30
CA GLY B 377 -3.69 47.36 -20.16
C GLY B 377 -3.98 46.98 -21.61
N LEU B 378 -4.61 45.83 -21.80
CA LEU B 378 -4.91 45.32 -23.13
C LEU B 378 -5.92 46.19 -23.87
N ILE B 379 -6.87 46.75 -23.14
CA ILE B 379 -7.83 47.67 -23.72
C ILE B 379 -7.13 48.90 -24.31
N ARG B 380 -6.16 49.43 -23.58
CA ARG B 380 -5.38 50.58 -24.03
C ARG B 380 -4.53 50.22 -25.24
N VAL B 381 -3.97 49.01 -25.21
CA VAL B 381 -3.02 48.58 -26.21
C VAL B 381 -3.66 48.51 -27.59
N ILE B 382 -4.87 47.97 -27.64
CA ILE B 382 -5.56 47.82 -28.90
C ILE B 382 -5.66 49.12 -29.72
N SER B 383 -5.70 50.25 -29.05
CA SER B 383 -5.89 51.49 -29.78
C SER B 383 -4.56 52.06 -30.23
N ILE B 384 -3.48 51.51 -29.68
CA ILE B 384 -2.13 51.87 -30.11
C ILE B 384 -1.33 50.67 -30.67
N LEU B 385 -2.06 49.68 -31.19
CA LEU B 385 -1.48 48.40 -31.58
C LEU B 385 -0.23 48.49 -32.45
N ASP B 386 -0.31 49.29 -33.50
CA ASP B 386 0.79 49.42 -34.44
C ASP B 386 2.00 50.12 -33.82
N GLU B 387 1.73 51.13 -32.99
CA GLU B 387 2.79 51.83 -32.31
C GLU B 387 3.50 50.87 -31.36
N VAL B 388 2.72 50.01 -30.73
CA VAL B 388 3.25 49.08 -29.74
C VAL B 388 4.11 48.01 -30.42
N ILE B 389 3.60 47.46 -31.52
CA ILE B 389 4.40 46.59 -32.37
C ILE B 389 5.70 47.28 -32.83
N ALA B 390 5.59 48.44 -33.46
CA ALA B 390 6.76 49.21 -33.87
C ALA B 390 7.75 49.43 -32.70
N LEU B 391 7.22 49.78 -31.53
CA LEU B 391 8.08 50.03 -30.38
C LEU B 391 8.80 48.77 -29.92
N ILE B 392 8.13 47.63 -30.08
CA ILE B 392 8.73 46.36 -29.72
C ILE B 392 9.84 45.97 -30.74
N ARG B 393 9.51 45.97 -32.03
CA ARG B 393 10.55 45.82 -33.08
C ARG B 393 11.77 46.72 -32.82
N ALA B 394 11.53 47.94 -32.37
CA ALA B 394 12.63 48.89 -32.15
C ALA B 394 13.46 48.59 -30.91
N SER B 395 12.97 47.71 -30.05
CA SER B 395 13.69 47.42 -28.82
C SER B 395 14.80 46.39 -29.08
N GLU B 396 15.73 46.27 -28.14
CA GLU B 396 16.87 45.36 -28.31
C GLU B 396 16.53 43.94 -27.88
N ASN B 397 15.71 43.82 -26.84
CA ASN B 397 15.30 42.52 -26.31
C ASN B 397 14.07 42.66 -25.40
N LYS B 398 13.75 41.59 -24.68
CA LYS B 398 12.57 41.58 -23.83
C LYS B 398 12.52 42.75 -22.84
N ALA B 399 13.53 42.85 -21.99
CA ALA B 399 13.56 43.87 -20.94
C ALA B 399 13.55 45.28 -21.51
N ASP B 400 14.29 45.48 -22.59
CA ASP B 400 14.27 46.79 -23.24
C ASP B 400 12.88 47.12 -23.79
N ALA B 401 12.21 46.12 -24.36
CA ALA B 401 10.81 46.28 -24.77
C ALA B 401 9.89 46.77 -23.62
N LYS B 402 9.99 46.14 -22.45
CA LYS B 402 9.16 46.56 -21.32
C LYS B 402 9.46 47.98 -20.87
N GLU B 403 10.72 48.28 -20.61
CA GLU B 403 11.07 49.65 -20.21
C GLU B 403 10.54 50.64 -21.23
N ASN B 404 10.61 50.31 -22.51
CA ASN B 404 10.08 51.21 -23.51
C ASN B 404 8.55 51.31 -23.46
N LEU B 405 7.89 50.25 -23.01
CA LEU B 405 6.44 50.28 -22.88
C LEU B 405 6.04 51.15 -21.69
N LYS B 406 6.78 51.01 -20.59
CA LYS B 406 6.54 51.82 -19.39
C LYS B 406 6.78 53.31 -19.69
N VAL B 407 7.98 53.63 -20.15
CA VAL B 407 8.40 55.00 -20.42
C VAL B 407 7.60 55.73 -21.49
N SER B 408 7.13 55.01 -22.49
CA SER B 408 6.47 55.68 -23.58
C SER B 408 4.96 55.79 -23.38
N TYR B 409 4.38 54.83 -22.68
CA TYR B 409 2.92 54.77 -22.56
C TYR B 409 2.47 54.48 -21.14
N ASP B 410 3.40 54.56 -20.20
CA ASP B 410 3.04 54.44 -18.80
C ASP B 410 2.31 53.16 -18.43
N PHE B 411 2.63 52.07 -19.11
CA PHE B 411 2.17 50.77 -18.65
C PHE B 411 2.93 50.40 -17.39
N THR B 412 2.35 49.58 -16.54
CA THR B 412 3.09 49.14 -15.37
C THR B 412 3.92 47.94 -15.74
N GLU B 413 4.85 47.59 -14.86
CA GLU B 413 5.66 46.40 -15.05
C GLU B 413 4.80 45.18 -15.37
N GLU B 414 3.71 45.00 -14.65
CA GLU B 414 2.88 43.82 -14.85
C GLU B 414 2.11 43.87 -16.18
N GLN B 415 1.80 45.07 -16.63
CA GLN B 415 1.09 45.19 -17.88
C GLN B 415 2.03 44.93 -19.03
N ALA B 416 3.24 45.46 -18.94
CA ALA B 416 4.24 45.28 -19.97
C ALA B 416 4.61 43.81 -20.14
N GLU B 417 4.87 43.15 -19.01
CA GLU B 417 5.14 41.72 -19.02
C GLU B 417 4.05 40.95 -19.73
N ALA B 418 2.80 41.28 -19.47
CA ALA B 418 1.69 40.58 -20.11
C ALA B 418 1.68 40.81 -21.62
N ILE B 419 1.91 42.07 -22.02
CA ILE B 419 1.83 42.48 -23.41
C ILE B 419 2.95 41.85 -24.23
N VAL B 420 4.14 41.92 -23.68
CA VAL B 420 5.35 41.49 -24.35
C VAL B 420 5.41 39.96 -24.49
N THR B 421 4.57 39.25 -23.72
CA THR B 421 4.51 37.79 -23.80
C THR B 421 3.22 37.26 -24.44
N LEU B 422 2.50 38.13 -25.14
CA LEU B 422 1.39 37.69 -25.99
C LEU B 422 1.95 36.92 -27.20
N GLN B 423 1.18 35.96 -27.72
CA GLN B 423 1.61 35.24 -28.90
C GLN B 423 1.14 35.98 -30.14
N LEU B 424 2.01 36.03 -31.15
CA LEU B 424 1.73 36.75 -32.39
C LEU B 424 0.27 36.69 -32.81
N TYR B 425 -0.32 35.51 -32.69
CA TYR B 425 -1.63 35.29 -33.25
C TYR B 425 -2.71 36.15 -32.57
N ARG B 426 -2.41 36.67 -31.39
CA ARG B 426 -3.38 37.51 -30.70
C ARG B 426 -3.56 38.86 -31.39
N LEU B 427 -2.61 39.28 -32.21
CA LEU B 427 -2.80 40.46 -33.03
C LEU B 427 -3.94 40.31 -34.05
N THR B 428 -4.61 39.16 -34.04
CA THR B 428 -5.79 38.97 -34.88
C THR B 428 -7.05 39.16 -34.03
N ASN B 429 -7.06 38.53 -32.86
CA ASN B 429 -8.13 38.68 -31.87
C ASN B 429 -8.12 40.08 -31.27
N THR B 430 -8.80 41.00 -31.93
CA THR B 430 -8.57 42.42 -31.69
C THR B 430 -9.86 43.14 -31.31
N ASP B 431 -10.59 42.58 -30.35
CA ASP B 431 -11.94 42.99 -30.01
C ASP B 431 -12.04 43.70 -28.64
N VAL B 432 -12.16 45.02 -28.66
CA VAL B 432 -12.18 45.78 -27.41
C VAL B 432 -13.47 45.60 -26.61
N VAL B 433 -14.59 45.37 -27.30
CA VAL B 433 -15.87 45.17 -26.62
C VAL B 433 -15.89 43.87 -25.79
N VAL B 434 -15.21 42.83 -26.25
CA VAL B 434 -15.14 41.59 -25.48
C VAL B 434 -14.36 41.82 -24.18
N LEU B 435 -13.27 42.58 -24.27
CA LEU B 435 -12.46 42.91 -23.11
C LEU B 435 -13.25 43.80 -22.15
N GLN B 436 -13.97 44.80 -22.68
CA GLN B 436 -14.84 45.63 -21.85
C GLN B 436 -15.90 44.84 -21.09
N GLU B 437 -16.52 43.86 -21.74
CA GLU B 437 -17.40 42.95 -21.02
C GLU B 437 -16.67 42.29 -19.84
N GLU B 438 -15.45 41.79 -20.05
CA GLU B 438 -14.70 41.17 -18.96
C GLU B 438 -14.34 42.20 -17.84
N GLU B 439 -13.90 43.37 -18.26
CA GLU B 439 -13.61 44.47 -17.34
C GLU B 439 -14.80 44.71 -16.40
N ALA B 440 -15.99 44.87 -16.97
CA ALA B 440 -17.22 45.09 -16.17
C ALA B 440 -17.54 43.93 -15.24
N GLU B 441 -17.55 42.72 -15.78
CA GLU B 441 -17.75 41.53 -14.95
C GLU B 441 -16.80 41.57 -13.76
N LEU B 442 -15.56 41.98 -13.98
CA LEU B 442 -14.52 41.95 -12.94
C LEU B 442 -14.72 43.01 -11.87
N ARG B 443 -15.12 44.21 -12.28
CA ARG B 443 -15.42 45.30 -11.36
C ARG B 443 -16.58 44.92 -10.46
N GLU B 444 -17.62 44.36 -11.06
CA GLU B 444 -18.79 43.88 -10.35
C GLU B 444 -18.39 42.79 -9.35
N LYS B 445 -17.51 41.89 -9.78
CA LYS B 445 -17.07 40.78 -8.94
C LYS B 445 -16.28 41.32 -7.75
N ILE B 446 -15.29 42.17 -8.03
CA ILE B 446 -14.51 42.79 -6.98
C ILE B 446 -15.39 43.56 -5.97
N ALA B 447 -16.50 44.15 -6.43
CA ALA B 447 -17.35 44.92 -5.52
C ALA B 447 -18.08 43.97 -4.58
N MET B 448 -18.73 42.94 -5.14
CA MET B 448 -19.36 41.91 -4.33
C MET B 448 -18.38 41.38 -3.27
N LEU B 449 -17.15 41.09 -3.67
CA LEU B 449 -16.19 40.51 -2.76
C LEU B 449 -15.74 41.51 -1.72
N ALA B 450 -15.53 42.75 -2.14
CA ALA B 450 -15.19 43.85 -1.22
C ALA B 450 -16.24 44.00 -0.12
N ALA B 451 -17.51 44.03 -0.50
CA ALA B 451 -18.61 44.07 0.46
C ALA B 451 -18.52 42.99 1.52
N ILE B 452 -18.27 41.76 1.09
CA ILE B 452 -18.16 40.62 1.99
C ILE B 452 -17.09 40.85 3.05
N ILE B 453 -15.96 41.39 2.60
CA ILE B 453 -14.80 41.60 3.43
C ILE B 453 -15.02 42.75 4.39
N GLY B 454 -15.81 43.74 3.97
CA GLY B 454 -15.99 44.95 4.76
C GLY B 454 -17.27 45.07 5.58
N ASP B 455 -18.08 44.02 5.63
CA ASP B 455 -19.34 44.09 6.34
C ASP B 455 -19.78 42.74 6.88
N GLU B 456 -19.68 42.58 8.19
CA GLU B 456 -20.04 41.34 8.85
C GLU B 456 -21.42 40.77 8.49
N ARG B 457 -22.41 41.61 8.25
CA ARG B 457 -23.73 41.08 7.92
C ARG B 457 -23.76 40.47 6.53
N THR B 458 -23.14 41.14 5.57
CA THR B 458 -23.13 40.64 4.20
C THR B 458 -22.44 39.26 4.13
N MET B 459 -21.40 39.07 4.95
CA MET B 459 -20.69 37.82 5.03
C MET B 459 -21.49 36.71 5.73
N TYR B 460 -22.25 37.08 6.75
CA TYR B 460 -23.10 36.11 7.43
C TYR B 460 -24.24 35.65 6.51
N ASN B 461 -24.74 36.58 5.71
CA ASN B 461 -25.74 36.24 4.71
C ASN B 461 -25.21 35.27 3.68
N LEU B 462 -23.95 35.44 3.32
CA LEU B 462 -23.31 34.52 2.38
C LEU B 462 -23.16 33.12 3.02
N MET B 463 -22.83 33.06 4.33
CA MET B 463 -22.79 31.78 5.06
C MET B 463 -24.15 31.11 5.10
N LYS B 464 -25.22 31.89 5.28
CA LYS B 464 -26.54 31.29 5.39
C LYS B 464 -26.92 30.73 4.03
N LYS B 465 -26.77 31.56 3.01
CA LYS B 465 -27.10 31.16 1.64
C LYS B 465 -26.37 29.88 1.17
N GLU B 466 -25.13 29.70 1.61
CA GLU B 466 -24.37 28.50 1.26
C GLU B 466 -24.83 27.30 2.06
N LEU B 467 -25.02 27.49 3.35
CA LEU B 467 -25.47 26.41 4.21
C LEU B 467 -26.79 25.89 3.69
N ARG B 468 -27.56 26.77 3.08
CA ARG B 468 -28.86 26.37 2.57
C ARG B 468 -28.76 25.61 1.27
N GLU B 469 -27.84 26.02 0.39
CA GLU B 469 -27.58 25.27 -0.82
C GLU B 469 -27.17 23.83 -0.51
N VAL B 470 -26.35 23.65 0.52
CA VAL B 470 -25.92 22.32 0.96
C VAL B 470 -27.08 21.51 1.53
N LYS B 471 -27.89 22.14 2.36
CA LYS B 471 -29.08 21.49 2.90
C LYS B 471 -30.01 21.09 1.77
N LYS B 472 -30.28 22.00 0.84
CA LYS B 472 -31.16 21.66 -0.27
C LYS B 472 -30.60 20.47 -1.03
N LYS B 473 -29.29 20.47 -1.22
CA LYS B 473 -28.65 19.44 -2.05
C LYS B 473 -28.45 18.07 -1.39
N PHE B 474 -28.38 18.02 -0.06
CA PHE B 474 -27.98 16.78 0.61
C PHE B 474 -28.98 16.30 1.66
N ALA B 475 -30.03 17.07 1.89
CA ALA B 475 -31.03 16.75 2.89
C ALA B 475 -31.56 15.35 2.72
N THR B 476 -31.72 14.65 3.83
CA THR B 476 -32.51 13.43 3.86
C THR B 476 -33.42 13.40 5.09
N PRO B 477 -34.51 12.63 5.02
CA PRO B 477 -35.47 12.45 6.12
C PRO B 477 -34.82 11.91 7.37
N ARG B 478 -35.32 12.26 8.56
CA ARG B 478 -34.91 11.61 9.79
C ARG B 478 -35.04 10.12 9.59
N LEU B 479 -34.16 9.36 10.25
CA LEU B 479 -34.32 7.92 10.24
C LEU B 479 -34.75 7.41 11.61
N SER B 480 -34.20 7.99 12.68
CA SER B 480 -34.63 7.64 14.03
C SER B 480 -35.77 8.55 14.54
N SER B 481 -36.77 7.92 15.15
CA SER B 481 -37.87 8.63 15.77
C SER B 481 -37.50 9.08 17.18
N LEU B 482 -38.15 10.13 17.65
CA LEU B 482 -37.89 10.65 18.99
C LEU B 482 -39.10 10.45 19.91
N GLU B 483 -38.82 10.19 21.18
CA GLU B 483 -39.87 10.04 22.19
C GLU B 483 -39.43 10.72 23.48
N ASP B 484 -40.29 11.57 24.03
CA ASP B 484 -39.99 12.27 25.28
C ASP B 484 -40.15 11.34 26.47
N GLY C 35 -15.97 -24.03 12.50
CA GLY C 35 -16.72 -23.91 11.27
C GLY C 35 -16.33 -22.71 10.44
N LYS C 36 -15.56 -22.96 9.37
CA LYS C 36 -15.23 -21.93 8.39
C LYS C 36 -16.45 -21.62 7.53
N LEU C 37 -17.39 -22.57 7.50
CA LEU C 37 -18.61 -22.52 6.68
C LEU C 37 -19.71 -21.57 7.17
N THR C 38 -20.52 -21.10 6.22
CA THR C 38 -21.74 -20.36 6.50
C THR C 38 -22.88 -21.16 5.92
N PRO C 39 -23.73 -21.73 6.79
CA PRO C 39 -24.75 -22.71 6.38
C PRO C 39 -26.05 -22.09 5.86
N ALA C 40 -26.78 -22.83 5.03
CA ALA C 40 -28.13 -22.44 4.64
C ALA C 40 -29.04 -22.54 5.86
N GLN C 41 -30.00 -21.62 5.99
CA GLN C 41 -30.87 -21.58 7.16
C GLN C 41 -31.62 -22.91 7.37
N SER C 42 -32.36 -23.34 6.35
CA SER C 42 -33.11 -24.59 6.43
C SER C 42 -32.45 -25.71 5.61
N LYS C 43 -32.53 -26.95 6.12
CA LYS C 43 -31.88 -28.11 5.48
C LYS C 43 -32.78 -28.71 4.39
N ASN C 44 -32.38 -28.56 3.13
CA ASN C 44 -33.15 -29.09 2.02
C ASN C 44 -32.26 -29.61 0.89
N PRO C 45 -31.78 -30.86 1.02
CA PRO C 45 -30.93 -31.49 0.00
C PRO C 45 -31.55 -31.50 -1.41
N ALA C 46 -32.78 -31.01 -1.57
CA ALA C 46 -33.43 -31.00 -2.88
C ALA C 46 -33.23 -29.68 -3.63
N LYS C 47 -33.03 -28.58 -2.90
CA LYS C 47 -32.78 -27.30 -3.56
C LYS C 47 -31.56 -26.55 -2.99
N ASN C 48 -30.91 -27.12 -1.98
CA ASN C 48 -29.77 -26.47 -1.35
C ASN C 48 -28.53 -26.36 -2.25
N GLU C 49 -27.79 -25.26 -2.08
CA GLU C 49 -26.64 -24.97 -2.92
C GLU C 49 -25.41 -24.69 -2.07
N LEU C 50 -24.28 -25.31 -2.43
CA LEU C 50 -23.01 -25.07 -1.74
C LEU C 50 -22.08 -24.26 -2.64
N TYR C 51 -21.63 -23.12 -2.13
CA TYR C 51 -20.76 -22.25 -2.92
C TYR C 51 -19.34 -22.33 -2.40
N LEU C 52 -18.45 -22.88 -3.23
CA LEU C 52 -17.03 -22.84 -2.90
C LEU C 52 -16.42 -21.62 -3.57
N VAL C 53 -16.06 -20.64 -2.75
CA VAL C 53 -15.61 -19.35 -3.25
C VAL C 53 -14.12 -19.22 -3.05
N GLU C 54 -13.41 -18.80 -4.11
CA GLU C 54 -11.99 -18.48 -4.00
C GLU C 54 -11.79 -17.25 -3.11
N GLY C 55 -11.37 -17.49 -1.87
CA GLY C 55 -10.96 -16.41 -0.98
C GLY C 55 -11.98 -15.97 0.05
N ASP C 56 -11.51 -15.69 1.27
CA ASP C 56 -12.36 -15.22 2.36
C ASP C 56 -13.00 -13.90 1.99
N SER C 57 -12.28 -13.07 1.25
CA SER C 57 -12.79 -11.78 0.80
C SER C 57 -14.02 -11.91 -0.09
N ALA C 58 -13.87 -12.59 -1.22
CA ALA C 58 -15.02 -12.87 -2.07
C ALA C 58 -16.07 -13.66 -1.27
N GLY C 59 -15.62 -14.50 -0.35
CA GLY C 59 -16.50 -15.25 0.52
C GLY C 59 -17.42 -14.35 1.31
N GLY C 60 -16.91 -13.18 1.70
CA GLY C 60 -17.69 -12.18 2.40
C GLY C 60 -18.82 -11.65 1.54
N SER C 61 -18.50 -11.18 0.35
CA SER C 61 -19.52 -10.65 -0.55
C SER C 61 -20.56 -11.72 -0.86
N ALA C 62 -20.11 -12.98 -0.93
CA ALA C 62 -21.00 -14.12 -1.20
C ALA C 62 -22.01 -14.33 -0.08
N LYS C 63 -21.53 -14.30 1.17
CA LYS C 63 -22.39 -14.37 2.35
C LYS C 63 -23.40 -13.21 2.38
N GLN C 64 -22.93 -12.00 2.11
CA GLN C 64 -23.79 -10.81 2.10
C GLN C 64 -24.81 -10.77 0.95
N GLY C 65 -24.40 -11.20 -0.23
CA GLY C 65 -25.27 -11.12 -1.39
C GLY C 65 -26.21 -12.29 -1.61
N ARG C 66 -26.04 -13.36 -0.84
CA ARG C 66 -26.73 -14.62 -1.08
C ARG C 66 -28.22 -14.56 -0.72
N ASP C 67 -28.94 -15.63 -1.05
CA ASP C 67 -30.24 -15.92 -0.46
C ASP C 67 -30.02 -16.94 0.64
N ARG C 68 -29.98 -16.49 1.89
CA ARG C 68 -29.58 -17.35 3.01
C ARG C 68 -30.51 -18.57 3.28
N LYS C 69 -31.70 -18.59 2.70
CA LYS C 69 -32.62 -19.67 2.99
C LYS C 69 -32.06 -21.01 2.50
N PHE C 70 -31.51 -21.02 1.29
CA PHE C 70 -31.04 -22.26 0.68
C PHE C 70 -29.61 -22.23 0.10
N GLN C 71 -28.83 -21.20 0.43
CA GLN C 71 -27.48 -21.06 -0.10
C GLN C 71 -26.44 -20.99 1.02
N ALA C 72 -25.49 -21.92 1.00
CA ALA C 72 -24.40 -21.94 1.95
C ALA C 72 -23.09 -21.44 1.31
N ILE C 73 -22.18 -20.95 2.13
CA ILE C 73 -20.94 -20.38 1.63
C ILE C 73 -19.73 -21.02 2.29
N LEU C 74 -18.81 -21.50 1.45
CA LEU C 74 -17.57 -22.08 1.93
C LEU C 74 -16.39 -21.41 1.23
N PRO C 75 -15.71 -20.51 1.94
CA PRO C 75 -14.49 -19.88 1.42
C PRO C 75 -13.35 -20.87 1.40
N LEU C 76 -12.69 -21.00 0.25
CA LEU C 76 -11.45 -21.77 0.15
C LEU C 76 -10.29 -20.78 0.30
N ARG C 77 -9.39 -21.06 1.23
CA ARG C 77 -8.33 -20.12 1.55
C ARG C 77 -6.98 -20.60 0.98
N GLY C 78 -6.67 -20.13 -0.23
CA GLY C 78 -5.44 -20.49 -0.90
C GLY C 78 -5.70 -21.51 -1.98
N LYS C 79 -4.69 -21.80 -2.80
CA LYS C 79 -4.88 -22.81 -3.84
C LYS C 79 -5.17 -24.15 -3.18
N VAL C 80 -6.13 -24.89 -3.75
CA VAL C 80 -6.51 -26.20 -3.24
C VAL C 80 -5.46 -27.26 -3.58
N ILE C 81 -5.19 -28.15 -2.63
CA ILE C 81 -4.22 -29.22 -2.83
C ILE C 81 -4.52 -30.06 -4.09
N ASN C 82 -3.47 -30.39 -4.84
CA ASN C 82 -3.61 -31.25 -6.02
C ASN C 82 -3.81 -32.73 -5.65
N THR C 83 -5.05 -33.20 -5.77
CA THR C 83 -5.39 -34.52 -5.31
C THR C 83 -4.81 -35.65 -6.17
N ALA C 84 -4.17 -35.31 -7.29
CA ALA C 84 -3.44 -36.31 -8.07
C ALA C 84 -2.01 -36.50 -7.59
N LYS C 85 -1.30 -35.39 -7.40
CA LYS C 85 0.10 -35.40 -7.02
C LYS C 85 0.35 -35.84 -5.58
N ALA C 86 -0.50 -35.38 -4.66
CA ALA C 86 -0.27 -35.62 -3.23
C ALA C 86 -0.71 -37.02 -2.81
N LYS C 87 -0.30 -37.44 -1.62
CA LYS C 87 -0.63 -38.77 -1.11
C LYS C 87 -1.99 -38.79 -0.40
N MET C 88 -2.70 -39.91 -0.51
CA MET C 88 -4.04 -40.00 0.10
C MET C 88 -3.95 -39.80 1.62
N ALA C 89 -2.72 -39.78 2.13
CA ALA C 89 -2.45 -39.46 3.53
C ALA C 89 -2.59 -37.95 3.73
N ASP C 90 -1.74 -37.20 3.05
CA ASP C 90 -1.77 -35.75 3.13
C ASP C 90 -3.07 -35.17 2.56
N ILE C 91 -3.63 -35.82 1.53
CA ILE C 91 -4.89 -35.37 0.92
C ILE C 91 -6.03 -35.32 1.94
N LEU C 92 -6.04 -36.27 2.87
CA LEU C 92 -7.10 -36.34 3.88
C LEU C 92 -6.75 -35.53 5.13
N LYS C 93 -5.50 -35.09 5.21
CA LYS C 93 -5.09 -34.22 6.31
C LYS C 93 -5.10 -32.74 5.88
N ASN C 94 -5.93 -32.41 4.89
CA ASN C 94 -6.03 -31.04 4.35
C ASN C 94 -7.32 -30.33 4.79
N GLU C 95 -7.19 -29.11 5.30
CA GLU C 95 -8.36 -28.43 5.84
C GLU C 95 -9.41 -28.17 4.76
N GLU C 96 -9.00 -27.54 3.66
CA GLU C 96 -9.96 -27.24 2.61
C GLU C 96 -10.71 -28.52 2.18
N ILE C 97 -9.95 -29.56 1.83
CA ILE C 97 -10.50 -30.88 1.46
C ILE C 97 -11.34 -31.49 2.58
N ASN C 98 -10.77 -31.55 3.79
CA ASN C 98 -11.40 -32.24 4.93
C ASN C 98 -12.75 -31.66 5.34
N THR C 99 -12.90 -30.35 5.22
CA THR C 99 -14.16 -29.71 5.60
C THR C 99 -15.21 -29.74 4.48
N MET C 100 -14.77 -29.85 3.23
CA MET C 100 -15.71 -30.15 2.14
C MET C 100 -16.22 -31.59 2.26
N ILE C 101 -15.33 -32.50 2.66
CA ILE C 101 -15.71 -33.89 2.85
C ILE C 101 -16.79 -33.96 3.92
N TYR C 102 -16.74 -33.04 4.88
CA TYR C 102 -17.70 -32.96 5.98
C TYR C 102 -18.93 -32.11 5.65
N THR C 103 -18.72 -30.90 5.14
CA THR C 103 -19.83 -30.00 4.83
C THR C 103 -20.77 -30.63 3.78
N ILE C 104 -20.20 -31.44 2.89
CA ILE C 104 -20.96 -32.12 1.85
C ILE C 104 -21.72 -33.30 2.46
N GLY C 105 -21.13 -33.94 3.46
CA GLY C 105 -21.81 -34.93 4.27
C GLY C 105 -22.00 -36.32 3.67
N ALA C 106 -21.19 -36.67 2.68
CA ALA C 106 -21.31 -37.97 2.03
C ALA C 106 -20.08 -38.84 2.19
N GLY C 107 -19.08 -38.35 2.92
CA GLY C 107 -17.82 -39.05 3.05
C GLY C 107 -17.01 -38.93 1.78
N VAL C 108 -16.03 -39.81 1.59
CA VAL C 108 -15.17 -39.76 0.40
C VAL C 108 -14.70 -41.14 -0.05
N GLY C 109 -14.19 -41.22 -1.27
CA GLY C 109 -13.67 -42.46 -1.80
C GLY C 109 -14.79 -43.45 -2.05
N ALA C 110 -14.48 -44.74 -1.88
CA ALA C 110 -15.47 -45.79 -2.12
C ALA C 110 -16.45 -45.91 -0.95
N ASP C 111 -16.12 -45.30 0.18
CA ASP C 111 -17.04 -45.24 1.31
C ASP C 111 -17.95 -44.00 1.18
N PHE C 112 -18.61 -43.87 0.03
CA PHE C 112 -19.30 -42.61 -0.34
C PHE C 112 -20.73 -42.81 -0.85
N SER C 113 -21.71 -42.31 -0.10
CA SER C 113 -23.11 -42.38 -0.50
C SER C 113 -23.61 -41.05 -1.06
N ILE C 114 -24.14 -41.07 -2.28
CA ILE C 114 -24.66 -39.84 -2.91
C ILE C 114 -26.05 -39.44 -2.37
N GLU C 115 -26.65 -40.31 -1.57
CA GLU C 115 -27.98 -40.02 -1.01
C GLU C 115 -27.90 -39.40 0.38
N ASP C 116 -26.73 -39.49 1.01
CA ASP C 116 -26.54 -38.86 2.30
C ASP C 116 -25.98 -37.43 2.14
N ALA C 117 -25.94 -36.97 0.89
CA ALA C 117 -25.41 -35.64 0.56
C ALA C 117 -26.17 -34.52 1.29
N ASN C 118 -25.87 -33.28 0.94
CA ASN C 118 -26.53 -32.13 1.57
C ASN C 118 -26.96 -31.06 0.57
N TYR C 119 -26.54 -31.21 -0.68
CA TYR C 119 -26.88 -30.20 -1.67
C TYR C 119 -27.28 -30.81 -3.01
N ASP C 120 -28.17 -30.12 -3.72
CA ASP C 120 -28.59 -30.52 -5.05
C ASP C 120 -27.59 -30.01 -6.08
N LYS C 121 -26.92 -28.92 -5.72
CA LYS C 121 -25.93 -28.29 -6.57
C LYS C 121 -24.76 -27.83 -5.72
N ILE C 122 -23.57 -28.20 -6.15
CA ILE C 122 -22.34 -27.65 -5.57
C ILE C 122 -21.75 -26.71 -6.60
N ILE C 123 -21.62 -25.44 -6.24
CA ILE C 123 -21.25 -24.42 -7.21
C ILE C 123 -19.90 -23.79 -6.89
N ILE C 124 -18.97 -23.93 -7.82
CA ILE C 124 -17.63 -23.36 -7.69
C ILE C 124 -17.59 -21.93 -8.23
N MET C 125 -17.33 -20.98 -7.35
CA MET C 125 -17.35 -19.59 -7.76
C MET C 125 -15.99 -18.94 -7.57
N THR C 126 -15.22 -18.80 -8.66
CA THR C 126 -13.89 -18.22 -8.56
C THR C 126 -13.81 -16.88 -9.27
N ASP C 127 -12.70 -16.16 -9.05
CA ASP C 127 -12.37 -14.95 -9.80
C ASP C 127 -12.38 -15.28 -11.29
N ALA C 128 -12.68 -14.28 -12.10
CA ALA C 128 -12.62 -14.48 -13.54
C ALA C 128 -11.19 -14.25 -14.04
N ASP C 129 -10.20 -14.80 -13.34
CA ASP C 129 -8.81 -14.66 -13.74
C ASP C 129 -8.11 -15.99 -14.04
N THR C 130 -6.80 -15.91 -14.23
CA THR C 130 -5.99 -17.09 -14.49
C THR C 130 -5.96 -18.00 -13.28
N ASP C 131 -5.76 -17.41 -12.10
CA ASP C 131 -5.68 -18.22 -10.88
C ASP C 131 -7.03 -18.84 -10.49
N GLY C 132 -8.13 -18.18 -10.87
CA GLY C 132 -9.45 -18.75 -10.65
C GLY C 132 -9.63 -19.97 -11.54
N ALA C 133 -9.15 -19.82 -12.77
CA ALA C 133 -9.06 -20.94 -13.67
C ALA C 133 -8.31 -22.09 -13.00
N HIS C 134 -7.13 -21.78 -12.48
CA HIS C 134 -6.32 -22.79 -11.80
C HIS C 134 -7.10 -23.45 -10.67
N ILE C 135 -7.73 -22.64 -9.81
CA ILE C 135 -8.51 -23.18 -8.71
C ILE C 135 -9.65 -24.09 -9.18
N GLN C 136 -10.39 -23.69 -10.21
CA GLN C 136 -11.46 -24.53 -10.73
C GLN C 136 -10.89 -25.89 -11.10
N THR C 137 -9.66 -25.88 -11.58
CA THR C 137 -8.99 -27.07 -12.06
C THR C 137 -8.64 -28.05 -10.95
N LEU C 138 -8.22 -27.53 -9.81
CA LEU C 138 -7.80 -28.35 -8.68
C LEU C 138 -9.00 -28.89 -7.92
N LEU C 139 -10.13 -28.21 -8.03
CA LEU C 139 -11.34 -28.66 -7.38
C LEU C 139 -11.99 -29.72 -8.27
N LEU C 140 -12.10 -29.43 -9.55
CA LEU C 140 -12.62 -30.43 -10.49
C LEU C 140 -11.88 -31.77 -10.35
N THR C 141 -10.55 -31.76 -10.27
CA THR C 141 -9.83 -33.03 -10.13
C THR C 141 -10.09 -33.75 -8.80
N PHE C 142 -10.30 -33.00 -7.73
CA PHE C 142 -10.70 -33.62 -6.47
C PHE C 142 -12.07 -34.30 -6.57
N PHE C 143 -13.06 -33.60 -7.13
CA PHE C 143 -14.41 -34.13 -7.24
C PHE C 143 -14.50 -35.32 -8.19
N TYR C 144 -13.62 -35.35 -9.17
CA TYR C 144 -13.53 -36.46 -10.10
C TYR C 144 -12.87 -37.64 -9.42
N ARG C 145 -11.69 -37.42 -8.84
CA ARG C 145 -10.94 -38.49 -8.20
C ARG C 145 -11.65 -39.06 -6.98
N TYR C 146 -12.41 -38.25 -6.26
CA TYR C 146 -12.86 -38.68 -4.93
C TYR C 146 -14.37 -38.60 -4.63
N MET C 147 -15.15 -38.07 -5.57
CA MET C 147 -16.61 -37.98 -5.42
C MET C 147 -17.28 -38.09 -6.78
N ARG C 148 -16.73 -38.96 -7.62
CA ARG C 148 -17.13 -39.08 -9.02
C ARG C 148 -18.64 -39.07 -9.26
N PRO C 149 -19.41 -39.77 -8.41
CA PRO C 149 -20.86 -39.74 -8.56
C PRO C 149 -21.44 -38.32 -8.61
N LEU C 150 -20.97 -37.42 -7.73
CA LEU C 150 -21.51 -36.06 -7.69
C LEU C 150 -21.29 -35.38 -9.04
N VAL C 151 -20.13 -35.59 -9.63
CA VAL C 151 -19.84 -35.01 -10.95
C VAL C 151 -20.57 -35.79 -12.04
N GLU C 152 -20.91 -37.05 -11.75
CA GLU C 152 -21.60 -37.91 -12.71
C GLU C 152 -23.12 -37.65 -12.75
N ALA C 153 -23.68 -37.25 -11.62
CA ALA C 153 -25.09 -36.87 -11.57
C ALA C 153 -25.30 -35.41 -11.94
N GLY C 154 -24.28 -34.78 -12.52
CA GLY C 154 -24.36 -33.40 -12.97
C GLY C 154 -24.66 -32.42 -11.85
N HIS C 155 -24.08 -32.69 -10.69
CA HIS C 155 -24.32 -31.90 -9.49
C HIS C 155 -23.28 -30.78 -9.27
N VAL C 156 -22.14 -30.85 -9.95
CA VAL C 156 -21.08 -29.88 -9.75
C VAL C 156 -21.13 -28.80 -10.85
N TYR C 157 -21.07 -27.54 -10.44
CA TYR C 157 -21.19 -26.43 -11.37
C TYR C 157 -20.06 -25.40 -11.25
N ILE C 158 -20.17 -24.35 -12.05
CA ILE C 158 -19.16 -23.32 -12.11
C ILE C 158 -19.89 -22.02 -12.45
N ALA C 159 -19.89 -21.08 -11.52
CA ALA C 159 -20.55 -19.81 -11.76
C ALA C 159 -19.76 -19.08 -12.83
N LEU C 160 -20.42 -18.12 -13.48
CA LEU C 160 -19.75 -17.31 -14.49
C LEU C 160 -19.92 -15.84 -14.16
N PRO C 161 -19.03 -15.30 -13.32
CA PRO C 161 -19.09 -13.88 -12.97
C PRO C 161 -18.87 -13.04 -14.22
N PRO C 162 -19.39 -11.80 -14.23
CA PRO C 162 -19.30 -10.91 -15.39
C PRO C 162 -17.89 -10.36 -15.59
N LEU C 163 -17.53 -10.07 -16.83
CA LEU C 163 -16.22 -9.47 -17.13
C LEU C 163 -16.30 -7.95 -17.19
N TYR C 164 -17.47 -7.41 -17.57
CA TYR C 164 -17.61 -5.98 -17.85
C TYR C 164 -18.85 -5.32 -17.23
N LYS C 165 -18.78 -4.01 -17.07
CA LYS C 165 -19.90 -3.21 -16.58
C LYS C 165 -20.00 -1.90 -17.34
N TYR C 178 -24.32 -5.20 -17.78
CA TYR C 178 -23.18 -6.12 -17.69
C TYR C 178 -23.01 -6.93 -18.97
N ALA C 179 -21.80 -7.46 -19.17
CA ALA C 179 -21.51 -8.32 -20.32
C ALA C 179 -20.42 -9.34 -19.97
N TRP C 180 -20.46 -10.49 -20.64
CA TRP C 180 -19.49 -11.55 -20.39
C TRP C 180 -18.54 -11.74 -21.58
N THR C 181 -19.06 -11.51 -22.79
CA THR C 181 -18.28 -11.67 -24.01
C THR C 181 -17.71 -10.33 -24.49
N ASP C 182 -16.61 -10.37 -25.23
CA ASP C 182 -16.07 -9.16 -25.84
C ASP C 182 -17.07 -8.62 -26.86
N GLY C 183 -17.99 -9.48 -27.28
CA GLY C 183 -19.04 -9.12 -28.20
C GLY C 183 -20.21 -8.41 -27.54
N GLU C 184 -20.50 -8.78 -26.29
CA GLU C 184 -21.63 -8.22 -25.54
C GLU C 184 -21.40 -6.76 -25.09
N LEU C 185 -20.14 -6.35 -25.04
CA LEU C 185 -19.80 -4.98 -24.66
C LEU C 185 -19.97 -4.01 -25.84
N GLU C 186 -19.90 -4.53 -27.07
CA GLU C 186 -20.08 -3.71 -28.26
C GLU C 186 -21.56 -3.44 -28.55
N GLU C 187 -22.43 -4.31 -28.02
CA GLU C 187 -23.88 -4.14 -28.11
C GLU C 187 -24.34 -3.13 -27.06
N LEU C 188 -23.59 -3.05 -25.98
CA LEU C 188 -23.84 -2.06 -24.95
C LEU C 188 -23.26 -0.71 -25.38
N ARG C 189 -22.20 -0.75 -26.17
CA ARG C 189 -21.55 0.45 -26.67
C ARG C 189 -22.54 1.41 -27.34
N LYS C 190 -23.71 0.90 -27.69
CA LYS C 190 -24.76 1.71 -28.30
C LYS C 190 -25.95 1.89 -27.37
N LEU C 198 -17.27 2.33 -18.81
CA LEU C 198 -16.97 0.89 -18.82
C LEU C 198 -15.91 0.49 -17.79
N GLN C 199 -16.32 -0.29 -16.79
CA GLN C 199 -15.40 -0.85 -15.81
C GLN C 199 -15.12 -2.32 -16.12
N ARG C 200 -13.85 -2.71 -16.09
CA ARG C 200 -13.44 -4.09 -16.33
C ARG C 200 -13.16 -4.82 -15.01
N TYR C 201 -13.97 -5.84 -14.70
CA TYR C 201 -13.88 -6.52 -13.41
C TYR C 201 -12.60 -7.36 -13.25
N LYS C 202 -11.84 -7.05 -12.20
CA LYS C 202 -10.57 -7.72 -11.92
C LYS C 202 -10.71 -8.86 -10.92
N GLY C 203 -11.82 -8.89 -10.19
CA GLY C 203 -12.04 -9.93 -9.20
C GLY C 203 -13.43 -9.81 -8.61
N LEU C 204 -13.85 -10.80 -7.83
CA LEU C 204 -15.12 -10.70 -7.11
C LEU C 204 -14.96 -9.75 -5.92
N GLY C 205 -13.70 -9.54 -5.54
CA GLY C 205 -13.35 -8.68 -4.43
C GLY C 205 -13.64 -7.22 -4.72
N GLU C 206 -13.72 -6.87 -6.01
CA GLU C 206 -14.10 -5.52 -6.43
C GLU C 206 -15.60 -5.44 -6.75
N MET C 207 -16.36 -6.47 -6.35
CA MET C 207 -17.81 -6.53 -6.59
C MET C 207 -18.62 -6.31 -5.31
N ASN C 208 -19.63 -5.45 -5.41
CA ASN C 208 -20.57 -5.22 -4.30
C ASN C 208 -21.57 -6.36 -4.16
N ALA C 209 -21.90 -6.71 -2.92
CA ALA C 209 -22.87 -7.78 -2.65
C ALA C 209 -24.17 -7.66 -3.49
N ASP C 210 -24.67 -6.44 -3.64
CA ASP C 210 -25.81 -6.19 -4.52
C ASP C 210 -25.57 -6.75 -5.94
N GLN C 211 -24.52 -6.27 -6.59
CA GLN C 211 -24.20 -6.67 -7.96
C GLN C 211 -23.93 -8.17 -8.13
N LEU C 212 -23.14 -8.73 -7.21
CA LEU C 212 -22.79 -10.15 -7.24
C LEU C 212 -24.05 -11.02 -7.33
N TRP C 213 -25.10 -10.60 -6.63
CA TRP C 213 -26.35 -11.35 -6.62
C TRP C 213 -27.01 -11.29 -7.98
N GLU C 214 -27.38 -10.08 -8.37
CA GLU C 214 -28.10 -9.87 -9.63
C GLU C 214 -27.44 -10.63 -10.79
N THR C 215 -26.11 -10.67 -10.77
CA THR C 215 -25.33 -11.14 -11.92
C THR C 215 -24.98 -12.63 -11.94
N THR C 216 -24.65 -13.21 -10.78
CA THR C 216 -24.13 -14.58 -10.79
C THR C 216 -24.68 -15.56 -9.75
N MET C 217 -25.32 -15.05 -8.69
CA MET C 217 -25.83 -15.93 -7.64
C MET C 217 -27.33 -16.20 -7.72
N ASN C 218 -28.07 -15.28 -8.32
CA ASN C 218 -29.52 -15.40 -8.39
C ASN C 218 -29.95 -16.39 -9.45
N PRO C 219 -30.62 -17.48 -9.02
CA PRO C 219 -31.06 -18.55 -9.94
C PRO C 219 -31.98 -18.04 -11.05
N GLU C 220 -32.41 -16.79 -10.96
CA GLU C 220 -33.23 -16.18 -12.01
C GLU C 220 -32.39 -15.47 -13.06
N THR C 221 -31.30 -14.84 -12.61
CA THR C 221 -30.50 -13.98 -13.46
C THR C 221 -29.07 -14.49 -13.65
N ARG C 222 -28.84 -15.79 -13.51
CA ARG C 222 -27.47 -16.32 -13.53
C ARG C 222 -27.24 -17.38 -14.60
N THR C 223 -25.96 -17.60 -14.92
CA THR C 223 -25.56 -18.67 -15.85
C THR C 223 -24.49 -19.57 -15.23
N LEU C 224 -24.80 -20.85 -15.04
CA LEU C 224 -23.86 -21.82 -14.45
C LEU C 224 -23.47 -22.91 -15.42
N ILE C 225 -22.18 -23.02 -15.76
CA ILE C 225 -21.73 -24.17 -16.54
C ILE C 225 -21.90 -25.42 -15.69
N ARG C 226 -22.57 -26.43 -16.25
CA ARG C 226 -22.80 -27.69 -15.54
C ARG C 226 -21.79 -28.73 -16.01
N VAL C 227 -20.93 -29.16 -15.09
CA VAL C 227 -19.93 -30.17 -15.40
C VAL C 227 -20.62 -31.49 -15.64
N THR C 228 -20.31 -32.10 -16.79
CA THR C 228 -20.83 -33.42 -17.16
C THR C 228 -19.69 -34.32 -17.64
N ILE C 229 -19.50 -35.44 -16.96
CA ILE C 229 -18.47 -36.40 -17.37
C ILE C 229 -18.97 -37.17 -18.60
N GLU C 230 -18.55 -36.72 -19.79
CA GLU C 230 -19.08 -37.23 -21.04
C GLU C 230 -18.50 -38.60 -21.41
N ASP C 231 -17.22 -38.60 -21.79
CA ASP C 231 -16.52 -39.82 -22.16
C ASP C 231 -15.53 -40.20 -21.06
N LEU C 232 -16.01 -40.87 -20.02
CA LEU C 232 -15.20 -41.19 -18.85
C LEU C 232 -13.71 -41.45 -19.14
N ALA C 233 -13.42 -42.17 -20.22
CA ALA C 233 -12.04 -42.59 -20.53
C ALA C 233 -11.14 -41.48 -21.11
N ARG C 234 -11.69 -40.61 -21.95
CA ARG C 234 -10.90 -39.51 -22.51
C ARG C 234 -10.91 -38.33 -21.53
N ALA C 235 -11.81 -38.41 -20.56
CA ALA C 235 -11.84 -37.46 -19.45
C ALA C 235 -10.76 -37.86 -18.45
N GLU C 236 -10.63 -39.17 -18.20
CA GLU C 236 -9.59 -39.69 -17.29
C GLU C 236 -8.17 -39.42 -17.80
N ARG C 237 -8.03 -39.36 -19.12
CA ARG C 237 -6.74 -39.09 -19.74
C ARG C 237 -6.40 -37.63 -19.50
N ARG C 238 -7.40 -36.75 -19.67
CA ARG C 238 -7.18 -35.33 -19.49
C ARG C 238 -6.78 -34.96 -18.06
N VAL C 239 -7.55 -35.39 -17.06
CA VAL C 239 -7.19 -35.06 -15.67
C VAL C 239 -5.80 -35.61 -15.34
N ASN C 240 -5.58 -36.88 -15.64
CA ASN C 240 -4.34 -37.57 -15.29
C ASN C 240 -3.08 -37.00 -16.01
N VAL C 241 -3.27 -36.29 -17.11
CA VAL C 241 -2.16 -35.66 -17.85
C VAL C 241 -1.87 -34.23 -17.42
N LEU C 242 -2.92 -33.49 -17.10
CA LEU C 242 -2.79 -32.10 -16.68
C LEU C 242 -2.41 -31.99 -15.21
N MET C 243 -2.83 -32.96 -14.41
CA MET C 243 -2.67 -32.83 -12.96
C MET C 243 -1.79 -33.91 -12.32
N GLY C 244 -1.37 -34.90 -13.12
CA GLY C 244 -0.57 -36.01 -12.63
C GLY C 244 0.87 -35.71 -12.23
N ASP C 245 1.55 -36.69 -11.62
CA ASP C 245 2.94 -36.54 -11.18
C ASP C 245 3.92 -36.29 -12.32
N LYS C 246 3.62 -36.79 -13.52
CA LYS C 246 4.60 -36.75 -14.62
C LYS C 246 4.62 -35.42 -15.40
N VAL C 247 5.80 -34.80 -15.45
CA VAL C 247 5.95 -33.49 -16.08
C VAL C 247 5.99 -33.49 -17.61
N GLU C 248 6.70 -34.47 -18.19
CA GLU C 248 6.90 -34.51 -19.63
C GLU C 248 5.59 -34.57 -20.43
N PRO C 249 4.67 -35.46 -20.03
CA PRO C 249 3.34 -35.52 -20.67
C PRO C 249 2.69 -34.14 -20.76
N ARG C 250 2.45 -33.53 -19.59
CA ARG C 250 2.04 -32.13 -19.46
C ARG C 250 2.82 -31.15 -20.35
N ARG C 251 4.13 -31.06 -20.20
CA ARG C 251 4.92 -30.16 -21.05
C ARG C 251 4.54 -30.28 -22.52
N LYS C 252 4.39 -31.52 -22.99
CA LYS C 252 4.05 -31.79 -24.38
C LYS C 252 2.61 -31.38 -24.69
N TRP C 253 1.69 -31.73 -23.80
CA TRP C 253 0.31 -31.26 -23.94
C TRP C 253 0.31 -29.75 -24.12
N ILE C 254 1.12 -29.04 -23.33
CA ILE C 254 1.20 -27.60 -23.48
C ILE C 254 1.82 -27.24 -24.82
N GLU C 255 3.03 -27.74 -25.08
CA GLU C 255 3.70 -27.47 -26.36
C GLU C 255 2.76 -27.69 -27.55
N ASP C 256 1.90 -28.71 -27.47
CA ASP C 256 0.98 -29.06 -28.56
C ASP C 256 -0.32 -28.26 -28.63
N ASN C 257 -0.92 -27.96 -27.47
CA ASN C 257 -2.23 -27.30 -27.44
C ASN C 257 -2.23 -25.80 -27.15
N VAL C 258 -1.15 -25.30 -26.56
CA VAL C 258 -1.08 -23.91 -26.14
C VAL C 258 -0.48 -22.98 -27.19
N LYS C 259 -1.31 -22.08 -27.72
CA LYS C 259 -0.87 -21.17 -28.78
C LYS C 259 -0.15 -19.92 -28.24
N PHE C 260 1.18 -19.96 -28.22
CA PHE C 260 1.96 -18.83 -27.72
C PHE C 260 1.99 -17.66 -28.70
N THR C 261 2.30 -17.96 -29.97
CA THR C 261 2.26 -16.99 -31.06
C THR C 261 3.59 -16.27 -31.23
N LYS D 36 11.31 -16.75 20.64
CA LYS D 36 11.10 -15.30 20.72
C LYS D 36 12.39 -14.53 21.04
N LEU D 37 13.09 -14.97 22.07
CA LEU D 37 14.35 -14.37 22.51
C LEU D 37 15.51 -14.75 21.61
N THR D 38 16.46 -13.83 21.45
CA THR D 38 17.75 -14.15 20.80
C THR D 38 18.85 -14.03 21.86
N PRO D 39 19.28 -15.18 22.41
CA PRO D 39 20.20 -15.13 23.55
C PRO D 39 21.59 -14.62 23.18
N ALA D 40 22.35 -14.20 24.17
CA ALA D 40 23.76 -13.90 23.97
C ALA D 40 24.53 -15.21 23.74
N GLN D 41 25.69 -15.12 23.10
CA GLN D 41 26.46 -16.31 22.75
C GLN D 41 27.15 -16.97 23.95
N SER D 42 27.49 -16.17 24.95
CA SER D 42 28.17 -16.67 26.14
C SER D 42 27.59 -16.06 27.40
N LYS D 43 27.39 -16.89 28.43
CA LYS D 43 26.70 -16.48 29.65
C LYS D 43 27.60 -15.73 30.65
N ASN D 44 27.20 -14.51 30.99
CA ASN D 44 27.99 -13.66 31.86
C ASN D 44 27.11 -12.55 32.42
N PRO D 45 26.48 -12.80 33.58
CA PRO D 45 25.57 -11.85 34.24
C PRO D 45 26.22 -10.53 34.63
N ALA D 46 27.51 -10.39 34.35
CA ALA D 46 28.24 -9.17 34.69
C ALA D 46 28.46 -8.25 33.48
N LYS D 47 28.44 -8.81 32.27
CA LYS D 47 28.59 -8.01 31.05
C LYS D 47 27.29 -7.94 30.26
N ASN D 48 26.80 -9.10 29.85
CA ASN D 48 25.65 -9.25 28.95
C ASN D 48 24.52 -8.22 29.11
N GLU D 49 23.87 -7.92 28.00
CA GLU D 49 22.83 -6.90 27.97
C GLU D 49 21.53 -7.45 27.39
N LEU D 50 20.40 -6.98 27.92
CA LEU D 50 19.10 -7.35 27.41
C LEU D 50 18.41 -6.17 26.76
N TYR D 51 18.29 -6.23 25.44
CA TYR D 51 17.60 -5.21 24.67
C TYR D 51 16.12 -5.56 24.53
N LEU D 52 15.27 -4.73 25.15
CA LEU D 52 13.83 -4.84 25.00
C LEU D 52 13.44 -3.88 23.89
N VAL D 53 13.04 -4.43 22.76
CA VAL D 53 12.96 -3.64 21.55
C VAL D 53 11.51 -3.58 21.08
N GLU D 54 11.07 -2.39 20.68
CA GLU D 54 9.67 -2.19 20.28
C GLU D 54 9.39 -2.85 18.94
N GLY D 55 8.75 -4.01 18.98
CA GLY D 55 8.33 -4.69 17.76
C GLY D 55 9.35 -5.59 17.09
N ASP D 56 8.84 -6.60 16.38
CA ASP D 56 9.70 -7.63 15.77
C ASP D 56 10.57 -7.12 14.64
N SER D 57 10.08 -6.12 13.90
CA SER D 57 10.85 -5.60 12.78
C SER D 57 12.15 -4.93 13.21
N ALA D 58 12.08 -3.98 14.15
CA ALA D 58 13.30 -3.43 14.74
C ALA D 58 14.05 -4.48 15.55
N GLY D 59 13.33 -5.48 16.02
CA GLY D 59 13.97 -6.61 16.69
C GLY D 59 15.03 -7.20 15.78
N GLY D 60 14.66 -7.36 14.51
CA GLY D 60 15.55 -7.91 13.50
C GLY D 60 16.76 -7.05 13.21
N SER D 61 16.56 -5.74 13.07
CA SER D 61 17.69 -4.85 12.82
C SER D 61 18.70 -4.87 13.97
N ALA D 62 18.22 -5.14 15.18
CA ALA D 62 19.12 -5.21 16.33
C ALA D 62 19.76 -6.59 16.44
N LYS D 63 19.05 -7.63 15.99
CA LYS D 63 19.63 -8.97 15.94
C LYS D 63 20.81 -8.99 14.96
N GLN D 64 20.67 -8.20 13.90
CA GLN D 64 21.70 -8.10 12.87
C GLN D 64 22.91 -7.27 13.31
N GLY D 65 22.65 -6.15 13.97
CA GLY D 65 23.71 -5.22 14.34
C GLY D 65 24.36 -5.42 15.71
N ARG D 66 23.78 -6.30 16.53
CA ARG D 66 24.27 -6.54 17.89
C ARG D 66 25.70 -7.09 17.90
N ASP D 67 26.32 -7.09 19.08
CA ASP D 67 27.52 -7.89 19.32
C ASP D 67 27.07 -9.20 19.98
N ARG D 68 26.93 -10.25 19.18
CA ARG D 68 26.28 -11.48 19.65
C ARG D 68 26.96 -12.14 20.85
N LYS D 69 28.19 -11.74 21.13
CA LYS D 69 28.90 -12.35 22.24
C LYS D 69 28.28 -11.98 23.59
N PHE D 70 27.78 -10.75 23.73
CA PHE D 70 27.25 -10.28 25.02
C PHE D 70 25.91 -9.55 24.98
N GLN D 71 25.37 -9.33 23.80
CA GLN D 71 24.08 -8.64 23.67
C GLN D 71 22.95 -9.56 23.22
N ALA D 72 21.88 -9.60 24.01
CA ALA D 72 20.70 -10.38 23.65
C ALA D 72 19.52 -9.49 23.27
N ILE D 73 18.66 -10.01 22.41
CA ILE D 73 17.53 -9.23 21.91
C ILE D 73 16.23 -9.91 22.25
N LEU D 74 15.32 -9.15 22.84
CA LEU D 74 14.00 -9.65 23.16
C LEU D 74 12.99 -8.63 22.65
N PRO D 75 12.41 -8.90 21.47
CA PRO D 75 11.47 -7.94 20.89
C PRO D 75 10.12 -8.00 21.61
N LEU D 76 9.57 -6.83 21.92
CA LEU D 76 8.26 -6.69 22.56
C LEU D 76 7.18 -6.39 21.52
N ARG D 77 6.30 -7.37 21.30
CA ARG D 77 5.27 -7.28 20.26
C ARG D 77 4.05 -6.51 20.76
N GLY D 78 3.89 -5.27 20.30
CA GLY D 78 2.74 -4.46 20.68
C GLY D 78 2.90 -3.59 21.92
N LYS D 79 1.83 -2.88 22.30
CA LYS D 79 1.84 -2.10 23.53
C LYS D 79 1.87 -3.03 24.74
N VAL D 80 2.80 -2.79 25.66
CA VAL D 80 2.95 -3.61 26.85
C VAL D 80 1.87 -3.36 27.91
N ILE D 81 1.54 -4.40 28.67
CA ILE D 81 0.40 -4.37 29.59
C ILE D 81 0.58 -3.46 30.80
N ASN D 82 -0.35 -2.53 30.97
CA ASN D 82 -0.30 -1.62 32.11
C ASN D 82 -0.46 -2.37 33.44
N THR D 83 0.67 -2.62 34.11
CA THR D 83 0.70 -3.48 35.27
C THR D 83 0.27 -2.76 36.54
N ALA D 84 -0.16 -1.51 36.39
CA ALA D 84 -0.74 -0.77 37.51
C ALA D 84 -2.27 -0.74 37.40
N LYS D 85 -2.78 -0.86 36.19
CA LYS D 85 -4.23 -0.81 35.97
C LYS D 85 -4.88 -2.19 35.98
N ALA D 86 -4.07 -3.24 35.98
CA ALA D 86 -4.61 -4.57 35.73
C ALA D 86 -4.35 -5.56 36.87
N LYS D 87 -5.11 -6.66 36.85
CA LYS D 87 -5.01 -7.69 37.88
C LYS D 87 -3.66 -8.42 37.80
N MET D 88 -3.12 -8.82 38.95
CA MET D 88 -1.86 -9.59 38.95
C MET D 88 -2.05 -10.94 38.28
N ALA D 89 -3.31 -11.35 38.13
CA ALA D 89 -3.66 -12.60 37.51
C ALA D 89 -3.50 -12.48 36.00
N ASP D 90 -4.21 -11.52 35.43
CA ASP D 90 -4.13 -11.23 34.01
C ASP D 90 -2.70 -10.81 33.61
N ILE D 91 -1.97 -10.22 34.57
CA ILE D 91 -0.58 -9.81 34.36
C ILE D 91 0.37 -11.00 34.24
N LEU D 92 0.09 -12.07 35.00
CA LEU D 92 0.90 -13.28 34.92
C LEU D 92 0.56 -14.05 33.63
N LYS D 93 -0.61 -13.73 33.06
CA LYS D 93 -1.09 -14.36 31.84
C LYS D 93 -0.58 -13.69 30.55
N ASN D 94 0.09 -12.55 30.70
CA ASN D 94 0.64 -11.82 29.56
C ASN D 94 1.97 -12.40 29.03
N GLU D 95 1.98 -12.75 27.74
CA GLU D 95 3.14 -13.36 27.09
C GLU D 95 4.42 -12.56 27.28
N GLU D 96 4.40 -11.29 26.90
CA GLU D 96 5.57 -10.42 27.02
C GLU D 96 6.13 -10.41 28.45
N ILE D 97 5.23 -10.33 29.42
CA ILE D 97 5.64 -10.31 30.83
C ILE D 97 6.21 -11.67 31.21
N ASN D 98 5.43 -12.73 31.02
CA ASN D 98 5.90 -14.08 31.32
C ASN D 98 7.29 -14.36 30.76
N THR D 99 7.56 -13.96 29.51
CA THR D 99 8.88 -14.26 28.91
C THR D 99 9.98 -13.27 29.34
N MET D 100 9.55 -12.16 29.92
CA MET D 100 10.48 -11.16 30.45
C MET D 100 11.01 -11.56 31.85
N ILE D 101 10.12 -12.01 32.73
CA ILE D 101 10.54 -12.44 34.05
C ILE D 101 11.39 -13.70 33.91
N TYR D 102 11.24 -14.40 32.78
CA TYR D 102 11.93 -15.68 32.56
C TYR D 102 13.33 -15.56 31.96
N THR D 103 13.51 -14.73 30.93
CA THR D 103 14.84 -14.54 30.36
C THR D 103 15.71 -13.68 31.29
N ILE D 104 15.07 -12.78 32.03
CA ILE D 104 15.77 -12.00 33.06
C ILE D 104 16.10 -12.99 34.20
N GLY D 105 15.32 -14.06 34.26
CA GLY D 105 15.64 -15.23 35.08
C GLY D 105 15.87 -14.99 36.55
N ALA D 106 15.01 -14.18 37.15
CA ALA D 106 15.09 -13.93 38.59
C ALA D 106 13.71 -13.84 39.25
N GLY D 107 12.71 -14.45 38.62
CA GLY D 107 11.35 -14.42 39.14
C GLY D 107 10.87 -12.98 39.24
N VAL D 108 9.71 -12.77 39.82
CA VAL D 108 9.13 -11.43 39.92
C VAL D 108 8.66 -11.07 41.33
N GLY D 109 8.48 -9.77 41.55
CA GLY D 109 7.85 -9.27 42.76
C GLY D 109 8.65 -9.42 44.03
N ALA D 110 7.98 -9.87 45.08
CA ALA D 110 8.57 -9.93 46.40
C ALA D 110 9.36 -11.22 46.60
N ASP D 111 9.37 -12.05 45.55
CA ASP D 111 10.23 -13.23 45.50
C ASP D 111 11.32 -13.01 44.46
N PHE D 112 11.77 -11.76 44.34
CA PHE D 112 12.75 -11.35 43.33
C PHE D 112 14.18 -11.24 43.89
N SER D 113 15.05 -12.14 43.45
CA SER D 113 16.45 -12.15 43.89
C SER D 113 17.40 -11.65 42.79
N ILE D 114 17.90 -10.42 42.95
CA ILE D 114 18.72 -9.77 41.91
C ILE D 114 20.05 -10.50 41.62
N GLU D 115 20.69 -11.02 42.67
CA GLU D 115 21.94 -11.75 42.53
C GLU D 115 21.78 -12.84 41.47
N ASP D 116 20.61 -13.46 41.46
CA ASP D 116 20.32 -14.54 40.52
C ASP D 116 19.90 -14.03 39.14
N ALA D 117 20.23 -12.78 38.81
CA ALA D 117 19.88 -12.19 37.51
C ALA D 117 20.77 -12.72 36.39
N ASN D 118 20.42 -12.39 35.14
CA ASN D 118 21.12 -12.94 33.97
C ASN D 118 21.88 -11.89 33.18
N TYR D 119 21.58 -10.63 33.45
CA TYR D 119 22.16 -9.55 32.69
C TYR D 119 22.53 -8.45 33.66
N ASP D 120 23.49 -7.62 33.28
CA ASP D 120 23.91 -6.50 34.09
C ASP D 120 23.25 -5.20 33.61
N LYS D 121 22.77 -5.21 32.37
CA LYS D 121 22.09 -4.06 31.79
C LYS D 121 20.84 -4.48 31.02
N ILE D 122 19.69 -4.01 31.49
CA ILE D 122 18.44 -4.13 30.75
C ILE D 122 18.21 -2.82 30.01
N ILE D 123 18.15 -2.88 28.69
CA ILE D 123 18.09 -1.66 27.89
C ILE D 123 16.80 -1.54 27.09
N ILE D 124 15.98 -0.55 27.42
CA ILE D 124 14.76 -0.29 26.66
C ILE D 124 15.05 0.53 25.40
N MET D 125 14.78 -0.07 24.25
CA MET D 125 15.10 0.55 22.97
C MET D 125 13.83 0.66 22.12
N THR D 126 13.25 1.85 22.11
CA THR D 126 12.04 2.08 21.34
C THR D 126 12.29 3.07 20.19
N ASP D 127 11.29 3.30 19.36
CA ASP D 127 11.31 4.41 18.44
C ASP D 127 11.38 5.71 19.25
N ALA D 128 11.73 6.80 18.57
CA ALA D 128 11.70 8.12 19.20
C ALA D 128 10.35 8.81 18.95
N ASP D 129 9.36 8.06 18.50
CA ASP D 129 8.00 8.61 18.38
C ASP D 129 7.24 8.61 19.71
N THR D 130 6.10 9.29 19.74
CA THR D 130 5.31 9.39 20.96
C THR D 130 4.93 8.03 21.50
N ASP D 131 4.65 7.08 20.60
CA ASP D 131 4.30 5.73 21.05
C ASP D 131 5.45 4.97 21.68
N GLY D 132 6.68 5.36 21.33
CA GLY D 132 7.85 4.76 21.92
C GLY D 132 7.93 5.25 23.35
N ALA D 133 7.63 6.54 23.50
CA ALA D 133 7.56 7.15 24.81
C ALA D 133 6.58 6.38 25.67
N HIS D 134 5.38 6.13 25.15
CA HIS D 134 4.38 5.34 25.86
C HIS D 134 4.90 3.94 26.27
N ILE D 135 5.50 3.22 25.34
CA ILE D 135 5.98 1.86 25.65
C ILE D 135 7.01 1.86 26.78
N GLN D 136 7.87 2.87 26.78
CA GLN D 136 8.83 3.02 27.87
C GLN D 136 8.09 3.17 29.18
N THR D 137 7.17 4.12 29.20
CA THR D 137 6.29 4.37 30.33
C THR D 137 5.75 3.08 30.93
N LEU D 138 5.15 2.24 30.09
CA LEU D 138 4.54 1.01 30.56
C LEU D 138 5.58 0.07 31.17
N LEU D 139 6.66 -0.20 30.42
CA LEU D 139 7.76 -1.06 30.87
C LEU D 139 8.36 -0.57 32.18
N LEU D 140 8.70 0.71 32.21
CA LEU D 140 9.21 1.30 33.44
C LEU D 140 8.29 1.02 34.62
N THR D 141 6.97 1.23 34.46
CA THR D 141 6.12 1.01 35.61
C THR D 141 6.01 -0.48 35.98
N PHE D 142 6.43 -1.35 35.07
CA PHE D 142 6.54 -2.77 35.43
C PHE D 142 7.78 -3.02 36.29
N PHE D 143 8.94 -2.58 35.81
CA PHE D 143 10.20 -2.79 36.53
C PHE D 143 10.21 -2.04 37.86
N TYR D 144 9.27 -1.12 38.01
CA TYR D 144 9.17 -0.37 39.24
C TYR D 144 8.30 -1.10 40.23
N ARG D 145 7.23 -1.70 39.72
CA ARG D 145 6.23 -2.33 40.58
C ARG D 145 6.59 -3.76 40.95
N TYR D 146 7.20 -4.50 40.02
CA TYR D 146 7.40 -5.94 40.22
C TYR D 146 8.86 -6.39 40.13
N MET D 147 9.77 -5.44 40.04
CA MET D 147 11.20 -5.74 39.99
C MET D 147 12.03 -4.54 40.47
N ARG D 148 11.55 -3.87 41.52
CA ARG D 148 12.19 -2.65 42.04
C ARG D 148 13.70 -2.78 42.23
N PRO D 149 14.16 -3.84 42.92
CA PRO D 149 15.61 -4.04 43.14
C PRO D 149 16.46 -3.83 41.88
N LEU D 150 15.98 -4.29 40.71
CA LEU D 150 16.75 -4.17 39.46
C LEU D 150 16.84 -2.72 39.00
N VAL D 151 15.84 -1.92 39.34
CA VAL D 151 15.82 -0.50 38.97
C VAL D 151 16.47 0.37 40.03
N GLU D 152 16.47 -0.10 41.28
CA GLU D 152 17.15 0.61 42.36
C GLU D 152 18.67 0.51 42.22
N ALA D 153 19.13 -0.64 41.77
CA ALA D 153 20.57 -0.86 41.57
C ALA D 153 21.09 -0.29 40.25
N GLY D 154 20.24 0.46 39.56
CA GLY D 154 20.63 1.13 38.33
C GLY D 154 21.07 0.20 37.22
N HIS D 155 20.28 -0.87 37.02
CA HIS D 155 20.52 -1.85 35.96
C HIS D 155 19.52 -1.72 34.80
N VAL D 156 18.68 -0.69 34.85
CA VAL D 156 17.67 -0.46 33.82
C VAL D 156 17.94 0.83 33.04
N TYR D 157 18.18 0.70 31.73
CA TYR D 157 18.57 1.84 30.90
C TYR D 157 17.62 2.04 29.71
N ILE D 158 17.80 3.15 29.01
CA ILE D 158 16.96 3.50 27.88
C ILE D 158 17.85 4.03 26.76
N ALA D 159 17.93 3.31 25.65
CA ALA D 159 18.76 3.71 24.52
C ALA D 159 18.28 5.03 23.90
N LEU D 160 19.18 5.70 23.17
CA LEU D 160 18.85 6.98 22.56
C LEU D 160 19.15 6.99 21.06
N PRO D 161 18.23 6.44 20.25
CA PRO D 161 18.38 6.48 18.79
C PRO D 161 18.53 7.91 18.31
N PRO D 162 19.20 8.12 17.17
CA PRO D 162 19.41 9.46 16.61
C PRO D 162 18.19 9.94 15.84
N LEU D 163 17.78 11.18 16.09
CA LEU D 163 16.62 11.73 15.40
C LEU D 163 16.96 12.08 13.95
N TYR D 164 18.20 12.54 13.72
CA TYR D 164 18.57 13.09 12.42
C TYR D 164 19.75 12.36 11.78
N LYS D 165 19.76 12.34 10.44
CA LYS D 165 20.88 11.77 9.67
C LYS D 165 21.38 12.72 8.60
N MET D 166 22.51 13.38 8.78
CA MET D 166 23.03 14.21 7.70
C MET D 166 24.38 13.69 7.21
N TYR D 178 25.14 12.16 12.07
CA TYR D 178 24.03 11.93 12.99
C TYR D 178 23.99 12.96 14.09
N ALA D 179 22.78 13.44 14.39
CA ALA D 179 22.52 14.36 15.51
C ALA D 179 21.30 13.92 16.30
N TRP D 180 21.38 14.11 17.62
CA TRP D 180 20.32 13.69 18.55
C TRP D 180 19.42 14.84 18.98
N THR D 181 20.00 16.03 19.05
CA THR D 181 19.27 17.23 19.48
C THR D 181 19.19 18.22 18.32
N ASP D 182 18.06 18.93 18.22
CA ASP D 182 17.87 19.90 17.14
C ASP D 182 19.07 20.85 17.05
N GLY D 183 19.76 21.02 18.17
CA GLY D 183 20.95 21.85 18.24
C GLY D 183 22.12 21.23 17.53
N GLU D 184 22.30 19.92 17.69
CA GLU D 184 23.33 19.17 16.97
C GLU D 184 23.02 19.16 15.48
N LEU D 185 21.74 19.35 15.14
CA LEU D 185 21.31 19.41 13.75
C LEU D 185 21.88 20.63 13.03
N GLU D 186 21.73 21.81 13.62
CA GLU D 186 22.21 23.05 13.02
C GLU D 186 23.75 23.12 12.95
N GLU D 187 24.42 22.21 13.64
CA GLU D 187 25.88 22.18 13.67
C GLU D 187 26.48 21.31 12.56
N LEU D 188 25.83 20.20 12.23
CA LEU D 188 26.26 19.36 11.12
C LEU D 188 26.11 20.10 9.79
N ARG D 189 25.01 20.85 9.65
CA ARG D 189 24.77 21.67 8.46
C ARG D 189 25.89 22.70 8.24
N LYS D 190 26.61 23.02 9.32
CA LYS D 190 27.76 23.91 9.22
C LYS D 190 28.92 23.18 8.54
N GLN D 191 29.39 22.11 9.17
CA GLN D 191 30.53 21.34 8.65
C GLN D 191 30.14 20.54 7.40
N LEU D 198 18.88 16.21 4.63
CA LEU D 198 18.72 15.60 5.95
C LEU D 198 17.57 14.58 6.00
N GLN D 199 17.87 13.38 6.50
CA GLN D 199 16.86 12.37 6.78
C GLN D 199 16.45 12.42 8.26
N ARG D 200 15.20 12.78 8.50
CA ARG D 200 14.65 12.82 9.87
C ARG D 200 14.04 11.46 10.24
N TYR D 201 14.76 10.67 11.04
CA TYR D 201 14.33 9.31 11.37
C TYR D 201 12.98 9.23 12.06
N LYS D 202 12.05 8.51 11.41
CA LYS D 202 10.68 8.31 11.90
C LYS D 202 10.55 7.08 12.79
N GLY D 203 11.65 6.34 12.96
CA GLY D 203 11.66 5.15 13.80
C GLY D 203 12.85 4.24 13.53
N LEU D 204 12.99 3.19 14.34
CA LEU D 204 14.11 2.24 14.20
C LEU D 204 14.01 1.42 12.92
N GLY D 205 12.83 1.42 12.30
CA GLY D 205 12.58 0.63 11.10
C GLY D 205 13.14 1.20 9.82
N GLU D 206 13.62 2.44 9.87
CA GLU D 206 14.21 3.10 8.72
C GLU D 206 15.74 3.05 8.76
N MET D 207 16.28 2.50 9.85
CA MET D 207 17.73 2.35 10.01
C MET D 207 18.25 0.97 9.56
N ASN D 208 19.39 0.97 8.88
CA ASN D 208 20.09 -0.26 8.52
C ASN D 208 20.91 -0.76 9.71
N ALA D 209 20.99 -2.08 9.85
CA ALA D 209 21.65 -2.71 11.00
C ALA D 209 23.03 -2.12 11.35
N ASP D 210 23.83 -1.82 10.32
CA ASP D 210 25.15 -1.21 10.51
C ASP D 210 24.98 0.17 11.12
N GLN D 211 23.96 0.89 10.63
CA GLN D 211 23.64 2.23 11.15
C GLN D 211 23.22 2.16 12.62
N LEU D 212 22.37 1.20 12.96
CA LEU D 212 21.94 0.97 14.34
C LEU D 212 23.11 0.84 15.31
N TRP D 213 23.83 -0.27 15.18
CA TRP D 213 24.96 -0.57 16.04
C TRP D 213 25.82 0.67 16.26
N GLU D 214 26.14 1.33 15.15
CA GLU D 214 27.05 2.47 15.18
C GLU D 214 26.56 3.56 16.13
N THR D 215 25.27 3.87 16.07
CA THR D 215 24.70 5.02 16.78
C THR D 215 24.19 4.72 18.18
N THR D 216 23.65 3.52 18.40
CA THR D 216 22.94 3.26 19.65
C THR D 216 23.30 1.97 20.43
N MET D 217 23.66 0.90 19.74
CA MET D 217 23.99 -0.35 20.44
C MET D 217 25.46 -0.51 20.84
N ASN D 218 26.37 0.02 20.03
CA ASN D 218 27.81 -0.05 20.30
C ASN D 218 28.19 0.64 21.61
N PRO D 219 28.71 -0.13 22.57
CA PRO D 219 29.01 0.34 23.92
C PRO D 219 29.95 1.55 23.96
N GLU D 220 30.72 1.73 22.89
CA GLU D 220 31.67 2.82 22.81
C GLU D 220 31.06 4.06 22.16
N THR D 221 30.22 3.83 21.15
CA THR D 221 29.66 4.91 20.34
C THR D 221 28.34 5.53 20.86
N ARG D 222 27.79 4.98 21.94
CA ARG D 222 26.40 5.27 22.32
C ARG D 222 26.26 6.12 23.57
N THR D 223 25.06 6.63 23.77
CA THR D 223 24.68 7.29 25.02
C THR D 223 23.45 6.56 25.58
N LEU D 224 23.31 6.52 26.90
CA LEU D 224 22.19 5.84 27.55
C LEU D 224 21.66 6.62 28.75
N ILE D 225 20.35 6.66 28.92
CA ILE D 225 19.77 7.16 30.17
C ILE D 225 19.77 6.01 31.18
N ARG D 226 20.24 6.26 32.39
CA ARG D 226 20.16 5.25 33.44
C ARG D 226 19.04 5.67 34.38
N VAL D 227 17.93 4.93 34.36
CA VAL D 227 16.80 5.22 35.25
C VAL D 227 17.24 5.01 36.69
N THR D 228 17.11 6.05 37.49
CA THR D 228 17.55 6.05 38.88
C THR D 228 16.48 6.64 39.78
N ILE D 229 15.84 5.79 40.58
CA ILE D 229 14.80 6.23 41.52
C ILE D 229 15.48 7.04 42.64
N GLU D 230 15.33 8.35 42.57
CA GLU D 230 16.06 9.26 43.48
C GLU D 230 15.24 9.67 44.71
N ASP D 231 13.91 9.64 44.58
CA ASP D 231 13.00 9.93 45.67
C ASP D 231 11.83 8.95 45.65
N LEU D 232 11.84 7.97 46.56
CA LEU D 232 10.85 6.90 46.58
C LEU D 232 9.39 7.36 46.68
N ALA D 233 9.12 8.36 47.51
CA ALA D 233 7.76 8.87 47.66
C ALA D 233 7.30 9.66 46.42
N ARG D 234 8.14 10.56 45.93
CA ARG D 234 7.80 11.39 44.78
C ARG D 234 7.80 10.64 43.45
N ALA D 235 8.32 9.41 43.46
CA ALA D 235 8.25 8.53 42.29
C ALA D 235 7.05 7.59 42.38
N GLU D 236 6.55 7.38 43.59
CA GLU D 236 5.34 6.59 43.78
C GLU D 236 4.10 7.41 43.37
N ARG D 237 4.01 8.66 43.83
CA ARG D 237 2.90 9.54 43.45
C ARG D 237 2.95 9.85 41.95
N ARG D 238 4.06 9.50 41.31
CA ARG D 238 4.24 9.79 39.89
C ARG D 238 3.84 8.64 39.00
N VAL D 239 4.24 7.42 39.35
CA VAL D 239 3.80 6.25 38.58
C VAL D 239 2.30 5.99 38.83
N ASN D 240 1.81 6.36 40.01
CA ASN D 240 0.38 6.18 40.32
C ASN D 240 -0.58 7.17 39.66
N VAL D 241 -0.25 8.46 39.67
CA VAL D 241 -1.11 9.41 38.99
C VAL D 241 -1.19 9.04 37.51
N LEU D 242 -0.04 8.69 36.94
CA LEU D 242 0.07 8.45 35.49
C LEU D 242 -0.47 7.11 34.98
N MET D 243 -0.25 6.03 35.74
CA MET D 243 -0.54 4.69 35.21
C MET D 243 -1.63 3.92 35.96
N GLY D 244 -2.26 4.57 36.93
CA GLY D 244 -3.20 3.90 37.83
C GLY D 244 -4.67 3.94 37.44
N ASP D 245 -5.47 3.08 38.07
CA ASP D 245 -6.92 3.08 37.91
C ASP D 245 -7.54 4.49 37.79
N LYS D 246 -7.37 5.32 38.80
CA LYS D 246 -8.15 6.57 38.88
C LYS D 246 -7.87 7.49 37.69
N VAL D 247 -8.94 7.93 37.04
CA VAL D 247 -8.85 8.75 35.84
C VAL D 247 -8.85 10.25 36.13
N GLU D 248 -9.63 10.70 37.12
CA GLU D 248 -9.62 12.14 37.44
C GLU D 248 -8.21 12.64 37.77
N PRO D 249 -7.51 11.98 38.73
CA PRO D 249 -6.17 12.50 39.05
C PRO D 249 -5.33 12.72 37.79
N ARG D 250 -5.28 11.72 36.91
CA ARG D 250 -4.55 11.83 35.64
C ARG D 250 -4.98 13.02 34.77
N ARG D 251 -6.29 13.19 34.58
CA ARG D 251 -6.83 14.34 33.82
C ARG D 251 -6.27 15.63 34.39
N LYS D 252 -6.19 15.72 35.70
CA LYS D 252 -5.74 16.95 36.35
C LYS D 252 -4.24 17.11 36.22
N TRP D 253 -3.50 16.02 36.36
CA TRP D 253 -2.06 16.07 36.12
C TRP D 253 -1.79 16.57 34.70
N ILE D 254 -2.58 16.10 33.74
CA ILE D 254 -2.40 16.51 32.36
C ILE D 254 -2.70 18.00 32.26
N GLU D 255 -3.84 18.40 32.80
CA GLU D 255 -4.28 19.81 32.81
C GLU D 255 -3.24 20.74 33.43
N ASP D 256 -2.64 20.33 34.55
CA ASP D 256 -1.63 21.15 35.24
C ASP D 256 -0.26 21.21 34.54
N ASN D 257 0.22 20.08 34.04
CA ASN D 257 1.60 19.99 33.54
C ASN D 257 1.81 20.06 32.01
N VAL D 258 0.79 19.74 31.22
CA VAL D 258 0.95 19.68 29.77
C VAL D 258 0.49 20.95 29.10
N LYS D 259 1.44 21.72 28.57
CA LYS D 259 1.12 22.96 27.91
C LYS D 259 0.70 22.72 26.46
N PHE D 260 -0.56 22.99 26.15
CA PHE D 260 -1.07 22.87 24.78
C PHE D 260 -0.71 24.09 23.94
N THR D 261 -0.32 25.18 24.60
CA THR D 261 0.10 26.41 23.92
C THR D 261 -1.11 27.17 23.43
#